data_8OTQ
#
_entry.id   8OTQ
#
_cell.length_a   1.00
_cell.length_b   1.00
_cell.length_c   1.00
_cell.angle_alpha   90.00
_cell.angle_beta   90.00
_cell.angle_gamma   90.00
#
_symmetry.space_group_name_H-M   'P 1'
#
loop_
_entity.id
_entity.type
_entity.pdbx_description
1 polymer 'Sperm-specific sodium proton exchanger'
2 non-polymer 1-PALMITOYL-2-LINOLEOYL-SN-GLYCERO-3-PHOSPHOCHOLINE
3 non-polymer 'PALMITIC ACID'
#
_entity_poly.entity_id   1
_entity_poly.type   'polypeptide(L)'
_entity_poly.pdbx_seq_one_letter_code
;MKKRVVKLRELVPAVAALAVAVLIQSATGSSGGSGHTPTTQATHADDHDLTTHNGTEEHDDGHDDGHDDLHAHAPKVIVF
ISGSCLFGAISRSLFKKLPIPYTVVLLILGAILGVVASNVPLVEEHTRDVAHMDPHVLLQIFLPVLIFESAFAMDVHTFM
RSFSQVCILALFGLVVASVLTAVLAMNLFNYNWNFSEAMMFGAIMSATDPVAVVALLKDLGASKQLGTIIEGESLLNDGC
AIVIFNVFMKMVFFPQLTSTVGQNVLYFLQVAVAGPLWGYAVAKVTVFFLSHIFNDALVEITITLAATYLTYYIGDIWLE
VSGVLAVVVLGLIVNAEKTSISPEVEVFLHRFWEMLAYLANTLIFMMVGVVVTQKALVAVDKMDWFYLIILYLAITIIRG
MVISLFSPILSRIGYGLTWRNAVIMTWGGLRGAVGLALALVVENLAGNDVIGSKFLFHTAGIVVLTLVINATTIQTLLRI
LGMSDISIPKRLAMAGAVRRIHEGQNRTLNMLKSDRFLADADWDIATAACEISDPYSALSDDENAPADELTLGERKSVCP
GCKAMVPNEPSPREFADMMEEARLRMLKAEKISYWKQFEHGMLAREALRLLVQHAEVAADEKDQFILVDDLKKSWQIKGI
YPWLKRKLEDLISEKKIAAIPMPKYKLGKLMYKICHHMAFEVTINIAIVLNIVPIIMEFVVQDKMASVSTMAAPGSTVSS
EPSSLQKIEDALRISNYVFFVIYAIEAIVKILGLGRHYIVSHWNKFDAFILVVALVDIIIAETLLKGSITINLSSIKVVK
LFRLLRGLRMLRLTKALIPKLILVVNGKINNQLSLGYDVGKGYIIGEEEVGKIIDRMVDNKKILRELKHISETGRLQVVK
ELGLLQREHPGIAVSVKTRQAIRTILNHSRETIHELQGAGLLDEMEAHKLELTVEIKMKRLMNAPSSIPPPPPENLLKNV
SWLAGDMKLIDFIKARASLLHFDYGEVIVREGDESDGLFLIVSGLVKLYGKSAFLDHDNPPVTAGSEENEVFEDYLTVGN
VIGEMGVLTKKPRNATVTCETTVQVYFITAEDMNIAIDTFTLYPSLEYRLWRVVAIRIATPLIMEQMAFQGWTQEKVKLH
LERGYLVDLAESHFQFNIDATLEDVILINGTAYNAHTREEIRSPCLISRTVHKLTFQYTATEEPRLFVVRNAEYNGPILD
GRLDVDSKRSLISITEISSNMCLKHAAELRQKNSKVMLSRKSSGAAAKEEEDCIPNTSDVEQAAGVSPSVPTKTTPKPKS
FLPSLGLSMSKERVNGEAVEESPVKTKQGEETPETEEGAAPRVNVENLYFQ
;
_entity_poly.pdbx_strand_id   A,B
#
loop_
_chem_comp.id
_chem_comp.type
_chem_comp.name
_chem_comp.formula
CPL non-polymer 1-PALMITOYL-2-LINOLEOYL-SN-GLYCERO-3-PHOSPHOCHOLINE 'C42 H80 N O8 P'
PLM non-polymer 'PALMITIC ACID' 'C16 H32 O2'
#
# COMPACT_ATOMS: atom_id res chain seq x y z
N HIS A 71 -41.82 -2.91 -4.03
CA HIS A 71 -43.04 -2.18 -4.36
C HIS A 71 -43.27 -1.03 -3.39
N ALA A 72 -43.32 -1.34 -2.09
CA ALA A 72 -43.47 -0.34 -1.04
C ALA A 72 -42.50 -0.63 0.10
N HIS A 73 -41.26 -0.97 -0.25
CA HIS A 73 -40.30 -1.44 0.74
C HIS A 73 -39.79 -0.29 1.60
N ALA A 74 -39.47 -0.62 2.85
CA ALA A 74 -38.88 0.33 3.80
C ALA A 74 -38.21 -0.44 4.94
N PRO A 75 -37.07 -1.09 4.69
CA PRO A 75 -36.42 -1.85 5.76
C PRO A 75 -35.98 -0.94 6.90
N LYS A 76 -36.08 -1.47 8.12
CA LYS A 76 -35.73 -0.73 9.33
C LYS A 76 -34.52 -1.31 10.03
N VAL A 77 -33.72 -2.11 9.33
CA VAL A 77 -32.51 -2.69 9.90
C VAL A 77 -31.26 -1.89 9.56
N ILE A 78 -31.30 -1.08 8.50
CA ILE A 78 -30.14 -0.26 8.15
C ILE A 78 -29.95 0.85 9.17
N VAL A 79 -31.06 1.45 9.64
CA VAL A 79 -30.94 2.56 10.56
C VAL A 79 -30.33 2.12 11.88
N PHE A 80 -30.69 0.93 12.36
CA PHE A 80 -30.15 0.47 13.64
C PHE A 80 -28.66 0.15 13.53
N ILE A 81 -28.25 -0.51 12.45
CA ILE A 81 -26.84 -0.85 12.31
C ILE A 81 -26.03 0.43 12.10
N SER A 82 -26.58 1.42 11.40
CA SER A 82 -25.86 2.68 11.23
C SER A 82 -25.76 3.45 12.54
N GLY A 83 -26.83 3.44 13.35
CA GLY A 83 -26.76 4.10 14.64
C GLY A 83 -25.75 3.47 15.57
N SER A 84 -25.74 2.13 15.63
CA SER A 84 -24.74 1.43 16.41
C SER A 84 -23.34 1.71 15.88
N CYS A 85 -23.21 1.76 14.56
CA CYS A 85 -21.93 2.10 13.93
C CYS A 85 -21.42 3.45 14.40
N LEU A 86 -22.25 4.49 14.31
CA LEU A 86 -21.83 5.82 14.72
C LEU A 86 -21.53 5.88 16.21
N PHE A 87 -22.37 5.24 17.02
CA PHE A 87 -22.15 5.25 18.47
C PHE A 87 -20.82 4.59 18.82
N GLY A 88 -20.52 3.46 18.18
CA GLY A 88 -19.25 2.80 18.41
C GLY A 88 -18.08 3.63 17.96
N ALA A 89 -18.22 4.32 16.82
CA ALA A 89 -17.14 5.19 16.36
C ALA A 89 -16.85 6.30 17.36
N ILE A 90 -17.91 6.95 17.85
CA ILE A 90 -17.72 8.03 18.82
C ILE A 90 -17.12 7.49 20.11
N SER A 91 -17.61 6.36 20.59
CA SER A 91 -17.09 5.81 21.84
C SER A 91 -15.62 5.43 21.71
N ARG A 92 -15.25 4.80 20.59
CA ARG A 92 -13.85 4.43 20.38
C ARG A 92 -12.97 5.65 20.27
N SER A 93 -13.42 6.69 19.55
CA SER A 93 -12.62 7.90 19.42
C SER A 93 -12.43 8.60 20.76
N LEU A 94 -13.48 8.67 21.57
CA LEU A 94 -13.39 9.37 22.85
C LEU A 94 -12.52 8.60 23.84
N PHE A 95 -12.75 7.30 23.98
CA PHE A 95 -12.02 6.49 24.95
C PHE A 95 -10.76 5.91 24.33
N LYS A 96 -9.82 6.81 24.04
CA LYS A 96 -8.54 6.43 23.45
C LYS A 96 -7.44 6.34 24.50
N LYS A 97 -7.21 7.44 25.22
CA LYS A 97 -6.16 7.45 26.24
C LYS A 97 -6.58 6.72 27.51
N LEU A 98 -7.86 6.76 27.86
CA LEU A 98 -8.33 6.13 29.08
C LEU A 98 -8.19 4.62 28.98
N PRO A 99 -7.85 3.94 30.07
CA PRO A 99 -7.69 2.47 30.01
C PRO A 99 -9.00 1.72 29.89
N ILE A 100 -10.13 2.35 30.20
CA ILE A 100 -11.42 1.65 30.16
C ILE A 100 -11.79 1.35 28.71
N PRO A 101 -12.07 0.11 28.35
CA PRO A 101 -12.47 -0.19 26.98
C PRO A 101 -13.83 0.41 26.65
N TYR A 102 -14.01 0.73 25.36
CA TYR A 102 -15.25 1.36 24.92
C TYR A 102 -16.44 0.41 24.92
N THR A 103 -16.21 -0.89 25.09
CA THR A 103 -17.32 -1.85 25.08
C THR A 103 -18.25 -1.64 26.27
N VAL A 104 -17.72 -1.20 27.41
CA VAL A 104 -18.59 -0.88 28.55
C VAL A 104 -19.50 0.29 28.19
N VAL A 105 -18.94 1.29 27.51
CA VAL A 105 -19.76 2.43 27.06
C VAL A 105 -20.83 1.95 26.08
N LEU A 106 -20.47 1.02 25.20
CA LEU A 106 -21.45 0.46 24.27
C LEU A 106 -22.57 -0.26 25.01
N LEU A 107 -22.22 -1.01 26.05
CA LEU A 107 -23.24 -1.70 26.84
C LEU A 107 -24.17 -0.70 27.53
N ILE A 108 -23.61 0.37 28.10
CA ILE A 108 -24.43 1.37 28.76
C ILE A 108 -25.36 2.05 27.76
N LEU A 109 -24.84 2.38 26.59
CA LEU A 109 -25.68 2.99 25.56
C LEU A 109 -26.79 2.05 25.12
N GLY A 110 -26.47 0.76 24.99
CA GLY A 110 -27.50 -0.21 24.65
C GLY A 110 -28.57 -0.30 25.72
N ALA A 111 -28.17 -0.26 27.00
CA ALA A 111 -29.15 -0.27 28.08
C ALA A 111 -30.07 0.94 28.00
N ILE A 112 -29.49 2.12 27.77
CA ILE A 112 -30.31 3.33 27.67
C ILE A 112 -31.27 3.24 26.51
N LEU A 113 -30.78 2.78 25.35
CA LEU A 113 -31.63 2.65 24.18
C LEU A 113 -32.76 1.65 24.43
N GLY A 114 -32.46 0.55 25.12
CA GLY A 114 -33.49 -0.43 25.42
C GLY A 114 -34.57 0.15 26.33
N VAL A 115 -34.17 0.90 27.35
CA VAL A 115 -35.15 1.51 28.23
C VAL A 115 -36.01 2.50 27.46
N VAL A 116 -35.38 3.33 26.62
CA VAL A 116 -36.14 4.32 25.85
C VAL A 116 -37.12 3.64 24.91
N ALA A 117 -36.68 2.59 24.22
CA ALA A 117 -37.56 1.87 23.31
C ALA A 117 -38.70 1.21 24.06
N SER A 118 -38.44 0.74 25.27
CA SER A 118 -39.52 0.20 26.10
C SER A 118 -40.54 1.29 26.42
N ASN A 119 -40.08 2.49 26.72
CA ASN A 119 -41.01 3.56 27.06
C ASN A 119 -41.70 4.12 25.82
N VAL A 120 -40.97 4.33 24.74
CA VAL A 120 -41.48 4.97 23.53
C VAL A 120 -41.68 3.91 22.47
N PRO A 121 -42.91 3.63 22.03
CA PRO A 121 -43.13 2.61 21.00
C PRO A 121 -42.54 2.96 19.65
N LEU A 122 -42.28 4.24 19.36
CA LEU A 122 -41.77 4.61 18.04
C LEU A 122 -40.41 3.99 17.77
N VAL A 123 -39.47 4.17 18.69
CA VAL A 123 -38.16 3.53 18.54
C VAL A 123 -38.25 2.04 18.81
N GLU A 124 -39.27 1.60 19.55
CA GLU A 124 -39.48 0.17 19.73
C GLU A 124 -39.77 -0.51 18.40
N GLU A 125 -40.50 0.18 17.51
CA GLU A 125 -40.79 -0.38 16.20
C GLU A 125 -39.52 -0.65 15.41
N HIS A 126 -38.45 0.11 15.66
CA HIS A 126 -37.18 -0.11 14.98
C HIS A 126 -36.27 -1.07 15.72
N THR A 127 -36.37 -1.12 17.05
CA THR A 127 -35.47 -1.97 17.83
C THR A 127 -35.98 -3.40 17.99
N ARG A 128 -37.27 -3.64 17.82
CA ARG A 128 -37.79 -4.99 17.99
C ARG A 128 -37.29 -5.94 16.92
N ASP A 129 -36.79 -5.42 15.79
CA ASP A 129 -36.24 -6.29 14.75
C ASP A 129 -35.03 -7.05 15.25
N VAL A 130 -34.15 -6.38 16.02
CA VAL A 130 -32.96 -7.01 16.55
C VAL A 130 -33.14 -7.51 17.99
N ALA A 131 -34.11 -6.97 18.73
CA ALA A 131 -34.37 -7.47 20.07
C ALA A 131 -34.83 -8.91 20.05
N HIS A 132 -35.70 -9.26 19.10
CA HIS A 132 -36.20 -10.62 18.93
C HIS A 132 -35.66 -11.25 17.65
N MET A 133 -34.40 -10.94 17.35
CA MET A 133 -33.76 -11.47 16.15
C MET A 133 -33.63 -12.99 16.25
N ASP A 134 -33.73 -13.65 15.11
CA ASP A 134 -33.70 -15.11 15.07
C ASP A 134 -32.39 -15.63 15.64
N PRO A 135 -32.41 -16.59 16.57
CA PRO A 135 -31.17 -17.03 17.21
C PRO A 135 -30.16 -17.63 16.24
N HIS A 136 -30.62 -18.30 15.19
CA HIS A 136 -29.70 -19.03 14.32
C HIS A 136 -28.76 -18.11 13.55
N VAL A 137 -29.15 -16.85 13.34
CA VAL A 137 -28.25 -15.93 12.63
C VAL A 137 -27.02 -15.65 13.46
N LEU A 138 -27.17 -15.56 14.79
CA LEU A 138 -26.01 -15.37 15.65
C LEU A 138 -25.04 -16.54 15.54
N LEU A 139 -25.58 -17.75 15.48
CA LEU A 139 -24.72 -18.94 15.40
C LEU A 139 -24.10 -19.12 14.03
N GLN A 140 -24.78 -18.69 12.97
CA GLN A 140 -24.36 -19.03 11.62
C GLN A 140 -23.76 -17.86 10.84
N ILE A 141 -23.72 -16.66 11.40
CA ILE A 141 -23.11 -15.55 10.68
C ILE A 141 -22.07 -14.86 11.56
N PHE A 142 -22.47 -14.42 12.75
CA PHE A 142 -21.59 -13.60 13.57
C PHE A 142 -20.39 -14.40 14.06
N LEU A 143 -20.63 -15.58 14.65
CA LEU A 143 -19.53 -16.38 15.18
C LEU A 143 -18.52 -16.79 14.12
N PRO A 144 -18.92 -17.31 12.95
CA PRO A 144 -17.91 -17.65 11.94
C PRO A 144 -17.08 -16.45 11.50
N VAL A 145 -17.67 -15.26 11.44
CA VAL A 145 -16.91 -14.08 11.01
C VAL A 145 -15.80 -13.78 12.00
N LEU A 146 -16.14 -13.75 13.30
CA LEU A 146 -15.12 -13.49 14.32
C LEU A 146 -14.06 -14.59 14.32
N ILE A 147 -14.49 -15.84 14.18
CA ILE A 147 -13.55 -16.95 14.20
C ILE A 147 -12.56 -16.86 13.05
N PHE A 148 -13.07 -16.60 11.84
CA PHE A 148 -12.18 -16.50 10.68
C PHE A 148 -11.28 -15.27 10.78
N GLU A 149 -11.79 -14.17 11.31
CA GLU A 149 -10.95 -12.99 11.47
C GLU A 149 -9.81 -13.27 12.44
N SER A 150 -10.11 -13.95 13.55
CA SER A 150 -9.05 -14.31 14.49
C SER A 150 -8.04 -15.24 13.85
N ALA A 151 -8.51 -16.21 13.07
CA ALA A 151 -7.59 -17.16 12.44
C ALA A 151 -6.70 -16.49 11.40
N PHE A 152 -7.25 -15.55 10.63
CA PHE A 152 -6.49 -14.95 9.53
C PHE A 152 -5.32 -14.12 10.05
N ALA A 153 -5.55 -13.31 11.07
CA ALA A 153 -4.51 -12.40 11.57
C ALA A 153 -3.41 -13.11 12.34
N MET A 154 -3.40 -14.44 12.35
CA MET A 154 -2.42 -15.19 13.11
C MET A 154 -1.04 -15.11 12.45
N ASP A 155 -0.01 -15.34 13.27
CA ASP A 155 1.35 -15.53 12.79
C ASP A 155 1.57 -17.04 12.71
N VAL A 156 1.52 -17.59 11.50
CA VAL A 156 1.44 -19.04 11.34
C VAL A 156 2.73 -19.72 11.79
N HIS A 157 3.89 -19.13 11.50
CA HIS A 157 5.15 -19.80 11.78
C HIS A 157 5.37 -19.92 13.29
N THR A 158 5.17 -18.84 14.03
CA THR A 158 5.36 -18.88 15.48
C THR A 158 4.37 -19.84 16.13
N PHE A 159 3.13 -19.86 15.64
CA PHE A 159 2.15 -20.80 16.15
C PHE A 159 2.57 -22.24 15.87
N MET A 160 3.11 -22.49 14.68
CA MET A 160 3.59 -23.82 14.34
C MET A 160 4.75 -24.24 15.23
N ARG A 161 5.59 -23.29 15.62
CA ARG A 161 6.72 -23.59 16.49
C ARG A 161 6.28 -24.00 17.90
N SER A 162 5.02 -23.79 18.26
CA SER A 162 4.50 -24.14 19.58
C SER A 162 3.20 -24.92 19.43
N PHE A 163 3.21 -25.92 18.54
CA PHE A 163 1.99 -26.65 18.23
C PHE A 163 1.52 -27.48 19.42
N SER A 164 2.35 -28.41 19.88
CA SER A 164 1.93 -29.37 20.89
C SER A 164 1.58 -28.68 22.20
N GLN A 165 2.40 -27.71 22.62
CA GLN A 165 2.14 -27.02 23.88
C GLN A 165 0.80 -26.31 23.86
N VAL A 166 0.55 -25.53 22.80
CA VAL A 166 -0.71 -24.80 22.70
C VAL A 166 -1.89 -25.76 22.65
N CYS A 167 -1.77 -26.82 21.83
CA CYS A 167 -2.87 -27.77 21.71
C CYS A 167 -3.20 -28.41 23.04
N ILE A 168 -2.19 -28.95 23.71
CA ILE A 168 -2.42 -29.65 24.98
C ILE A 168 -3.01 -28.70 26.00
N LEU A 169 -2.40 -27.51 26.14
CA LEU A 169 -2.87 -26.56 27.14
C LEU A 169 -4.31 -26.16 26.88
N ALA A 170 -4.61 -25.72 25.66
CA ALA A 170 -5.95 -25.26 25.34
C ALA A 170 -6.98 -26.37 25.55
N LEU A 171 -6.75 -27.54 24.96
CA LEU A 171 -7.75 -28.60 25.03
C LEU A 171 -7.99 -29.05 26.47
N PHE A 172 -6.92 -29.39 27.19
CA PHE A 172 -7.10 -29.94 28.53
C PHE A 172 -7.65 -28.87 29.48
N GLY A 173 -7.16 -27.64 29.38
CA GLY A 173 -7.69 -26.58 30.23
C GLY A 173 -9.16 -26.33 29.96
N LEU A 174 -9.56 -26.32 28.68
CA LEU A 174 -10.96 -26.11 28.37
C LEU A 174 -11.82 -27.23 28.95
N VAL A 175 -11.40 -28.48 28.78
CA VAL A 175 -12.21 -29.59 29.26
C VAL A 175 -12.34 -29.54 30.78
N VAL A 176 -11.21 -29.33 31.47
CA VAL A 176 -11.24 -29.30 32.93
C VAL A 176 -12.08 -28.14 33.43
N ALA A 177 -11.90 -26.96 32.84
CA ALA A 177 -12.66 -25.79 33.26
C ALA A 177 -14.15 -25.98 33.03
N SER A 178 -14.53 -26.55 31.88
CA SER A 178 -15.94 -26.77 31.59
C SER A 178 -16.55 -27.74 32.59
N VAL A 179 -15.88 -28.86 32.85
CA VAL A 179 -16.43 -29.84 33.79
C VAL A 179 -16.55 -29.24 35.18
N LEU A 180 -15.52 -28.52 35.64
CA LEU A 180 -15.54 -27.98 36.99
C LEU A 180 -16.61 -26.90 37.13
N THR A 181 -16.73 -26.02 36.14
CA THR A 181 -17.77 -25.00 36.20
C THR A 181 -19.16 -25.64 36.17
N ALA A 182 -19.33 -26.69 35.37
CA ALA A 182 -20.61 -27.38 35.32
C ALA A 182 -20.97 -27.98 36.67
N VAL A 183 -20.03 -28.70 37.30
CA VAL A 183 -20.33 -29.33 38.57
C VAL A 183 -20.57 -28.28 39.65
N LEU A 184 -19.86 -27.15 39.59
CA LEU A 184 -20.14 -26.06 40.51
C LEU A 184 -21.54 -25.51 40.30
N ALA A 185 -21.96 -25.37 39.04
CA ALA A 185 -23.29 -24.85 38.75
C ALA A 185 -24.38 -25.76 39.29
N MET A 186 -24.22 -27.08 39.13
CA MET A 186 -25.19 -27.99 39.70
C MET A 186 -25.17 -27.93 41.23
N ASN A 187 -23.99 -27.84 41.82
CA ASN A 187 -23.89 -27.95 43.28
C ASN A 187 -24.23 -26.63 43.98
N LEU A 188 -23.50 -25.56 43.67
CA LEU A 188 -23.66 -24.32 44.41
C LEU A 188 -25.02 -23.67 44.14
N PHE A 189 -25.40 -23.54 42.87
CA PHE A 189 -26.64 -22.86 42.54
C PHE A 189 -27.83 -23.68 42.98
N ASN A 190 -28.87 -22.99 43.44
CA ASN A 190 -30.08 -23.67 43.88
C ASN A 190 -31.03 -24.02 42.74
N TYR A 191 -30.73 -23.58 41.51
CA TYR A 191 -31.55 -23.94 40.38
C TYR A 191 -31.43 -25.44 40.09
N ASN A 192 -32.56 -26.07 39.85
CA ASN A 192 -32.60 -27.51 39.55
C ASN A 192 -32.11 -27.71 38.13
N TRP A 193 -30.81 -27.95 37.98
CA TRP A 193 -30.19 -28.14 36.68
C TRP A 193 -29.65 -29.56 36.56
N ASN A 194 -29.77 -30.13 35.37
CA ASN A 194 -29.19 -31.43 35.09
C ASN A 194 -27.74 -31.24 34.64
N PHE A 195 -27.09 -32.31 34.18
CA PHE A 195 -25.70 -32.20 33.80
C PHE A 195 -25.52 -31.53 32.44
N SER A 196 -26.44 -31.76 31.51
CA SER A 196 -26.28 -31.22 30.16
C SER A 196 -26.34 -29.69 30.16
N GLU A 197 -27.31 -29.12 30.88
CA GLU A 197 -27.40 -27.66 30.96
C GLU A 197 -26.18 -27.07 31.66
N ALA A 198 -25.67 -27.75 32.68
CA ALA A 198 -24.47 -27.29 33.36
C ALA A 198 -23.27 -27.31 32.43
N MET A 199 -23.15 -28.36 31.61
CA MET A 199 -22.05 -28.42 30.65
C MET A 199 -22.18 -27.31 29.61
N MET A 200 -23.40 -27.01 29.19
CA MET A 200 -23.61 -25.89 28.28
C MET A 200 -23.18 -24.58 28.93
N PHE A 201 -23.50 -24.41 30.22
CA PHE A 201 -23.08 -23.22 30.95
C PHE A 201 -21.56 -23.10 31.01
N GLY A 202 -20.88 -24.20 31.30
CA GLY A 202 -19.42 -24.16 31.35
C GLY A 202 -18.82 -23.84 30.00
N ALA A 203 -19.33 -24.46 28.94
CA ALA A 203 -18.84 -24.15 27.60
C ALA A 203 -19.07 -22.70 27.24
N ILE A 204 -20.17 -22.11 27.72
CA ILE A 204 -20.39 -20.68 27.50
C ILE A 204 -19.34 -19.86 28.24
N MET A 205 -19.15 -20.14 29.52
CA MET A 205 -18.14 -19.42 30.29
C MET A 205 -16.81 -20.15 30.32
N SER A 206 -16.34 -20.58 29.15
CA SER A 206 -14.97 -21.06 29.01
C SER A 206 -14.28 -20.51 27.77
N ALA A 207 -14.78 -19.43 27.18
CA ALA A 207 -14.23 -18.87 25.95
C ALA A 207 -13.70 -17.46 26.22
N THR A 208 -12.47 -17.20 25.79
CA THR A 208 -11.80 -15.93 26.02
C THR A 208 -11.38 -15.30 24.69
N ASP A 209 -11.10 -14.00 24.74
CA ASP A 209 -10.67 -13.26 23.55
C ASP A 209 -9.68 -12.12 23.81
N PRO A 210 -8.62 -12.38 24.59
CA PRO A 210 -7.79 -11.27 25.07
C PRO A 210 -7.00 -10.56 23.99
N VAL A 211 -7.68 -9.74 23.19
CA VAL A 211 -6.98 -8.90 22.21
C VAL A 211 -6.20 -7.80 22.91
N ALA A 212 -6.77 -7.25 23.98
CA ALA A 212 -6.12 -6.13 24.67
C ALA A 212 -4.78 -6.54 25.26
N VAL A 213 -4.71 -7.73 25.87
CA VAL A 213 -3.47 -8.16 26.51
C VAL A 213 -2.36 -8.35 25.47
N VAL A 214 -2.68 -9.02 24.36
CA VAL A 214 -1.66 -9.26 23.34
C VAL A 214 -1.27 -7.95 22.67
N ALA A 215 -2.22 -7.03 22.47
CA ALA A 215 -1.89 -5.73 21.92
C ALA A 215 -0.95 -4.97 22.83
N LEU A 216 -1.21 -5.00 24.14
CA LEU A 216 -0.32 -4.34 25.09
C LEU A 216 1.06 -4.97 25.10
N LEU A 217 1.12 -6.31 25.01
CA LEU A 217 2.41 -6.98 24.98
C LEU A 217 3.20 -6.62 23.73
N LYS A 218 2.53 -6.53 22.58
CA LYS A 218 3.21 -6.12 21.36
C LYS A 218 3.66 -4.67 21.44
N ASP A 219 2.86 -3.82 22.07
CA ASP A 219 3.29 -2.44 22.30
C ASP A 219 4.56 -2.41 23.14
N LEU A 220 4.60 -3.24 24.19
CA LEU A 220 5.80 -3.33 25.02
C LEU A 220 7.00 -3.83 24.22
N GLY A 221 6.75 -4.62 23.18
CA GLY A 221 7.83 -5.04 22.29
C GLY A 221 8.71 -6.14 22.82
N ALA A 222 8.25 -6.92 23.79
CA ALA A 222 9.04 -8.01 24.33
C ALA A 222 8.14 -9.22 24.56
N SER A 223 8.77 -10.39 24.60
CA SER A 223 8.10 -11.67 24.86
C SER A 223 7.01 -11.93 23.81
N LYS A 224 7.46 -12.06 22.57
CA LYS A 224 6.54 -12.42 21.49
C LYS A 224 5.94 -13.80 21.68
N GLN A 225 6.69 -14.70 22.34
CA GLN A 225 6.18 -16.04 22.57
C GLN A 225 4.93 -16.02 23.46
N LEU A 226 4.90 -15.11 24.44
CA LEU A 226 3.72 -15.00 25.29
C LEU A 226 2.49 -14.59 24.48
N GLY A 227 2.65 -13.61 23.59
CA GLY A 227 1.54 -13.20 22.75
C GLY A 227 1.07 -14.31 21.82
N THR A 228 2.03 -15.03 21.23
CA THR A 228 1.65 -16.13 20.35
C THR A 228 0.90 -17.23 21.11
N ILE A 229 1.38 -17.58 22.30
CA ILE A 229 0.70 -18.59 23.10
C ILE A 229 -0.70 -18.13 23.47
N ILE A 230 -0.83 -16.86 23.86
CA ILE A 230 -2.14 -16.33 24.24
C ILE A 230 -3.10 -16.43 23.05
N GLU A 231 -2.65 -16.01 21.87
CA GLU A 231 -3.50 -16.05 20.69
C GLU A 231 -3.91 -17.48 20.35
N GLY A 232 -2.96 -18.41 20.39
CA GLY A 232 -3.27 -19.79 20.08
C GLY A 232 -4.28 -20.38 21.04
N GLU A 233 -4.07 -20.16 22.34
CA GLU A 233 -5.02 -20.66 23.32
C GLU A 233 -6.40 -20.06 23.12
N SER A 234 -6.47 -18.75 22.85
CA SER A 234 -7.77 -18.11 22.66
C SER A 234 -8.50 -18.71 21.46
N LEU A 235 -7.78 -18.88 20.34
CA LEU A 235 -8.43 -19.40 19.14
C LEU A 235 -8.94 -20.83 19.36
N LEU A 236 -8.08 -21.70 19.90
CA LEU A 236 -8.49 -23.08 20.13
C LEU A 236 -9.64 -23.15 21.13
N ASN A 237 -9.59 -22.34 22.18
CA ASN A 237 -10.65 -22.31 23.17
C ASN A 237 -11.97 -21.91 22.53
N ASP A 238 -11.96 -20.86 21.71
CA ASP A 238 -13.19 -20.42 21.07
C ASP A 238 -13.78 -21.51 20.19
N GLY A 239 -12.95 -22.12 19.33
CA GLY A 239 -13.47 -23.14 18.44
C GLY A 239 -14.05 -24.32 19.18
N CYS A 240 -13.29 -24.86 20.15
CA CYS A 240 -13.75 -26.04 20.85
C CYS A 240 -14.96 -25.74 21.73
N ALA A 241 -15.01 -24.55 22.33
CA ALA A 241 -16.17 -24.17 23.13
C ALA A 241 -17.42 -24.07 22.28
N ILE A 242 -17.29 -23.50 21.07
CA ILE A 242 -18.44 -23.42 20.18
C ILE A 242 -18.92 -24.82 19.81
N VAL A 243 -17.99 -25.72 19.51
CA VAL A 243 -18.37 -27.08 19.14
C VAL A 243 -19.12 -27.77 20.29
N ILE A 244 -18.56 -27.67 21.50
CA ILE A 244 -19.18 -28.31 22.66
C ILE A 244 -20.56 -27.73 22.93
N PHE A 245 -20.69 -26.40 22.85
CA PHE A 245 -21.98 -25.77 23.07
C PHE A 245 -23.00 -26.23 22.04
N ASN A 246 -22.59 -26.32 20.78
CA ASN A 246 -23.52 -26.77 19.74
C ASN A 246 -24.01 -28.19 20.04
N VAL A 247 -23.08 -29.08 20.38
CA VAL A 247 -23.47 -30.46 20.64
C VAL A 247 -24.45 -30.53 21.81
N PHE A 248 -24.14 -29.83 22.90
CA PHE A 248 -24.98 -29.97 24.08
C PHE A 248 -26.32 -29.24 23.92
N MET A 249 -26.35 -28.13 23.19
CA MET A 249 -27.61 -27.46 22.93
C MET A 249 -28.52 -28.35 22.08
N LYS A 250 -27.96 -29.00 21.05
CA LYS A 250 -28.75 -29.93 20.27
C LYS A 250 -29.24 -31.08 21.13
N MET A 251 -28.41 -31.54 22.07
CA MET A 251 -28.83 -32.62 22.96
C MET A 251 -29.98 -32.18 23.86
N VAL A 252 -29.95 -30.93 24.32
CA VAL A 252 -30.92 -30.49 25.32
C VAL A 252 -32.24 -30.08 24.67
N PHE A 253 -32.20 -29.07 23.80
CA PHE A 253 -33.43 -28.45 23.33
C PHE A 253 -34.15 -29.27 22.27
N PHE A 254 -33.46 -30.14 21.55
CA PHE A 254 -34.06 -30.96 20.50
C PHE A 254 -33.73 -32.42 20.75
N PRO A 255 -34.41 -33.06 21.70
CA PRO A 255 -34.17 -34.48 21.95
C PRO A 255 -34.55 -35.31 20.73
N GLN A 256 -33.74 -36.34 20.45
CA GLN A 256 -33.95 -37.22 19.30
C GLN A 256 -33.89 -38.67 19.78
N LEU A 257 -35.03 -39.17 20.28
CA LEU A 257 -35.23 -40.55 20.70
C LEU A 257 -34.01 -41.13 21.42
N THR A 258 -33.66 -42.38 21.12
CA THR A 258 -32.48 -43.03 21.67
C THR A 258 -31.72 -43.72 20.54
N SER A 259 -30.40 -43.76 20.69
CA SER A 259 -29.52 -44.35 19.69
C SER A 259 -28.46 -45.20 20.38
N THR A 260 -27.98 -46.21 19.66
CA THR A 260 -26.95 -47.09 20.18
C THR A 260 -25.57 -46.47 19.98
N VAL A 261 -24.54 -47.20 20.39
CA VAL A 261 -23.17 -46.71 20.23
C VAL A 261 -22.72 -46.70 18.78
N GLY A 262 -23.35 -47.53 17.93
CA GLY A 262 -22.94 -47.57 16.54
C GLY A 262 -23.13 -46.24 15.84
N GLN A 263 -24.29 -45.61 16.04
CA GLN A 263 -24.51 -44.29 15.47
C GLN A 263 -23.75 -43.21 16.22
N ASN A 264 -23.56 -43.38 17.53
CA ASN A 264 -22.86 -42.38 18.32
C ASN A 264 -21.40 -42.24 17.89
N VAL A 265 -20.74 -43.36 17.60
CA VAL A 265 -19.35 -43.31 17.16
C VAL A 265 -19.24 -42.60 15.82
N LEU A 266 -20.15 -42.90 14.90
CA LEU A 266 -20.15 -42.22 13.61
C LEU A 266 -20.41 -40.74 13.77
N TYR A 267 -21.33 -40.36 14.65
CA TYR A 267 -21.60 -38.95 14.91
C TYR A 267 -20.38 -38.24 15.47
N PHE A 268 -19.69 -38.88 16.42
CA PHE A 268 -18.50 -38.27 16.98
C PHE A 268 -17.42 -38.10 15.93
N LEU A 269 -17.22 -39.12 15.09
CA LEU A 269 -16.23 -39.02 14.03
C LEU A 269 -16.57 -37.89 13.06
N GLN A 270 -17.84 -37.80 12.67
CA GLN A 270 -18.26 -36.75 11.74
C GLN A 270 -18.04 -35.38 12.34
N VAL A 271 -18.35 -35.20 13.63
CA VAL A 271 -18.17 -33.91 14.27
C VAL A 271 -16.68 -33.57 14.37
N ALA A 272 -15.84 -34.53 14.74
CA ALA A 272 -14.45 -34.24 15.07
C ALA A 272 -13.55 -34.18 13.83
N VAL A 273 -13.50 -35.26 13.06
CA VAL A 273 -12.48 -35.41 12.02
C VAL A 273 -12.96 -34.86 10.67
N ALA A 274 -14.21 -35.09 10.32
CA ALA A 274 -14.67 -34.78 8.96
C ALA A 274 -14.67 -33.30 8.65
N GLY A 275 -14.57 -32.44 9.66
CA GLY A 275 -14.53 -31.01 9.43
C GLY A 275 -13.20 -30.52 8.93
N PRO A 276 -12.15 -30.73 9.73
CA PRO A 276 -10.81 -30.29 9.30
C PRO A 276 -10.38 -30.87 7.96
N LEU A 277 -10.75 -32.11 7.66
CA LEU A 277 -10.38 -32.69 6.37
C LEU A 277 -11.01 -31.92 5.21
N TRP A 278 -12.30 -31.61 5.33
CA TRP A 278 -12.98 -30.84 4.28
C TRP A 278 -12.38 -29.45 4.14
N GLY A 279 -12.11 -28.79 5.28
CA GLY A 279 -11.48 -27.49 5.23
C GLY A 279 -10.12 -27.52 4.57
N TYR A 280 -9.31 -28.53 4.90
CA TYR A 280 -7.99 -28.66 4.32
C TYR A 280 -8.07 -28.91 2.81
N ALA A 281 -9.01 -29.75 2.39
CA ALA A 281 -9.15 -30.02 0.97
C ALA A 281 -9.52 -28.75 0.21
N VAL A 282 -10.50 -28.00 0.72
CA VAL A 282 -10.91 -26.78 0.02
C VAL A 282 -9.77 -25.76 0.01
N ALA A 283 -9.04 -25.66 1.12
CA ALA A 283 -7.92 -24.72 1.19
C ALA A 283 -6.85 -25.08 0.16
N LYS A 284 -6.52 -26.37 0.03
CA LYS A 284 -5.52 -26.77 -0.95
C LYS A 284 -6.01 -26.47 -2.36
N VAL A 285 -7.27 -26.75 -2.65
CA VAL A 285 -7.80 -26.51 -3.99
C VAL A 285 -7.73 -25.02 -4.33
N THR A 286 -8.18 -24.17 -3.41
CA THR A 286 -8.20 -22.74 -3.71
C THR A 286 -6.79 -22.15 -3.76
N VAL A 287 -5.86 -22.70 -2.97
CA VAL A 287 -4.48 -22.22 -3.06
C VAL A 287 -3.87 -22.61 -4.40
N PHE A 288 -4.15 -23.82 -4.88
CA PHE A 288 -3.66 -24.22 -6.19
C PHE A 288 -4.25 -23.33 -7.28
N PHE A 289 -5.54 -23.04 -7.20
CA PHE A 289 -6.17 -22.20 -8.21
C PHE A 289 -5.74 -20.75 -8.10
N LEU A 290 -5.22 -20.33 -6.95
CA LEU A 290 -4.82 -18.96 -6.72
C LEU A 290 -3.43 -18.64 -7.25
N SER A 291 -2.65 -19.64 -7.63
CA SER A 291 -1.28 -19.43 -8.08
C SER A 291 -1.18 -19.22 -9.58
N HIS A 292 -2.28 -19.27 -10.31
CA HIS A 292 -2.28 -19.09 -11.75
C HIS A 292 -2.98 -17.81 -12.19
N ILE A 293 -3.11 -16.85 -11.29
CA ILE A 293 -3.74 -15.56 -11.57
C ILE A 293 -2.68 -14.48 -11.48
N PHE A 294 -2.54 -13.69 -12.55
CA PHE A 294 -1.52 -12.66 -12.64
C PHE A 294 -2.16 -11.29 -12.74
N ASN A 295 -1.72 -10.37 -11.88
CA ASN A 295 -2.13 -8.96 -11.90
C ASN A 295 -3.64 -8.79 -12.01
N ASP A 296 -4.38 -9.60 -11.25
CA ASP A 296 -5.85 -9.48 -11.17
C ASP A 296 -6.23 -9.49 -9.69
N ALA A 297 -6.20 -8.31 -9.07
CA ALA A 297 -6.55 -8.23 -7.65
C ALA A 297 -8.02 -8.53 -7.43
N LEU A 298 -8.90 -8.03 -8.31
CA LEU A 298 -10.33 -8.23 -8.13
C LEU A 298 -10.68 -9.70 -8.17
N VAL A 299 -10.12 -10.44 -9.13
CA VAL A 299 -10.43 -11.86 -9.23
C VAL A 299 -9.97 -12.60 -7.98
N GLU A 300 -8.76 -12.30 -7.50
CA GLU A 300 -8.25 -12.98 -6.32
C GLU A 300 -9.13 -12.72 -5.10
N ILE A 301 -9.44 -11.45 -4.86
CA ILE A 301 -10.26 -11.11 -3.69
C ILE A 301 -11.62 -11.76 -3.79
N THR A 302 -12.25 -11.67 -4.95
CA THR A 302 -13.61 -12.18 -5.10
C THR A 302 -13.65 -13.70 -4.96
N ILE A 303 -12.65 -14.38 -5.54
CA ILE A 303 -12.64 -15.84 -5.44
C ILE A 303 -12.33 -16.27 -4.00
N THR A 304 -11.49 -15.54 -3.28
CA THR A 304 -11.24 -15.89 -1.88
C THR A 304 -12.50 -15.75 -1.05
N LEU A 305 -13.23 -14.65 -1.23
CA LEU A 305 -14.47 -14.46 -0.48
C LEU A 305 -15.49 -15.54 -0.84
N ALA A 306 -15.63 -15.85 -2.13
CA ALA A 306 -16.56 -16.89 -2.54
C ALA A 306 -16.17 -18.24 -1.96
N ALA A 307 -14.88 -18.56 -1.96
CA ALA A 307 -14.42 -19.82 -1.40
C ALA A 307 -14.76 -19.93 0.07
N THR A 308 -14.51 -18.86 0.84
CA THR A 308 -14.82 -18.91 2.27
C THR A 308 -16.32 -19.11 2.51
N TYR A 309 -17.14 -18.29 1.85
CA TYR A 309 -18.58 -18.37 2.09
C TYR A 309 -19.12 -19.73 1.67
N LEU A 310 -18.70 -20.22 0.50
CA LEU A 310 -19.17 -21.52 0.02
C LEU A 310 -18.71 -22.64 0.93
N THR A 311 -17.46 -22.57 1.42
CA THR A 311 -16.97 -23.58 2.34
C THR A 311 -17.85 -23.68 3.57
N TYR A 312 -18.10 -22.54 4.22
CA TYR A 312 -18.91 -22.59 5.44
C TYR A 312 -20.33 -23.07 5.13
N TYR A 313 -20.94 -22.53 4.08
CA TYR A 313 -22.33 -22.87 3.79
C TYR A 313 -22.49 -24.35 3.46
N ILE A 314 -21.59 -24.89 2.65
CA ILE A 314 -21.69 -26.30 2.28
C ILE A 314 -21.40 -27.18 3.48
N GLY A 315 -20.40 -26.82 4.29
CA GLY A 315 -20.07 -27.64 5.45
C GLY A 315 -21.18 -27.68 6.48
N ASP A 316 -21.87 -26.56 6.68
CA ASP A 316 -22.84 -26.48 7.76
C ASP A 316 -24.27 -26.75 7.32
N ILE A 317 -24.56 -26.88 6.03
CA ILE A 317 -25.94 -27.03 5.59
C ILE A 317 -26.13 -28.31 4.79
N TRP A 318 -25.45 -28.42 3.64
CA TRP A 318 -25.68 -29.55 2.75
C TRP A 318 -25.29 -30.86 3.41
N LEU A 319 -24.16 -30.88 4.09
CA LEU A 319 -23.79 -32.02 4.93
C LEU A 319 -23.71 -31.53 6.38
N GLU A 320 -23.79 -32.49 7.32
CA GLU A 320 -23.95 -32.18 8.73
C GLU A 320 -22.63 -32.11 9.48
N VAL A 321 -21.55 -31.71 8.82
CA VAL A 321 -20.26 -31.60 9.46
C VAL A 321 -20.16 -30.23 10.14
N SER A 322 -19.24 -30.11 11.10
CA SER A 322 -19.03 -28.85 11.78
C SER A 322 -18.42 -27.82 10.83
N GLY A 323 -18.79 -26.55 11.04
CA GLY A 323 -18.35 -25.50 10.14
C GLY A 323 -17.23 -24.66 10.68
N VAL A 324 -17.18 -24.44 11.99
CA VAL A 324 -16.17 -23.57 12.57
C VAL A 324 -14.78 -24.15 12.39
N LEU A 325 -14.63 -25.46 12.61
CA LEU A 325 -13.32 -26.09 12.47
C LEU A 325 -12.82 -26.03 11.03
N ALA A 326 -13.72 -26.25 10.07
CA ALA A 326 -13.32 -26.17 8.66
C ALA A 326 -12.85 -24.76 8.31
N VAL A 327 -13.56 -23.74 8.81
CA VAL A 327 -13.16 -22.37 8.54
C VAL A 327 -11.82 -22.06 9.18
N VAL A 328 -11.60 -22.55 10.41
CA VAL A 328 -10.33 -22.33 11.08
C VAL A 328 -9.20 -22.94 10.26
N VAL A 329 -9.37 -24.18 9.82
CA VAL A 329 -8.32 -24.86 9.06
C VAL A 329 -8.06 -24.14 7.75
N LEU A 330 -9.13 -23.74 7.05
CA LEU A 330 -8.96 -23.04 5.78
C LEU A 330 -8.22 -21.73 5.96
N GLY A 331 -8.58 -20.96 7.00
CA GLY A 331 -7.90 -19.70 7.24
C GLY A 331 -6.43 -19.89 7.58
N LEU A 332 -6.13 -20.87 8.43
CA LEU A 332 -4.74 -21.12 8.79
C LEU A 332 -3.92 -21.55 7.58
N ILE A 333 -4.47 -22.45 6.75
CA ILE A 333 -3.74 -22.92 5.58
C ILE A 333 -3.50 -21.77 4.60
N VAL A 334 -4.53 -20.94 4.36
CA VAL A 334 -4.37 -19.83 3.43
C VAL A 334 -3.35 -18.84 3.95
N ASN A 335 -3.39 -18.54 5.26
CA ASN A 335 -2.42 -17.61 5.84
C ASN A 335 -1.00 -18.17 5.75
N ALA A 336 -0.84 -19.48 5.89
CA ALA A 336 0.49 -20.08 5.81
C ALA A 336 1.09 -19.90 4.43
N GLU A 337 0.27 -20.01 3.37
CA GLU A 337 0.74 -19.93 1.99
C GLU A 337 0.43 -18.59 1.36
N LYS A 338 0.59 -17.50 2.11
CA LYS A 338 0.28 -16.16 1.61
C LYS A 338 1.26 -15.69 0.55
N THR A 339 2.35 -16.42 0.31
CA THR A 339 3.32 -16.01 -0.70
C THR A 339 2.68 -15.99 -2.09
N SER A 340 1.82 -16.96 -2.38
CA SER A 340 1.15 -16.99 -3.68
C SER A 340 0.25 -15.79 -3.88
N ILE A 341 -0.26 -15.21 -2.80
CA ILE A 341 -1.10 -14.03 -2.90
C ILE A 341 -0.26 -12.85 -3.37
N SER A 342 -0.82 -12.05 -4.28
CA SER A 342 -0.12 -10.89 -4.78
C SER A 342 0.16 -9.92 -3.63
N PRO A 343 1.29 -9.20 -3.68
CA PRO A 343 1.77 -8.48 -2.49
C PRO A 343 0.88 -7.35 -2.00
N GLU A 344 -0.29 -7.13 -2.59
CA GLU A 344 -1.19 -6.08 -2.13
C GLU A 344 -2.59 -6.58 -1.78
N VAL A 345 -2.94 -7.80 -2.15
CA VAL A 345 -4.29 -8.29 -1.89
C VAL A 345 -4.51 -8.53 -0.40
N GLU A 346 -3.52 -9.12 0.28
CA GLU A 346 -3.73 -9.54 1.66
C GLU A 346 -4.00 -8.34 2.56
N VAL A 347 -3.46 -7.18 2.23
CA VAL A 347 -3.76 -5.97 3.01
C VAL A 347 -5.24 -5.65 2.93
N PHE A 348 -5.79 -5.70 1.71
CA PHE A 348 -7.22 -5.46 1.55
C PHE A 348 -8.04 -6.51 2.28
N LEU A 349 -7.64 -7.77 2.20
CA LEU A 349 -8.39 -8.83 2.87
C LEU A 349 -8.35 -8.64 4.38
N HIS A 350 -7.19 -8.30 4.93
CA HIS A 350 -7.06 -8.08 6.36
C HIS A 350 -7.95 -6.92 6.81
N ARG A 351 -7.92 -5.82 6.06
CA ARG A 351 -8.76 -4.68 6.42
C ARG A 351 -10.24 -5.03 6.35
N PHE A 352 -10.64 -5.77 5.31
CA PHE A 352 -12.04 -6.15 5.16
C PHE A 352 -12.51 -7.01 6.32
N TRP A 353 -11.71 -8.02 6.67
CA TRP A 353 -12.12 -8.90 7.77
C TRP A 353 -12.09 -8.18 9.11
N GLU A 354 -11.14 -7.25 9.29
CA GLU A 354 -11.11 -6.47 10.52
C GLU A 354 -12.35 -5.61 10.67
N MET A 355 -12.77 -4.94 9.59
CA MET A 355 -13.96 -4.10 9.69
C MET A 355 -15.21 -4.94 9.90
N LEU A 356 -15.27 -6.13 9.27
CA LEU A 356 -16.41 -7.01 9.50
C LEU A 356 -16.47 -7.46 10.96
N ALA A 357 -15.33 -7.83 11.53
CA ALA A 357 -15.31 -8.23 12.93
C ALA A 357 -15.70 -7.09 13.85
N TYR A 358 -15.26 -5.87 13.54
CA TYR A 358 -15.61 -4.72 14.35
C TYR A 358 -17.12 -4.48 14.32
N LEU A 359 -17.72 -4.55 13.13
CA LEU A 359 -19.17 -4.38 13.04
C LEU A 359 -19.90 -5.47 13.81
N ALA A 360 -19.45 -6.71 13.70
CA ALA A 360 -20.09 -7.81 14.42
C ALA A 360 -20.00 -7.59 15.92
N ASN A 361 -18.84 -7.18 16.42
CA ASN A 361 -18.68 -6.94 17.85
C ASN A 361 -19.61 -5.84 18.33
N THR A 362 -19.67 -4.73 17.59
CA THR A 362 -20.53 -3.62 18.01
C THR A 362 -21.99 -4.04 18.04
N LEU A 363 -22.45 -4.72 16.98
CA LEU A 363 -23.84 -5.15 16.92
C LEU A 363 -24.16 -6.12 18.05
N ILE A 364 -23.27 -7.07 18.32
CA ILE A 364 -23.51 -8.05 19.37
C ILE A 364 -23.60 -7.36 20.72
N PHE A 365 -22.70 -6.41 20.99
CA PHE A 365 -22.72 -5.73 22.28
C PHE A 365 -24.00 -4.93 22.46
N MET A 366 -24.42 -4.19 21.44
CA MET A 366 -25.67 -3.44 21.55
C MET A 366 -26.86 -4.38 21.78
N MET A 367 -26.90 -5.49 21.04
CA MET A 367 -28.00 -6.42 21.17
C MET A 367 -28.06 -7.00 22.58
N VAL A 368 -26.92 -7.43 23.13
CA VAL A 368 -26.96 -8.05 24.45
C VAL A 368 -27.33 -7.00 25.48
N GLY A 369 -26.86 -5.76 25.32
CA GLY A 369 -27.25 -4.72 26.25
C GLY A 369 -28.74 -4.51 26.29
N VAL A 370 -29.38 -4.39 25.12
CA VAL A 370 -30.82 -4.15 25.08
C VAL A 370 -31.56 -5.36 25.66
N VAL A 371 -31.20 -6.56 25.23
CA VAL A 371 -31.95 -7.74 25.63
C VAL A 371 -31.79 -8.01 27.11
N VAL A 372 -30.59 -7.84 27.66
CA VAL A 372 -30.41 -8.02 29.10
C VAL A 372 -31.21 -6.97 29.86
N THR A 373 -31.11 -5.70 29.44
CA THR A 373 -31.78 -4.62 30.15
C THR A 373 -33.28 -4.88 30.25
N GLN A 374 -33.88 -5.42 29.19
CA GLN A 374 -35.29 -5.78 29.31
C GLN A 374 -35.45 -7.06 30.13
N LYS A 375 -35.03 -8.20 29.57
CA LYS A 375 -35.47 -9.50 30.07
C LYS A 375 -34.90 -9.80 31.46
N ALA A 376 -33.58 -9.64 31.63
CA ALA A 376 -32.99 -10.03 32.90
C ALA A 376 -33.55 -9.20 34.04
N LEU A 377 -33.82 -7.92 33.78
CA LEU A 377 -34.37 -7.04 34.80
C LEU A 377 -35.87 -7.21 35.01
N VAL A 378 -36.59 -7.89 34.10
CA VAL A 378 -37.96 -8.29 34.46
C VAL A 378 -37.94 -9.25 35.64
N ALA A 379 -37.04 -10.23 35.63
CA ALA A 379 -37.09 -11.35 36.57
C ALA A 379 -35.74 -11.56 37.25
N VAL A 380 -35.16 -10.48 37.76
CA VAL A 380 -33.90 -10.54 38.49
C VAL A 380 -34.19 -10.74 39.96
N ASP A 381 -33.46 -11.65 40.59
CA ASP A 381 -33.60 -11.94 42.02
C ASP A 381 -32.48 -11.26 42.79
N LYS A 382 -32.80 -10.79 44.00
CA LYS A 382 -31.81 -10.09 44.81
C LYS A 382 -30.67 -11.01 45.23
N MET A 383 -30.97 -12.25 45.60
CA MET A 383 -29.94 -13.16 46.07
C MET A 383 -28.98 -13.55 44.95
N ASP A 384 -29.46 -13.59 43.70
CA ASP A 384 -28.64 -14.06 42.58
C ASP A 384 -27.33 -13.31 42.50
N TRP A 385 -27.35 -12.00 42.76
CA TRP A 385 -26.14 -11.19 42.70
C TRP A 385 -25.02 -11.82 43.52
N PHE A 386 -25.34 -12.23 44.75
CA PHE A 386 -24.35 -12.88 45.60
C PHE A 386 -23.68 -14.03 44.88
N TYR A 387 -24.49 -14.93 44.29
CA TYR A 387 -23.94 -16.06 43.57
C TYR A 387 -22.92 -15.60 42.53
N LEU A 388 -23.27 -14.56 41.78
CA LEU A 388 -22.39 -14.08 40.72
C LEU A 388 -20.98 -13.83 41.24
N ILE A 389 -20.88 -13.22 42.42
CA ILE A 389 -19.57 -12.89 42.96
C ILE A 389 -18.72 -14.15 43.09
N ILE A 390 -19.28 -15.19 43.72
CA ILE A 390 -18.53 -16.43 43.88
C ILE A 390 -18.12 -16.96 42.52
N LEU A 391 -19.04 -16.91 41.55
CA LEU A 391 -18.73 -17.39 40.22
C LEU A 391 -17.46 -16.74 39.69
N TYR A 392 -17.34 -15.42 39.86
CA TYR A 392 -16.16 -14.72 39.38
C TYR A 392 -14.91 -15.37 39.96
N LEU A 393 -14.86 -15.53 41.28
CA LEU A 393 -13.69 -16.16 41.89
C LEU A 393 -13.41 -17.51 41.26
N ALA A 394 -14.46 -18.31 41.08
CA ALA A 394 -14.29 -19.62 40.47
C ALA A 394 -13.59 -19.50 39.12
N ILE A 395 -14.11 -18.63 38.25
CA ILE A 395 -13.56 -18.58 36.90
C ILE A 395 -12.21 -17.89 36.86
N THR A 396 -11.77 -17.30 37.97
CA THR A 396 -10.43 -16.74 38.04
C THR A 396 -9.50 -17.62 38.87
N ILE A 397 -10.01 -18.71 39.43
CA ILE A 397 -9.20 -19.65 40.20
C ILE A 397 -8.91 -20.91 39.39
N ILE A 398 -9.96 -21.58 38.91
CA ILE A 398 -9.79 -22.86 38.23
C ILE A 398 -8.81 -22.74 37.08
N ARG A 399 -9.01 -21.70 36.24
CA ARG A 399 -8.10 -21.47 35.13
C ARG A 399 -6.66 -21.41 35.62
N GLY A 400 -6.41 -20.57 36.62
CA GLY A 400 -5.06 -20.48 37.17
C GLY A 400 -4.58 -21.83 37.66
N MET A 401 -5.44 -22.55 38.39
CA MET A 401 -5.08 -23.88 38.86
C MET A 401 -4.65 -24.76 37.71
N VAL A 402 -5.38 -24.70 36.59
CA VAL A 402 -5.03 -25.52 35.43
C VAL A 402 -3.59 -25.24 35.01
N ILE A 403 -3.22 -23.97 34.95
CA ILE A 403 -1.86 -23.62 34.57
C ILE A 403 -0.88 -24.25 35.54
N SER A 404 -1.17 -24.14 36.85
CA SER A 404 -0.32 -24.80 37.83
C SER A 404 -0.29 -26.30 37.60
N LEU A 405 -1.45 -26.89 37.31
CA LEU A 405 -1.51 -28.32 37.05
C LEU A 405 -0.68 -28.72 35.84
N PHE A 406 -0.39 -27.76 34.95
CA PHE A 406 0.45 -28.03 33.79
C PHE A 406 1.78 -27.29 33.87
N SER A 407 2.14 -26.79 35.05
CA SER A 407 3.40 -26.05 35.19
C SER A 407 4.61 -26.88 34.80
N PRO A 408 4.80 -28.13 35.29
CA PRO A 408 5.99 -28.88 34.90
C PRO A 408 5.83 -29.63 33.60
N ILE A 409 4.60 -29.99 33.25
CA ILE A 409 4.35 -30.88 32.12
C ILE A 409 4.87 -30.25 30.83
N LEU A 410 4.57 -28.98 30.61
CA LEU A 410 5.09 -28.25 29.46
C LEU A 410 6.39 -27.53 29.76
N SER A 411 6.95 -27.72 30.95
CA SER A 411 8.23 -27.10 31.28
C SER A 411 9.34 -27.64 30.38
N ARG A 412 9.35 -28.95 30.16
CA ARG A 412 10.38 -29.60 29.34
C ARG A 412 9.97 -29.72 27.88
N ILE A 413 8.80 -29.23 27.50
CA ILE A 413 8.29 -29.35 26.14
C ILE A 413 8.13 -27.95 25.56
N GLY A 414 8.70 -27.73 24.38
CA GLY A 414 8.56 -26.44 23.74
C GLY A 414 9.38 -25.36 24.44
N TYR A 415 8.89 -24.13 24.32
CA TYR A 415 9.60 -22.99 24.89
C TYR A 415 9.67 -23.07 26.41
N GLY A 416 8.58 -23.49 27.05
CA GLY A 416 8.52 -23.59 28.49
C GLY A 416 7.61 -22.55 29.10
N LEU A 417 7.82 -22.28 30.39
CA LEU A 417 6.99 -21.33 31.11
C LEU A 417 7.74 -20.84 32.34
N THR A 418 7.27 -19.73 32.89
CA THR A 418 7.79 -19.18 34.14
C THR A 418 6.62 -18.64 34.95
N TRP A 419 6.88 -18.45 36.25
CA TRP A 419 5.79 -18.08 37.16
C TRP A 419 5.20 -16.72 36.79
N ARG A 420 6.04 -15.77 36.36
CA ARG A 420 5.51 -14.47 35.95
C ARG A 420 4.62 -14.60 34.72
N ASN A 421 5.05 -15.39 33.73
CA ASN A 421 4.22 -15.62 32.56
C ASN A 421 2.93 -16.34 32.93
N ALA A 422 3.01 -17.27 33.88
CA ALA A 422 1.81 -17.96 34.34
C ALA A 422 0.82 -16.98 34.97
N VAL A 423 1.32 -16.06 35.80
CA VAL A 423 0.44 -15.08 36.42
C VAL A 423 -0.18 -14.16 35.38
N ILE A 424 0.62 -13.71 34.42
CA ILE A 424 0.08 -12.85 33.36
C ILE A 424 -0.99 -13.59 32.56
N MET A 425 -0.73 -14.86 32.24
CA MET A 425 -1.70 -15.66 31.50
C MET A 425 -2.99 -15.85 32.30
N THR A 426 -2.87 -16.10 33.60
CA THR A 426 -4.05 -16.29 34.44
C THR A 426 -4.88 -15.01 34.52
N TRP A 427 -4.23 -13.87 34.72
CA TRP A 427 -4.94 -12.61 34.83
C TRP A 427 -5.37 -12.05 33.49
N GLY A 428 -4.90 -12.61 32.39
CA GLY A 428 -5.18 -12.10 31.06
C GLY A 428 -6.38 -12.70 30.36
N GLY A 429 -7.21 -13.47 31.07
CA GLY A 429 -8.38 -14.06 30.43
C GLY A 429 -9.63 -13.23 30.57
N LEU A 430 -9.98 -12.50 29.52
CA LEU A 430 -11.16 -11.65 29.51
C LEU A 430 -12.22 -12.24 28.60
N ARG A 431 -13.43 -12.39 29.12
CA ARG A 431 -14.54 -12.88 28.30
C ARG A 431 -14.93 -11.84 27.27
N GLY A 432 -15.39 -12.31 26.11
CA GLY A 432 -15.68 -11.44 25.00
C GLY A 432 -17.08 -11.68 24.46
N ALA A 433 -17.21 -11.45 23.15
CA ALA A 433 -18.51 -11.48 22.51
C ALA A 433 -19.03 -12.89 22.27
N VAL A 434 -18.17 -13.90 22.26
CA VAL A 434 -18.60 -15.26 21.98
C VAL A 434 -19.55 -15.76 23.08
N GLY A 435 -19.16 -15.55 24.33
CA GLY A 435 -20.02 -15.95 25.42
C GLY A 435 -21.35 -15.22 25.40
N LEU A 436 -21.32 -13.92 25.08
CA LEU A 436 -22.56 -13.15 25.00
C LEU A 436 -23.47 -13.68 23.90
N ALA A 437 -22.89 -14.01 22.73
CA ALA A 437 -23.70 -14.55 21.65
C ALA A 437 -24.32 -15.87 22.02
N LEU A 438 -23.55 -16.75 22.67
CA LEU A 438 -24.09 -18.04 23.08
C LEU A 438 -25.20 -17.86 24.11
N ALA A 439 -25.01 -16.94 25.07
CA ALA A 439 -26.04 -16.68 26.07
C ALA A 439 -27.31 -16.15 25.42
N LEU A 440 -27.16 -15.26 24.44
CA LEU A 440 -28.34 -14.74 23.73
C LEU A 440 -29.08 -15.84 23.00
N VAL A 441 -28.33 -16.74 22.34
CA VAL A 441 -28.98 -17.85 21.64
C VAL A 441 -29.73 -18.73 22.63
N VAL A 442 -29.12 -19.05 23.76
CA VAL A 442 -29.78 -19.89 24.76
C VAL A 442 -31.04 -19.21 25.27
N GLU A 443 -30.96 -17.92 25.57
CA GLU A 443 -32.12 -17.21 26.09
C GLU A 443 -33.24 -17.14 25.06
N ASN A 444 -32.90 -16.94 23.79
CA ASN A 444 -33.92 -16.92 22.76
C ASN A 444 -34.59 -18.28 22.60
N LEU A 445 -33.80 -19.36 22.63
CA LEU A 445 -34.38 -20.69 22.46
C LEU A 445 -35.34 -21.04 23.59
N ALA A 446 -34.97 -20.70 24.82
CA ALA A 446 -35.84 -20.98 25.95
C ALA A 446 -37.05 -20.05 25.95
N GLY A 447 -38.03 -20.39 26.77
CA GLY A 447 -39.23 -19.58 26.88
C GLY A 447 -39.71 -19.39 28.31
N ASN A 448 -38.91 -19.85 29.27
CA ASN A 448 -39.24 -19.75 30.68
C ASN A 448 -38.20 -18.88 31.39
N ASP A 449 -38.29 -18.82 32.71
CA ASP A 449 -37.44 -17.95 33.52
C ASP A 449 -36.22 -18.67 34.09
N VAL A 450 -36.38 -19.93 34.52
CA VAL A 450 -35.27 -20.64 35.16
C VAL A 450 -34.10 -20.85 34.20
N ILE A 451 -34.32 -20.68 32.91
CA ILE A 451 -33.28 -20.83 31.90
C ILE A 451 -33.41 -19.67 30.92
N GLY A 452 -32.27 -19.17 30.46
CA GLY A 452 -32.28 -18.05 29.55
C GLY A 452 -32.09 -16.73 30.25
N SER A 453 -32.89 -16.47 31.29
CA SER A 453 -32.67 -15.28 32.10
C SER A 453 -31.39 -15.40 32.91
N LYS A 454 -31.21 -16.54 33.61
CA LYS A 454 -30.03 -16.73 34.42
C LYS A 454 -28.77 -16.77 33.57
N PHE A 455 -28.83 -17.48 32.43
CA PHE A 455 -27.66 -17.56 31.56
C PHE A 455 -27.21 -16.17 31.12
N LEU A 456 -28.14 -15.38 30.58
CA LEU A 456 -27.79 -14.06 30.08
C LEU A 456 -27.31 -13.15 31.21
N PHE A 457 -28.00 -13.19 32.35
CA PHE A 457 -27.61 -12.33 33.47
C PHE A 457 -26.19 -12.64 33.93
N HIS A 458 -25.89 -13.94 34.15
CA HIS A 458 -24.57 -14.30 34.64
C HIS A 458 -23.49 -14.00 33.61
N THR A 459 -23.76 -14.26 32.33
CA THR A 459 -22.76 -13.98 31.30
C THR A 459 -22.46 -12.49 31.22
N ALA A 460 -23.51 -11.66 31.24
CA ALA A 460 -23.29 -10.22 31.19
C ALA A 460 -22.53 -9.74 32.42
N GLY A 461 -22.90 -10.25 33.59
CA GLY A 461 -22.19 -9.85 34.80
C GLY A 461 -20.72 -10.22 34.76
N ILE A 462 -20.41 -11.43 34.30
CA ILE A 462 -19.02 -11.87 34.25
C ILE A 462 -18.24 -11.03 33.24
N VAL A 463 -18.83 -10.75 32.07
CA VAL A 463 -18.15 -9.95 31.07
C VAL A 463 -17.86 -8.56 31.62
N VAL A 464 -18.86 -7.93 32.25
CA VAL A 464 -18.68 -6.59 32.78
C VAL A 464 -17.61 -6.58 33.88
N LEU A 465 -17.64 -7.57 34.77
CA LEU A 465 -16.65 -7.62 35.84
C LEU A 465 -15.25 -7.77 35.29
N THR A 466 -15.06 -8.68 34.33
CA THR A 466 -13.73 -8.86 33.76
C THR A 466 -13.24 -7.60 33.06
N LEU A 467 -14.11 -6.98 32.27
CA LEU A 467 -13.71 -5.78 31.54
C LEU A 467 -13.36 -4.65 32.51
N VAL A 468 -14.11 -4.51 33.60
CA VAL A 468 -13.84 -3.43 34.55
C VAL A 468 -12.54 -3.69 35.31
N ILE A 469 -12.32 -4.92 35.76
CA ILE A 469 -11.21 -5.20 36.65
C ILE A 469 -9.92 -5.48 35.90
N ASN A 470 -9.91 -6.55 35.10
CA ASN A 470 -8.66 -7.03 34.52
C ASN A 470 -8.11 -6.07 33.49
N ALA A 471 -8.97 -5.52 32.63
CA ALA A 471 -8.51 -4.64 31.57
C ALA A 471 -7.85 -3.37 32.11
N THR A 472 -8.18 -2.98 33.34
CA THR A 472 -7.58 -1.81 33.95
C THR A 472 -6.41 -2.14 34.86
N THR A 473 -6.41 -3.32 35.49
CA THR A 473 -5.33 -3.69 36.41
C THR A 473 -4.19 -4.43 35.72
N ILE A 474 -4.35 -4.80 34.44
CA ILE A 474 -3.31 -5.55 33.76
C ILE A 474 -2.03 -4.72 33.63
N GLN A 475 -2.16 -3.42 33.32
CA GLN A 475 -0.99 -2.58 33.18
C GLN A 475 -0.21 -2.47 34.50
N THR A 476 -0.93 -2.27 35.60
CA THR A 476 -0.28 -2.20 36.90
C THR A 476 0.38 -3.52 37.26
N LEU A 477 -0.28 -4.65 36.95
CA LEU A 477 0.32 -5.94 37.22
C LEU A 477 1.59 -6.14 36.40
N LEU A 478 1.58 -5.72 35.14
CA LEU A 478 2.77 -5.83 34.31
C LEU A 478 3.89 -4.97 34.86
N ARG A 479 3.58 -3.75 35.31
CA ARG A 479 4.60 -2.87 35.87
C ARG A 479 5.19 -3.45 37.15
N ILE A 480 4.34 -4.05 37.99
CA ILE A 480 4.82 -4.59 39.27
C ILE A 480 5.80 -5.72 39.02
N LEU A 481 5.42 -6.48 38.16
CA LEU A 481 6.20 -7.69 37.89
C LEU A 481 7.51 -7.41 37.17
N GLY A 482 7.92 -6.15 37.02
CA GLY A 482 9.20 -5.84 36.38
C GLY A 482 9.26 -6.21 34.91
N MET A 483 8.23 -5.89 34.14
CA MET A 483 8.23 -6.14 32.71
C MET A 483 8.08 -4.87 31.88
N SER A 484 7.88 -3.72 32.50
CA SER A 484 7.74 -2.46 31.79
C SER A 484 9.04 -1.70 31.63
N ASP A 485 10.16 -2.26 32.08
CA ASP A 485 11.44 -1.57 31.99
C ASP A 485 11.91 -1.49 30.54
N ILE A 486 12.77 -0.51 30.27
CA ILE A 486 13.30 -0.24 28.95
C ILE A 486 14.78 -0.60 28.94
N SER A 487 15.19 -1.37 27.93
CA SER A 487 16.58 -1.81 27.86
C SER A 487 17.52 -0.63 27.62
N ILE A 488 18.69 -0.69 28.26
CA ILE A 488 19.68 0.38 28.10
C ILE A 488 20.15 0.52 26.65
N PRO A 489 20.46 -0.56 25.91
CA PRO A 489 20.81 -0.38 24.50
C PRO A 489 19.72 0.30 23.69
N LYS A 490 18.45 -0.06 23.93
CA LYS A 490 17.36 0.60 23.22
C LYS A 490 17.29 2.08 23.59
N ARG A 491 17.48 2.40 24.88
CA ARG A 491 17.44 3.79 25.31
C ARG A 491 18.54 4.60 24.64
N LEU A 492 19.77 4.07 24.60
CA LEU A 492 20.85 4.83 23.99
C LEU A 492 20.71 4.92 22.47
N ALA A 493 20.16 3.88 21.84
CA ALA A 493 19.87 3.96 20.40
C ALA A 493 18.84 5.04 20.12
N MET A 494 17.79 5.12 20.94
CA MET A 494 16.79 6.18 20.76
C MET A 494 17.39 7.55 20.99
N ALA A 495 18.28 7.67 21.98
CA ALA A 495 18.95 8.95 22.21
C ALA A 495 19.79 9.36 21.00
N GLY A 496 20.55 8.42 20.45
CA GLY A 496 21.32 8.73 19.25
C GLY A 496 20.45 9.11 18.07
N ALA A 497 19.34 8.40 17.90
CA ALA A 497 18.42 8.70 16.79
C ALA A 497 17.84 10.10 16.93
N VAL A 498 17.39 10.46 18.13
CA VAL A 498 16.81 11.79 18.30
C VAL A 498 17.88 12.87 18.19
N ARG A 499 19.13 12.58 18.58
CA ARG A 499 20.20 13.53 18.38
C ARG A 499 20.45 13.77 16.88
N ARG A 500 20.43 12.58 16.15
CA ARG A 500 20.56 12.68 14.67
C ARG A 500 19.44 13.58 14.16
N ILE A 501 18.24 13.34 14.53
CA ILE A 501 17.07 14.06 14.04
C ILE A 501 17.19 15.55 14.33
N HIS A 502 17.62 15.91 15.55
CA HIS A 502 17.79 17.31 15.90
C HIS A 502 18.84 17.97 15.03
N GLU A 503 19.96 17.28 14.80
CA GLU A 503 21.01 17.85 13.95
C GLU A 503 20.51 18.08 12.53
N GLY A 504 19.78 17.10 11.98
CA GLY A 504 19.26 17.26 10.64
C GLY A 504 18.25 18.39 10.54
N GLN A 505 17.37 18.51 11.54
CA GLN A 505 16.40 19.60 11.55
C GLN A 505 17.10 20.95 11.63
N ASN A 506 18.12 21.07 12.48
CA ASN A 506 18.85 22.32 12.57
C ASN A 506 19.54 22.67 11.25
N ARG A 507 20.14 21.67 10.60
CA ARG A 507 20.81 21.91 9.32
C ARG A 507 19.80 22.37 8.27
N THR A 508 18.65 21.70 8.19
CA THR A 508 17.64 22.08 7.21
C THR A 508 17.09 23.48 7.48
N LEU A 509 16.87 23.81 8.75
CA LEU A 509 16.40 25.16 9.09
C LEU A 509 17.43 26.20 8.70
N ASN A 510 18.71 25.93 8.96
CA ASN A 510 19.76 26.88 8.58
C ASN A 510 19.81 27.05 7.06
N MET A 511 19.60 25.96 6.32
CA MET A 511 19.62 26.05 4.84
C MET A 511 18.47 26.93 4.35
N LEU A 512 17.25 26.69 4.84
CA LEU A 512 16.07 27.45 4.35
C LEU A 512 16.21 28.93 4.69
N LYS A 513 16.67 29.26 5.90
CA LYS A 513 16.75 30.68 6.33
C LYS A 513 17.50 31.51 5.28
N SER A 514 18.43 30.87 4.54
CA SER A 514 19.22 31.63 3.57
C SER A 514 18.54 31.73 2.20
N ASP A 515 17.32 31.22 2.06
CA ASP A 515 16.65 31.27 0.76
C ASP A 515 16.22 32.69 0.44
N ARG A 516 15.83 32.89 -0.82
CA ARG A 516 15.38 34.24 -1.26
C ARG A 516 13.86 34.33 -1.16
N PHE A 517 13.16 33.22 -1.41
CA PHE A 517 11.67 33.24 -1.39
C PHE A 517 11.19 32.94 0.02
N LEU A 518 11.57 31.78 0.57
CA LEU A 518 11.18 31.46 1.95
C LEU A 518 12.12 32.13 2.94
N ALA A 519 12.29 33.44 2.67
CA ALA A 519 13.25 34.17 3.48
C ALA A 519 12.63 34.74 4.75
N ASP A 520 11.48 35.39 4.58
CA ASP A 520 10.83 36.10 5.71
C ASP A 520 9.65 35.34 6.30
N ALA A 521 9.56 34.04 6.08
CA ALA A 521 8.49 33.27 6.72
C ALA A 521 8.68 33.29 8.23
N ASP A 522 7.56 33.17 8.95
CA ASP A 522 7.63 33.12 10.39
C ASP A 522 8.34 31.85 10.83
N TRP A 523 9.17 31.96 11.87
CA TRP A 523 9.97 30.86 12.37
C TRP A 523 9.34 30.19 13.60
N ASP A 524 8.01 30.16 13.66
CA ASP A 524 7.32 29.34 14.63
C ASP A 524 7.24 27.88 14.22
N ILE A 525 7.69 27.59 13.00
CA ILE A 525 7.74 26.16 12.55
C ILE A 525 8.74 25.43 13.45
N ALA A 526 9.80 26.13 13.88
CA ALA A 526 10.82 25.47 14.69
C ALA A 526 10.19 24.67 15.82
N THR A 527 9.10 25.17 16.38
CA THR A 527 8.34 24.44 17.39
C THR A 527 7.10 23.76 16.83
N ALA A 528 6.56 24.24 15.69
CA ALA A 528 5.43 23.57 15.08
C ALA A 528 5.82 22.17 14.60
N ALA A 529 6.89 22.08 13.82
CA ALA A 529 7.49 20.77 13.53
C ALA A 529 8.04 20.13 14.78
N CYS A 530 8.40 20.94 15.78
CA CYS A 530 8.79 20.47 17.10
C CYS A 530 10.00 19.54 17.05
N GLU A 531 10.29 18.90 18.17
CA GLU A 531 11.37 17.93 18.28
C GLU A 531 10.78 16.59 18.71
N ILE A 532 11.22 15.52 18.06
CA ILE A 532 10.73 14.20 18.40
C ILE A 532 11.45 13.73 19.66
N SER A 533 10.87 14.03 20.81
CA SER A 533 11.51 13.70 22.08
C SER A 533 11.48 12.18 22.31
N ASP A 534 12.37 11.72 23.18
CA ASP A 534 12.44 10.31 23.51
C ASP A 534 11.17 9.90 24.24
N PRO A 535 10.40 8.94 23.73
CA PRO A 535 9.19 8.51 24.46
C PRO A 535 9.48 7.95 25.84
N TYR A 536 10.63 7.23 26.07
CA TYR A 536 10.95 6.66 27.37
C TYR A 536 11.18 7.75 28.41
N SER A 537 11.88 8.81 28.04
CA SER A 537 12.16 9.96 28.92
C SER A 537 12.87 9.43 30.17
N ALA A 538 12.39 9.75 31.36
CA ALA A 538 12.98 9.27 32.62
C ALA A 538 14.47 9.61 32.71
N ARG A 573 40.08 -10.38 36.89
CA ARG A 573 39.19 -9.24 37.05
C ARG A 573 39.60 -8.10 36.13
N GLU A 574 40.89 -8.00 35.83
CA GLU A 574 41.40 -6.95 34.96
C GLU A 574 41.27 -7.28 33.48
N PHE A 575 40.88 -8.51 33.13
CA PHE A 575 40.67 -8.90 31.74
C PHE A 575 39.20 -9.05 31.37
N ALA A 576 38.36 -9.46 32.31
CA ALA A 576 36.96 -9.73 32.00
C ALA A 576 36.27 -8.49 31.44
N ASP A 577 36.71 -7.30 31.84
CA ASP A 577 36.15 -6.07 31.29
C ASP A 577 36.31 -5.98 29.78
N MET A 578 37.56 -6.02 29.29
CA MET A 578 37.72 -5.95 27.83
C MET A 578 37.16 -7.18 27.14
N MET A 579 37.25 -8.36 27.76
CA MET A 579 36.64 -9.54 27.17
C MET A 579 35.15 -9.32 26.91
N GLU A 580 34.41 -8.91 27.93
CA GLU A 580 32.98 -8.72 27.81
C GLU A 580 32.64 -7.60 26.83
N GLU A 581 33.38 -6.48 26.89
CA GLU A 581 33.05 -5.37 26.00
C GLU A 581 33.31 -5.74 24.54
N ALA A 582 34.37 -6.48 24.26
CA ALA A 582 34.60 -6.97 22.91
C ALA A 582 33.51 -7.95 22.50
N ARG A 583 33.04 -8.77 23.44
CA ARG A 583 31.96 -9.70 23.14
C ARG A 583 30.71 -8.96 22.69
N LEU A 584 30.25 -7.98 23.49
CA LEU A 584 29.07 -7.22 23.07
C LEU A 584 29.32 -6.42 21.81
N ARG A 585 30.57 -6.02 21.56
CA ARG A 585 30.82 -5.31 20.30
C ARG A 585 30.62 -6.25 19.12
N MET A 586 31.09 -7.50 19.21
CA MET A 586 30.72 -8.45 18.16
C MET A 586 29.22 -8.64 18.07
N LEU A 587 28.51 -8.68 19.20
CA LEU A 587 27.06 -8.89 19.10
C LEU A 587 26.38 -7.76 18.32
N LYS A 588 26.71 -6.50 18.66
CA LYS A 588 26.08 -5.42 17.92
C LYS A 588 26.52 -5.40 16.46
N ALA A 589 27.79 -5.72 16.18
CA ALA A 589 28.23 -5.76 14.80
C ALA A 589 27.50 -6.84 14.00
N GLU A 590 27.36 -8.03 14.59
CA GLU A 590 26.62 -9.11 13.92
C GLU A 590 25.16 -8.73 13.72
N LYS A 591 24.54 -8.13 14.73
CA LYS A 591 23.13 -7.75 14.62
C LYS A 591 22.93 -6.73 13.51
N ILE A 592 23.78 -5.70 13.45
CA ILE A 592 23.61 -4.70 12.41
C ILE A 592 23.93 -5.28 11.03
N SER A 593 24.90 -6.20 10.94
CA SER A 593 25.17 -6.84 9.67
C SER A 593 23.97 -7.65 9.18
N TYR A 594 23.35 -8.42 10.08
CA TYR A 594 22.17 -9.19 9.71
C TYR A 594 21.02 -8.28 9.33
N TRP A 595 20.84 -7.18 10.05
CA TRP A 595 19.78 -6.23 9.71
C TRP A 595 20.02 -5.62 8.33
N LYS A 596 21.26 -5.26 8.03
CA LYS A 596 21.57 -4.71 6.71
C LYS A 596 21.33 -5.74 5.62
N GLN A 597 21.67 -7.00 5.87
CA GLN A 597 21.40 -8.06 4.91
C GLN A 597 19.90 -8.20 4.68
N PHE A 598 19.10 -8.12 5.75
CA PHE A 598 17.65 -8.15 5.58
C PHE A 598 17.17 -6.99 4.73
N GLU A 599 17.63 -5.77 5.05
CA GLU A 599 17.17 -4.60 4.32
C GLU A 599 17.54 -4.69 2.84
N HIS A 600 18.69 -5.30 2.53
CA HIS A 600 19.00 -5.59 1.13
C HIS A 600 18.04 -6.62 0.57
N GLY A 601 17.71 -7.65 1.35
CA GLY A 601 16.73 -8.64 0.98
C GLY A 601 17.25 -10.05 0.75
N MET A 602 18.56 -10.29 0.87
CA MET A 602 19.11 -11.61 0.59
C MET A 602 18.92 -12.60 1.73
N LEU A 603 18.63 -12.13 2.95
CA LEU A 603 18.61 -12.99 4.11
C LEU A 603 17.23 -13.52 4.46
N ALA A 604 16.20 -13.14 3.71
CA ALA A 604 14.82 -13.57 3.98
C ALA A 604 14.43 -13.13 5.39
N ARG A 605 13.52 -13.86 6.04
CA ARG A 605 13.02 -13.48 7.35
C ARG A 605 13.33 -14.51 8.42
N GLU A 606 13.01 -15.78 8.18
CA GLU A 606 13.19 -16.82 9.21
C GLU A 606 14.66 -16.99 9.58
N ALA A 607 15.54 -16.94 8.57
CA ALA A 607 16.97 -17.05 8.85
C ALA A 607 17.44 -15.89 9.73
N LEU A 608 16.99 -14.68 9.42
CA LEU A 608 17.34 -13.53 10.24
C LEU A 608 16.84 -13.69 11.67
N ARG A 609 15.59 -14.16 11.82
CA ARG A 609 15.02 -14.36 13.14
C ARG A 609 15.84 -15.36 13.95
N LEU A 610 16.19 -16.49 13.32
CA LEU A 610 16.98 -17.50 14.01
C LEU A 610 18.35 -16.95 14.39
N LEU A 611 18.99 -16.22 13.48
CA LEU A 611 20.32 -15.68 13.76
C LEU A 611 20.29 -14.70 14.92
N VAL A 612 19.34 -13.77 14.91
CA VAL A 612 19.28 -12.78 15.98
C VAL A 612 18.90 -13.43 17.29
N GLN A 613 18.02 -14.45 17.25
CA GLN A 613 17.65 -15.16 18.47
C GLN A 613 18.87 -15.84 19.09
N HIS A 614 19.63 -16.56 18.28
CA HIS A 614 20.85 -17.19 18.78
C HIS A 614 21.81 -16.14 19.33
N ALA A 615 21.94 -15.00 18.62
CA ALA A 615 22.85 -13.96 19.06
C ALA A 615 22.49 -13.43 20.44
N GLU A 616 21.21 -13.05 20.64
CA GLU A 616 20.85 -12.47 21.92
C GLU A 616 20.85 -13.52 23.03
N VAL A 617 20.50 -14.77 22.70
CA VAL A 617 20.54 -15.82 23.70
C VAL A 617 21.96 -16.02 24.21
N ALA A 618 22.92 -16.12 23.29
CA ALA A 618 24.31 -16.29 23.71
C ALA A 618 24.88 -15.03 24.35
N ALA A 619 24.34 -13.85 24.00
CA ALA A 619 24.77 -12.62 24.65
C ALA A 619 24.34 -12.59 26.11
N ASP A 620 23.07 -12.89 26.36
CA ASP A 620 22.58 -12.98 27.74
C ASP A 620 23.24 -14.14 28.49
N GLU A 621 23.68 -15.17 27.78
CA GLU A 621 24.41 -16.25 28.43
C GLU A 621 25.78 -15.75 28.86
N LYS A 622 26.31 -16.39 29.91
CA LYS A 622 27.49 -15.89 30.61
C LYS A 622 28.75 -16.54 30.03
N ASP A 623 29.58 -15.74 29.36
CA ASP A 623 30.93 -16.11 28.92
C ASP A 623 30.92 -17.32 27.98
N GLN A 624 30.32 -17.10 26.81
CA GLN A 624 30.47 -18.04 25.69
C GLN A 624 30.13 -17.30 24.41
N PHE A 625 31.03 -17.37 23.44
CA PHE A 625 30.83 -16.66 22.19
C PHE A 625 29.72 -17.31 21.38
N ILE A 626 28.99 -16.48 20.63
CA ILE A 626 27.78 -16.94 19.97
C ILE A 626 28.13 -17.90 18.84
N LEU A 627 27.14 -18.72 18.47
CA LEU A 627 27.18 -19.53 17.26
C LEU A 627 28.36 -20.50 17.31
N VAL A 628 28.37 -21.34 18.35
CA VAL A 628 29.44 -22.33 18.51
C VAL A 628 29.38 -23.42 17.46
N ASP A 629 28.31 -23.47 16.67
CA ASP A 629 28.13 -24.37 15.52
C ASP A 629 27.95 -25.82 15.92
N ASP A 630 28.01 -26.14 17.22
CA ASP A 630 27.88 -27.53 17.63
C ASP A 630 26.46 -28.05 17.43
N LEU A 631 25.49 -27.41 18.06
CA LEU A 631 24.10 -27.84 17.93
C LEU A 631 23.20 -26.66 17.56
N LYS A 632 23.55 -25.46 18.03
CA LYS A 632 22.67 -24.31 17.81
C LYS A 632 22.55 -23.96 16.33
N LYS A 633 23.59 -24.23 15.55
CA LYS A 633 23.59 -24.00 14.11
C LYS A 633 23.68 -25.31 13.34
N SER A 634 22.95 -26.32 13.78
CA SER A 634 23.06 -27.65 13.20
C SER A 634 21.74 -28.20 12.68
N TRP A 635 20.62 -27.97 13.38
CA TRP A 635 19.36 -28.60 12.96
C TRP A 635 18.91 -28.09 11.60
N GLN A 636 19.00 -26.77 11.38
CA GLN A 636 18.55 -26.21 10.11
C GLN A 636 19.41 -26.71 8.96
N ILE A 637 20.73 -26.80 9.16
CA ILE A 637 21.61 -27.33 8.12
C ILE A 637 21.29 -28.79 7.85
N LYS A 638 21.10 -29.58 8.92
CA LYS A 638 20.82 -31.00 8.77
C LYS A 638 19.53 -31.25 8.03
N GLY A 639 18.40 -30.87 8.63
CA GLY A 639 17.11 -31.08 8.01
C GLY A 639 16.83 -32.53 7.65
N ILE A 640 17.14 -33.46 8.56
CA ILE A 640 17.07 -34.88 8.28
C ILE A 640 15.76 -35.44 8.84
N TYR A 641 15.05 -36.21 8.01
CA TYR A 641 13.82 -36.88 8.38
C TYR A 641 13.57 -37.87 7.24
N PRO A 642 12.66 -38.84 7.38
CA PRO A 642 12.49 -39.83 6.30
C PRO A 642 11.93 -39.31 4.99
N TRP A 643 11.92 -37.99 4.76
CA TRP A 643 11.63 -37.46 3.43
C TRP A 643 12.41 -38.20 2.35
N LEU A 644 13.73 -38.31 2.54
CA LEU A 644 14.57 -38.95 1.53
C LEU A 644 14.26 -40.42 1.38
N LYS A 645 13.92 -41.11 2.47
CA LYS A 645 13.59 -42.52 2.38
C LYS A 645 12.29 -42.73 1.62
N ARG A 646 11.27 -41.89 1.91
CA ARG A 646 10.03 -41.95 1.14
C ARG A 646 10.26 -41.67 -0.33
N LYS A 647 11.11 -40.67 -0.60
CA LYS A 647 11.42 -40.30 -2.01
C LYS A 647 12.05 -41.51 -2.70
N LEU A 648 13.07 -42.11 -2.08
CA LEU A 648 13.76 -43.24 -2.69
C LEU A 648 12.82 -44.42 -2.90
N GLU A 649 11.94 -44.69 -1.91
CA GLU A 649 10.98 -45.77 -2.06
C GLU A 649 10.02 -45.51 -3.21
N ASP A 650 9.59 -44.26 -3.37
CA ASP A 650 8.71 -43.92 -4.49
C ASP A 650 9.43 -44.13 -5.83
N LEU A 651 10.69 -43.68 -5.94
CA LEU A 651 11.41 -43.87 -7.19
C LEU A 651 11.63 -45.34 -7.51
N ILE A 652 11.98 -46.15 -6.51
CA ILE A 652 12.20 -47.56 -6.78
C ILE A 652 10.87 -48.25 -7.10
N SER A 653 9.76 -47.78 -6.53
CA SER A 653 8.45 -48.29 -6.91
C SER A 653 8.14 -47.97 -8.36
N GLU A 654 8.44 -46.75 -8.80
CA GLU A 654 8.21 -46.35 -10.19
C GLU A 654 9.48 -46.60 -10.99
N LYS A 655 9.63 -47.84 -11.45
CA LYS A 655 10.79 -48.25 -12.23
C LYS A 655 10.32 -48.99 -13.47
N LYS A 656 11.10 -48.86 -14.55
CA LYS A 656 10.74 -49.48 -15.83
C LYS A 656 12.01 -49.71 -16.64
N ILE A 657 11.88 -50.54 -17.67
CA ILE A 657 12.99 -50.82 -18.56
C ILE A 657 13.32 -49.57 -19.37
N ALA A 658 14.58 -49.49 -19.82
CA ALA A 658 15.05 -48.29 -20.51
C ALA A 658 14.30 -48.05 -21.80
N ALA A 659 14.23 -49.06 -22.66
CA ALA A 659 13.60 -48.90 -23.96
C ALA A 659 13.16 -50.26 -24.49
N ILE A 660 12.27 -50.22 -25.48
CA ILE A 660 11.75 -51.41 -26.12
C ILE A 660 12.10 -51.33 -27.61
N PRO A 661 12.69 -52.36 -28.19
CA PRO A 661 13.02 -52.31 -29.63
C PRO A 661 11.76 -52.32 -30.48
N MET A 662 11.89 -51.81 -31.70
CA MET A 662 10.80 -51.73 -32.64
C MET A 662 10.97 -52.80 -33.72
N PRO A 663 10.21 -53.90 -33.68
CA PRO A 663 10.31 -54.89 -34.75
C PRO A 663 9.76 -54.34 -36.06
N LYS A 664 10.47 -54.66 -37.15
CA LYS A 664 10.03 -54.22 -38.46
C LYS A 664 8.80 -54.96 -38.97
N TYR A 665 8.39 -56.02 -38.28
CA TYR A 665 7.18 -56.73 -38.67
C TYR A 665 5.97 -55.81 -38.60
N LYS A 666 5.05 -55.98 -39.53
CA LYS A 666 3.85 -55.14 -39.67
C LYS A 666 4.31 -53.69 -39.85
N LEU A 667 3.52 -52.73 -39.35
CA LEU A 667 3.91 -51.33 -39.46
C LEU A 667 5.12 -51.03 -38.59
N GLY A 668 5.10 -51.47 -37.34
CA GLY A 668 6.25 -51.31 -36.47
C GLY A 668 6.31 -49.98 -35.73
N LYS A 669 7.06 -49.03 -36.29
CA LYS A 669 7.33 -47.78 -35.59
C LYS A 669 6.06 -46.96 -35.38
N LEU A 670 5.15 -46.96 -36.34
CA LEU A 670 3.93 -46.17 -36.20
C LEU A 670 3.08 -46.68 -35.03
N MET A 671 2.84 -47.99 -34.99
CA MET A 671 2.07 -48.57 -33.91
C MET A 671 2.79 -48.43 -32.57
N TYR A 672 4.12 -48.59 -32.57
CA TYR A 672 4.88 -48.44 -31.34
C TYR A 672 4.76 -47.02 -30.78
N LYS A 673 4.89 -46.01 -31.65
CA LYS A 673 4.80 -44.63 -31.19
C LYS A 673 3.38 -44.26 -30.79
N ILE A 674 2.37 -44.85 -31.44
CA ILE A 674 1.00 -44.58 -31.02
C ILE A 674 0.71 -45.23 -29.67
N CYS A 675 1.35 -46.36 -29.37
CA CYS A 675 1.16 -47.00 -28.07
C CYS A 675 1.97 -46.32 -26.98
N HIS A 676 3.12 -45.73 -27.30
CA HIS A 676 3.98 -45.09 -26.32
C HIS A 676 3.71 -43.60 -26.16
N HIS A 677 2.74 -43.04 -26.87
CA HIS A 677 2.48 -41.61 -26.77
C HIS A 677 1.77 -41.27 -25.47
N MET A 678 1.94 -40.02 -25.03
CA MET A 678 1.26 -39.55 -23.83
C MET A 678 -0.26 -39.45 -24.03
N ALA A 679 -0.71 -39.32 -25.29
CA ALA A 679 -2.13 -39.33 -25.55
C ALA A 679 -2.78 -40.62 -25.08
N PHE A 680 -2.06 -41.73 -25.15
CA PHE A 680 -2.60 -43.02 -24.71
C PHE A 680 -3.02 -42.96 -23.24
N GLU A 681 -2.09 -42.55 -22.37
CA GLU A 681 -2.42 -42.45 -20.95
C GLU A 681 -3.41 -41.34 -20.69
N VAL A 682 -3.41 -40.29 -21.52
CA VAL A 682 -4.39 -39.21 -21.35
C VAL A 682 -5.81 -39.77 -21.54
N THR A 683 -6.02 -40.52 -22.63
CA THR A 683 -7.36 -41.08 -22.87
C THR A 683 -7.70 -42.17 -21.85
N ILE A 684 -6.73 -42.96 -21.41
CA ILE A 684 -7.08 -43.99 -20.42
C ILE A 684 -7.48 -43.34 -19.10
N ASN A 685 -6.79 -42.26 -18.71
CA ASN A 685 -7.16 -41.54 -17.49
C ASN A 685 -8.54 -40.93 -17.64
N ILE A 686 -8.81 -40.31 -18.80
CA ILE A 686 -10.13 -39.71 -19.03
C ILE A 686 -11.22 -40.77 -18.97
N ALA A 687 -10.98 -41.92 -19.58
CA ALA A 687 -11.97 -43.00 -19.57
C ALA A 687 -12.24 -43.46 -18.14
N ILE A 688 -11.20 -43.58 -17.31
CA ILE A 688 -11.40 -44.01 -15.93
C ILE A 688 -12.22 -42.96 -15.16
N VAL A 689 -11.83 -41.69 -15.27
CA VAL A 689 -12.51 -40.69 -14.44
C VAL A 689 -13.96 -40.53 -14.88
N LEU A 690 -14.24 -40.74 -16.18
CA LEU A 690 -15.62 -40.71 -16.63
C LEU A 690 -16.32 -42.05 -16.42
N ASN A 691 -15.57 -43.09 -16.00
CA ASN A 691 -16.14 -44.33 -15.49
C ASN A 691 -16.52 -44.22 -14.03
N ILE A 692 -15.99 -43.22 -13.33
CA ILE A 692 -16.42 -43.00 -11.94
C ILE A 692 -17.91 -42.72 -11.90
N VAL A 693 -18.45 -42.08 -12.93
CA VAL A 693 -19.87 -41.76 -12.99
C VAL A 693 -20.64 -43.08 -13.04
N PRO A 694 -20.50 -43.93 -14.08
CA PRO A 694 -21.33 -45.13 -14.09
C PRO A 694 -21.13 -46.00 -12.86
N ILE A 695 -19.89 -46.17 -12.38
CA ILE A 695 -19.70 -47.01 -11.18
C ILE A 695 -20.47 -46.42 -9.98
N ILE A 696 -20.53 -45.10 -9.92
CA ILE A 696 -21.30 -44.44 -8.82
C ILE A 696 -22.79 -44.77 -8.94
N MET A 697 -23.37 -44.65 -10.14
CA MET A 697 -24.85 -44.84 -10.29
C MET A 697 -25.29 -46.26 -9.91
N GLU A 698 -24.71 -47.28 -10.55
CA GLU A 698 -25.03 -48.69 -10.22
C GLU A 698 -24.98 -48.84 -8.69
N PHE A 699 -23.89 -48.39 -8.06
CA PHE A 699 -23.82 -48.43 -6.58
C PHE A 699 -25.05 -47.73 -6.02
N VAL A 700 -25.38 -46.55 -6.56
CA VAL A 700 -26.58 -45.84 -6.13
C VAL A 700 -27.79 -46.74 -6.27
N VAL A 701 -27.94 -47.35 -7.45
CA VAL A 701 -29.06 -48.27 -7.69
C VAL A 701 -28.97 -49.45 -6.74
N GLN A 702 -27.76 -49.90 -6.44
CA GLN A 702 -27.59 -50.98 -5.46
C GLN A 702 -28.14 -50.56 -4.11
N ASP A 703 -27.83 -49.35 -3.66
CA ASP A 703 -28.31 -48.88 -2.36
C ASP A 703 -29.72 -48.31 -2.45
N LYS A 704 -30.38 -48.42 -3.60
CA LYS A 704 -31.75 -47.95 -3.77
C LYS A 704 -32.73 -49.08 -3.53
N SER A 723 -40.78 -46.42 -15.73
CA SER A 723 -39.89 -46.65 -16.87
C SER A 723 -38.49 -46.10 -16.58
N SER A 724 -38.38 -45.35 -15.48
CA SER A 724 -37.07 -44.79 -15.10
C SER A 724 -36.08 -45.90 -14.79
N LEU A 725 -36.50 -46.90 -14.02
CA LEU A 725 -35.61 -48.03 -13.73
C LEU A 725 -35.29 -48.81 -15.00
N GLN A 726 -36.27 -48.95 -15.89
CA GLN A 726 -36.04 -49.67 -17.14
C GLN A 726 -34.98 -48.98 -17.99
N LYS A 727 -35.07 -47.66 -18.14
CA LYS A 727 -34.04 -46.95 -18.89
C LYS A 727 -32.71 -46.94 -18.15
N ILE A 728 -32.74 -46.96 -16.82
CA ILE A 728 -31.50 -47.02 -16.05
C ILE A 728 -30.76 -48.32 -16.33
N GLU A 729 -31.48 -49.44 -16.31
CA GLU A 729 -30.81 -50.72 -16.58
C GLU A 729 -30.48 -50.87 -18.07
N ASP A 730 -31.23 -50.19 -18.94
CA ASP A 730 -30.92 -50.21 -20.36
C ASP A 730 -29.60 -49.50 -20.65
N ALA A 731 -29.37 -48.34 -20.04
CA ALA A 731 -28.14 -47.59 -20.31
C ALA A 731 -26.94 -48.14 -19.54
N LEU A 732 -27.09 -48.29 -18.22
CA LEU A 732 -26.01 -48.74 -17.35
C LEU A 732 -25.27 -49.94 -17.95
N ARG A 733 -26.06 -50.82 -18.58
CA ARG A 733 -25.49 -52.05 -19.18
C ARG A 733 -24.77 -51.61 -20.45
N ILE A 734 -25.32 -50.60 -21.11
CA ILE A 734 -24.60 -50.05 -22.29
C ILE A 734 -23.28 -49.50 -21.77
N SER A 735 -23.27 -48.97 -20.55
CA SER A 735 -22.03 -48.34 -20.01
C SER A 735 -20.90 -49.36 -19.92
N ASN A 736 -21.17 -50.58 -19.47
CA ASN A 736 -20.08 -51.57 -19.26
C ASN A 736 -19.73 -52.27 -20.58
N TYR A 737 -20.66 -52.35 -21.53
CA TYR A 737 -20.43 -53.07 -22.78
C TYR A 737 -19.61 -52.25 -23.78
N VAL A 738 -19.37 -50.98 -23.48
CA VAL A 738 -18.54 -50.10 -24.28
C VAL A 738 -17.16 -49.93 -23.66
N PHE A 739 -17.11 -49.71 -22.36
CA PHE A 739 -15.83 -49.56 -21.66
C PHE A 739 -15.00 -50.82 -21.74
N PHE A 740 -15.64 -51.99 -21.64
CA PHE A 740 -14.93 -53.25 -21.76
C PHE A 740 -14.27 -53.36 -23.13
N VAL A 741 -15.00 -52.99 -24.18
CA VAL A 741 -14.45 -53.03 -25.53
C VAL A 741 -13.31 -52.03 -25.66
N ILE A 742 -13.43 -50.87 -25.01
CA ILE A 742 -12.36 -49.87 -25.07
C ILE A 742 -11.10 -50.41 -24.42
N TYR A 743 -11.24 -51.07 -23.27
CA TYR A 743 -10.08 -51.68 -22.61
C TYR A 743 -9.48 -52.79 -23.47
N ALA A 744 -10.34 -53.56 -24.13
CA ALA A 744 -9.84 -54.58 -25.05
C ALA A 744 -9.04 -53.96 -26.20
N ILE A 745 -9.53 -52.82 -26.70
CA ILE A 745 -8.84 -52.12 -27.78
C ILE A 745 -7.49 -51.64 -27.27
N GLU A 746 -7.42 -51.11 -26.05
CA GLU A 746 -6.15 -50.69 -25.49
C GLU A 746 -5.21 -51.90 -25.43
N ALA A 747 -5.72 -53.00 -24.88
CA ALA A 747 -4.85 -54.19 -24.71
C ALA A 747 -4.13 -54.53 -26.01
N ILE A 748 -4.87 -54.63 -27.13
CA ILE A 748 -4.24 -55.06 -28.41
C ILE A 748 -3.09 -54.10 -28.75
N VAL A 749 -3.20 -52.83 -28.38
CA VAL A 749 -2.10 -51.84 -28.64
C VAL A 749 -1.03 -51.98 -27.56
N LYS A 750 -1.43 -52.08 -26.29
CA LYS A 750 -0.44 -52.12 -25.18
C LYS A 750 0.34 -53.43 -25.18
N ILE A 751 -0.28 -54.53 -25.63
CA ILE A 751 0.42 -55.85 -25.69
C ILE A 751 1.22 -55.90 -27.00
N LEU A 752 0.53 -55.87 -28.14
CA LEU A 752 1.22 -55.96 -29.45
C LEU A 752 2.18 -54.77 -29.59
N GLY A 753 3.33 -54.98 -30.25
CA GLY A 753 4.32 -53.90 -30.35
C GLY A 753 5.14 -53.84 -29.06
N LEU A 754 4.76 -54.65 -28.07
CA LEU A 754 5.52 -54.70 -26.80
C LEU A 754 6.01 -56.14 -26.58
N GLY A 755 5.48 -57.08 -27.38
CA GLY A 755 5.86 -58.50 -27.21
C GLY A 755 5.53 -59.00 -25.81
N ARG A 756 6.48 -59.68 -25.17
CA ARG A 756 6.26 -60.21 -23.80
C ARG A 756 6.19 -59.04 -22.81
N HIS A 757 6.84 -57.92 -23.12
CA HIS A 757 6.86 -56.75 -22.20
C HIS A 757 5.51 -56.61 -21.52
N TYR A 758 4.41 -56.95 -22.21
CA TYR A 758 3.11 -56.92 -21.57
C TYR A 758 3.19 -57.33 -20.11
N ILE A 759 3.98 -58.36 -19.82
CA ILE A 759 4.12 -58.88 -18.46
C ILE A 759 5.39 -58.42 -17.77
N VAL A 760 6.32 -57.79 -18.48
CA VAL A 760 7.55 -57.34 -17.84
C VAL A 760 7.25 -56.27 -16.79
N SER A 761 6.41 -55.31 -17.16
CA SER A 761 6.02 -54.25 -16.21
C SER A 761 5.14 -54.86 -15.13
N HIS A 762 5.68 -54.95 -13.91
CA HIS A 762 4.94 -55.57 -12.81
C HIS A 762 3.65 -54.82 -12.49
N TRP A 763 3.61 -53.52 -12.76
CA TRP A 763 2.37 -52.76 -12.59
C TRP A 763 1.39 -53.07 -13.70
N ASN A 764 1.88 -53.15 -14.94
CA ASN A 764 1.01 -53.39 -16.09
C ASN A 764 0.33 -54.75 -16.02
N LYS A 765 0.83 -55.67 -15.20
CA LYS A 765 0.17 -56.95 -15.00
C LYS A 765 -1.23 -56.75 -14.43
N PHE A 766 -1.42 -55.66 -13.69
CA PHE A 766 -2.74 -55.36 -13.14
C PHE A 766 -3.75 -55.09 -14.25
N ASP A 767 -3.28 -54.56 -15.39
CA ASP A 767 -4.21 -54.31 -16.49
C ASP A 767 -4.75 -55.61 -17.07
N ALA A 768 -3.95 -56.67 -17.10
CA ALA A 768 -4.47 -57.95 -17.59
C ALA A 768 -5.57 -58.45 -16.68
N PHE A 769 -5.37 -58.32 -15.37
CA PHE A 769 -6.32 -58.82 -14.39
C PHE A 769 -7.67 -58.13 -14.53
N ILE A 770 -7.68 -56.80 -14.63
CA ILE A 770 -8.96 -56.08 -14.72
C ILE A 770 -9.79 -56.63 -15.87
N LEU A 771 -9.19 -56.82 -17.04
CA LEU A 771 -9.97 -57.33 -18.17
C LEU A 771 -10.42 -58.76 -17.93
N VAL A 772 -9.51 -59.62 -17.43
CA VAL A 772 -9.94 -61.00 -17.14
C VAL A 772 -11.12 -61.02 -16.18
N VAL A 773 -11.08 -60.21 -15.12
CA VAL A 773 -12.20 -60.24 -14.17
C VAL A 773 -13.46 -59.75 -14.86
N ALA A 774 -13.32 -58.67 -15.62
CA ALA A 774 -14.41 -58.06 -16.38
C ALA A 774 -15.17 -59.14 -17.13
N LEU A 775 -14.49 -59.76 -18.10
CA LEU A 775 -15.15 -60.77 -18.93
C LEU A 775 -15.60 -61.99 -18.12
N VAL A 776 -14.78 -62.46 -17.18
CA VAL A 776 -15.11 -63.67 -16.42
C VAL A 776 -16.38 -63.47 -15.60
N ASP A 777 -16.63 -62.25 -15.14
CA ASP A 777 -17.81 -61.92 -14.34
C ASP A 777 -18.82 -61.10 -15.16
N ILE A 778 -18.91 -61.40 -16.45
CA ILE A 778 -19.90 -60.71 -17.34
C ILE A 778 -20.60 -61.77 -18.19
N ILE A 779 -19.89 -62.85 -18.52
CA ILE A 779 -20.48 -63.92 -19.39
C ILE A 779 -20.62 -65.22 -18.57
N ILE A 780 -19.59 -65.59 -17.81
CA ILE A 780 -19.62 -66.87 -17.04
C ILE A 780 -20.36 -66.63 -15.72
N ALA A 781 -20.43 -65.37 -15.29
CA ALA A 781 -21.14 -65.04 -14.03
C ALA A 781 -22.48 -64.38 -14.37
N GLU A 782 -22.56 -63.68 -15.51
CA GLU A 782 -23.80 -62.95 -15.87
C GLU A 782 -24.35 -63.53 -17.17
N THR A 783 -25.56 -63.13 -17.57
CA THR A 783 -26.20 -63.66 -18.81
C THR A 783 -26.00 -65.18 -18.87
N LEU A 784 -26.66 -65.92 -17.98
CA LEU A 784 -26.54 -67.40 -17.96
C LEU A 784 -27.51 -68.02 -18.97
N LEU A 785 -26.99 -68.84 -19.90
CA LEU A 785 -27.87 -69.57 -20.85
C LEU A 785 -27.22 -70.90 -21.23
N LYS A 786 -26.23 -71.37 -20.44
CA LYS A 786 -25.48 -72.61 -20.80
C LYS A 786 -25.24 -73.49 -19.56
N GLY A 787 -25.01 -72.89 -18.39
CA GLY A 787 -24.73 -73.63 -17.17
C GLY A 787 -23.88 -72.83 -16.21
N SER A 788 -22.71 -73.36 -15.86
CA SER A 788 -21.73 -72.72 -14.98
C SER A 788 -22.32 -72.55 -13.59
N ILE A 789 -22.53 -71.33 -13.09
CA ILE A 789 -23.04 -71.15 -11.74
C ILE A 789 -24.48 -71.62 -11.62
N THR A 790 -25.33 -71.23 -12.59
CA THR A 790 -26.75 -71.62 -12.61
C THR A 790 -27.44 -71.43 -11.26
N ILE A 791 -27.61 -72.53 -10.53
CA ILE A 791 -28.36 -72.50 -9.27
C ILE A 791 -27.57 -71.82 -8.17
N ASN A 792 -26.24 -71.95 -8.17
CA ASN A 792 -25.40 -71.35 -7.15
C ASN A 792 -25.75 -69.89 -6.93
N LEU A 793 -25.69 -69.45 -5.67
CA LEU A 793 -26.12 -68.10 -5.34
C LEU A 793 -25.02 -67.11 -5.70
N SER A 794 -24.65 -67.11 -6.95
CA SER A 794 -23.62 -66.15 -7.44
C SER A 794 -24.31 -65.01 -8.20
N SER A 795 -23.51 -64.20 -8.90
CA SER A 795 -24.08 -63.02 -9.62
C SER A 795 -25.39 -63.40 -10.32
N ILE A 796 -25.52 -64.65 -10.76
CA ILE A 796 -26.77 -65.12 -11.43
C ILE A 796 -27.95 -64.63 -10.58
N LYS A 797 -27.90 -64.90 -9.27
CA LYS A 797 -28.94 -64.36 -8.36
C LYS A 797 -28.34 -63.15 -7.66
N VAL A 798 -27.03 -62.92 -7.89
CA VAL A 798 -26.35 -61.75 -7.26
C VAL A 798 -26.19 -60.66 -8.33
N VAL A 799 -24.96 -60.44 -8.82
CA VAL A 799 -24.73 -59.32 -9.78
C VAL A 799 -24.86 -58.02 -8.99
N LYS A 800 -25.97 -57.88 -8.25
CA LYS A 800 -26.17 -56.68 -7.40
C LYS A 800 -24.91 -56.52 -6.56
N LEU A 801 -24.11 -57.58 -6.45
CA LEU A 801 -22.84 -57.53 -5.68
C LEU A 801 -21.79 -58.33 -6.46
N PHE A 802 -20.56 -58.41 -5.93
CA PHE A 802 -19.46 -59.14 -6.62
C PHE A 802 -19.09 -58.41 -7.91
N ARG A 803 -19.95 -58.44 -8.92
CA ARG A 803 -19.54 -57.78 -10.19
C ARG A 803 -19.27 -56.30 -9.91
N LEU A 804 -19.93 -55.72 -8.90
CA LEU A 804 -19.76 -54.26 -8.66
C LEU A 804 -18.27 -53.94 -8.60
N LEU A 805 -17.43 -54.96 -8.44
CA LEU A 805 -15.96 -54.74 -8.30
C LEU A 805 -15.44 -53.88 -9.46
N ARG A 806 -16.26 -53.67 -10.49
CA ARG A 806 -15.85 -52.82 -11.63
C ARG A 806 -15.00 -51.67 -11.08
N GLY A 807 -15.42 -51.11 -9.94
CA GLY A 807 -14.70 -49.95 -9.34
C GLY A 807 -13.21 -50.19 -9.27
N LEU A 808 -12.79 -51.44 -9.09
CA LEU A 808 -11.34 -51.77 -9.07
C LEU A 808 -10.67 -51.02 -10.23
N ARG A 809 -11.43 -50.73 -11.29
CA ARG A 809 -10.88 -49.98 -12.46
C ARG A 809 -10.26 -48.67 -11.96
N MET A 810 -10.85 -48.08 -10.93
CA MET A 810 -10.34 -46.78 -10.40
C MET A 810 -8.94 -46.96 -9.80
N LEU A 811 -8.73 -48.00 -9.00
CA LEU A 811 -7.41 -48.19 -8.33
C LEU A 811 -6.30 -48.11 -9.38
N ARG A 812 -6.61 -48.20 -10.68
CA ARG A 812 -5.56 -48.22 -11.73
C ARG A 812 -4.85 -46.87 -11.82
N LEU A 813 -5.50 -45.79 -11.34
CA LEU A 813 -4.92 -44.43 -11.47
C LEU A 813 -3.56 -44.31 -10.75
N THR A 814 -3.45 -44.89 -9.54
CA THR A 814 -2.20 -44.77 -8.73
C THR A 814 -0.96 -44.66 -9.63
N LYS A 815 -0.82 -45.53 -10.62
CA LYS A 815 0.35 -45.54 -11.50
C LYS A 815 0.74 -44.12 -11.89
N ALA A 816 -0.24 -43.28 -12.23
CA ALA A 816 0.00 -41.88 -12.53
C ALA A 816 -0.01 -41.00 -11.28
N LEU A 817 -0.61 -41.46 -10.19
CA LEU A 817 -0.67 -40.69 -8.95
C LEU A 817 0.65 -40.73 -8.19
N ILE A 818 1.45 -41.77 -8.39
CA ILE A 818 2.71 -41.89 -7.66
C ILE A 818 3.65 -40.73 -7.92
N PRO A 819 3.90 -40.30 -9.18
CA PRO A 819 4.84 -39.19 -9.39
C PRO A 819 4.42 -37.89 -8.74
N LYS A 820 3.12 -37.69 -8.47
CA LYS A 820 2.69 -36.43 -7.88
C LYS A 820 3.22 -36.25 -6.46
N LEU A 821 3.24 -37.33 -5.67
CA LEU A 821 3.74 -37.20 -4.29
C LEU A 821 5.22 -36.84 -4.27
N ILE A 822 5.94 -37.20 -5.33
CA ILE A 822 7.36 -36.85 -5.39
C ILE A 822 7.50 -35.33 -5.41
N LEU A 823 6.57 -34.64 -6.07
CA LEU A 823 6.67 -33.20 -6.18
C LEU A 823 6.56 -32.55 -4.80
N VAL A 824 5.63 -33.05 -3.97
CA VAL A 824 5.43 -32.45 -2.65
C VAL A 824 6.62 -32.76 -1.74
N VAL A 825 7.18 -33.97 -1.83
CA VAL A 825 8.37 -34.27 -1.04
C VAL A 825 9.54 -33.37 -1.48
N ASN A 826 9.69 -33.20 -2.79
CA ASN A 826 10.73 -32.31 -3.30
C ASN A 826 10.52 -30.89 -2.81
N GLY A 827 9.28 -30.43 -2.75
CA GLY A 827 9.00 -29.09 -2.25
C GLY A 827 9.37 -28.93 -0.79
N LYS A 828 9.03 -29.91 0.04
CA LYS A 828 9.39 -29.82 1.46
C LYS A 828 10.91 -29.79 1.63
N ILE A 829 11.62 -30.68 0.92
CA ILE A 829 13.07 -30.70 1.02
C ILE A 829 13.65 -29.40 0.47
N ASN A 830 13.03 -28.83 -0.56
CA ASN A 830 13.48 -27.56 -1.12
C ASN A 830 13.37 -26.44 -0.08
N ASN A 831 12.26 -26.39 0.63
CA ASN A 831 12.09 -25.36 1.65
C ASN A 831 13.14 -25.51 2.75
N GLN A 832 13.35 -26.75 3.21
CA GLN A 832 14.35 -26.98 4.26
C GLN A 832 15.74 -26.59 3.79
N LEU A 833 16.10 -26.98 2.56
CA LEU A 833 17.42 -26.67 2.01
C LEU A 833 17.60 -25.17 1.84
N SER A 834 16.56 -24.46 1.38
CA SER A 834 16.65 -23.02 1.22
C SER A 834 16.87 -22.34 2.56
N LEU A 835 16.15 -22.78 3.60
CA LEU A 835 16.35 -22.18 4.92
C LEU A 835 17.78 -22.42 5.41
N GLY A 836 18.29 -23.64 5.24
CA GLY A 836 19.66 -23.92 5.67
C GLY A 836 20.68 -23.09 4.93
N TYR A 837 20.52 -22.99 3.60
CA TYR A 837 21.45 -22.19 2.80
C TYR A 837 21.43 -20.73 3.21
N ASP A 838 20.23 -20.17 3.44
CA ASP A 838 20.15 -18.78 3.85
C ASP A 838 20.84 -18.56 5.19
N VAL A 839 20.62 -19.46 6.14
CA VAL A 839 21.26 -19.33 7.45
C VAL A 839 22.78 -19.37 7.30
N GLY A 840 23.29 -20.34 6.52
CA GLY A 840 24.73 -20.46 6.37
C GLY A 840 25.36 -19.25 5.71
N LYS A 841 24.76 -18.82 4.60
CA LYS A 841 25.28 -17.63 3.90
C LYS A 841 25.31 -16.46 4.89
N GLY A 842 24.16 -16.18 5.52
CA GLY A 842 24.11 -15.04 6.43
C GLY A 842 25.19 -15.09 7.49
N TYR A 843 25.40 -16.28 8.07
CA TYR A 843 26.45 -16.42 9.07
C TYR A 843 27.82 -16.10 8.49
N ILE A 844 28.11 -16.62 7.29
CA ILE A 844 29.43 -16.39 6.69
C ILE A 844 29.65 -14.91 6.43
N ILE A 845 28.66 -14.24 5.82
CA ILE A 845 28.82 -12.83 5.51
C ILE A 845 28.99 -12.01 6.79
N GLY A 846 28.16 -12.30 7.80
CA GLY A 846 28.29 -11.60 9.06
C GLY A 846 29.65 -11.79 9.69
N GLU A 847 30.19 -13.00 9.61
CA GLU A 847 31.51 -13.26 10.19
C GLU A 847 32.60 -12.48 9.45
N GLU A 848 32.64 -12.41 8.20
CA GLU A 848 33.69 -11.65 7.48
C GLU A 848 33.57 -10.17 7.86
N GLU A 849 32.38 -9.59 7.74
CA GLU A 849 32.21 -8.15 8.07
C GLU A 849 32.67 -7.94 9.52
N VAL A 850 32.24 -8.80 10.44
CA VAL A 850 32.59 -8.62 11.84
C VAL A 850 34.10 -8.70 12.03
N GLY A 851 34.75 -9.53 11.21
CA GLY A 851 36.22 -9.67 11.30
C GLY A 851 36.94 -8.39 10.90
N LYS A 852 36.58 -7.82 9.77
CA LYS A 852 37.20 -6.56 9.31
C LYS A 852 36.84 -5.45 10.28
N ILE A 853 35.65 -5.53 10.93
CA ILE A 853 35.40 -4.45 11.88
C ILE A 853 36.29 -4.60 13.11
N ILE A 854 36.33 -5.79 13.70
CA ILE A 854 37.06 -6.01 14.94
C ILE A 854 38.53 -5.71 14.73
N ASP A 855 39.07 -6.06 13.56
CA ASP A 855 40.48 -5.87 13.26
C ASP A 855 40.93 -4.45 13.57
N ARG A 856 40.16 -3.46 13.11
CA ARG A 856 40.53 -2.07 13.39
C ARG A 856 39.97 -1.55 14.70
N MET A 857 38.82 -2.06 15.19
CA MET A 857 38.24 -1.41 16.37
C MET A 857 39.04 -1.76 17.62
N VAL A 858 39.46 -3.03 17.76
CA VAL A 858 40.12 -3.45 18.99
C VAL A 858 41.57 -2.99 18.98
N ASP A 859 42.12 -2.73 20.18
CA ASP A 859 43.49 -2.31 20.35
C ASP A 859 44.44 -3.42 20.80
N ASN A 860 44.05 -4.25 21.77
CA ASN A 860 44.94 -5.29 22.26
C ASN A 860 45.13 -6.38 21.20
N LYS A 861 46.12 -7.25 21.45
CA LYS A 861 46.56 -8.24 20.48
C LYS A 861 46.11 -9.66 20.80
N LYS A 862 46.31 -10.10 22.05
CA LYS A 862 45.93 -11.48 22.41
C LYS A 862 44.42 -11.68 22.27
N ILE A 863 43.64 -10.69 22.71
CA ILE A 863 42.19 -10.77 22.54
C ILE A 863 41.85 -10.86 21.07
N LEU A 864 42.50 -10.05 20.23
CA LEU A 864 42.22 -10.08 18.80
C LEU A 864 42.52 -11.44 18.19
N ARG A 865 43.66 -12.04 18.56
CA ARG A 865 44.02 -13.34 17.99
C ARG A 865 43.04 -14.42 18.44
N GLU A 866 42.63 -14.39 19.71
CA GLU A 866 41.62 -15.36 20.15
C GLU A 866 40.31 -15.17 19.41
N LEU A 867 39.91 -13.92 19.22
CA LEU A 867 38.64 -13.63 18.54
C LEU A 867 38.66 -14.14 17.11
N LYS A 868 39.77 -13.88 16.41
CA LYS A 868 39.91 -14.36 15.03
C LYS A 868 39.95 -15.87 14.98
N HIS A 869 40.57 -16.53 15.97
CA HIS A 869 40.55 -17.98 16.01
C HIS A 869 39.12 -18.50 16.11
N ILE A 870 38.33 -17.96 17.04
CA ILE A 870 36.97 -18.45 17.22
C ILE A 870 36.12 -18.18 16.00
N SER A 871 36.35 -17.05 15.32
CA SER A 871 35.65 -16.77 14.07
C SER A 871 36.02 -17.76 12.97
N GLU A 872 37.32 -17.96 12.74
CA GLU A 872 37.78 -18.81 11.64
C GLU A 872 37.34 -20.25 11.82
N THR A 873 37.39 -20.79 13.04
CA THR A 873 36.98 -22.17 13.24
C THR A 873 35.53 -22.39 12.82
N GLY A 874 34.63 -21.53 13.30
CA GLY A 874 33.23 -21.64 12.93
C GLY A 874 33.00 -21.46 11.44
N ARG A 875 33.68 -20.49 10.84
CA ARG A 875 33.53 -20.26 9.40
C ARG A 875 33.93 -21.50 8.61
N LEU A 876 35.08 -22.09 8.93
CA LEU A 876 35.52 -23.29 8.22
C LEU A 876 34.54 -24.44 8.41
N GLN A 877 34.06 -24.64 9.64
CA GLN A 877 33.11 -25.72 9.89
C GLN A 877 31.83 -25.55 9.07
N VAL A 878 31.29 -24.33 9.04
CA VAL A 878 30.06 -24.10 8.28
C VAL A 878 30.29 -24.30 6.80
N VAL A 879 31.43 -23.83 6.27
CA VAL A 879 31.71 -24.01 4.85
C VAL A 879 31.76 -25.49 4.50
N LYS A 880 32.47 -26.27 5.31
CA LYS A 880 32.58 -27.70 5.04
C LYS A 880 31.22 -28.39 5.12
N GLU A 881 30.41 -28.04 6.13
CA GLU A 881 29.11 -28.66 6.28
C GLU A 881 28.21 -28.34 5.09
N LEU A 882 28.21 -27.08 4.63
CA LEU A 882 27.40 -26.71 3.48
C LEU A 882 27.86 -27.45 2.22
N GLY A 883 29.17 -27.57 2.03
CA GLY A 883 29.66 -28.33 0.89
C GLY A 883 29.21 -29.78 0.92
N LEU A 884 29.32 -30.42 2.09
CA LEU A 884 28.88 -31.81 2.21
C LEU A 884 27.39 -31.95 1.92
N LEU A 885 26.58 -31.02 2.44
CA LEU A 885 25.14 -31.07 2.20
C LEU A 885 24.82 -30.91 0.72
N GLN A 886 25.47 -29.97 0.05
CA GLN A 886 25.25 -29.78 -1.38
C GLN A 886 25.63 -31.03 -2.16
N ARG A 887 26.75 -31.67 -1.78
CA ARG A 887 27.13 -32.92 -2.43
C ARG A 887 26.08 -33.99 -2.20
N GLU A 888 25.55 -34.07 -0.98
CA GLU A 888 24.59 -35.14 -0.66
C GLU A 888 23.29 -34.96 -1.42
N HIS A 889 22.83 -33.72 -1.61
CA HIS A 889 21.59 -33.46 -2.35
C HIS A 889 21.90 -32.64 -3.60
N PRO A 890 22.11 -33.30 -4.74
CA PRO A 890 22.47 -32.57 -5.96
C PRO A 890 21.26 -31.98 -6.70
N GLY A 891 20.13 -32.67 -6.65
CA GLY A 891 19.00 -32.28 -7.48
C GLY A 891 18.40 -30.94 -7.11
N ILE A 892 18.22 -30.70 -5.81
CA ILE A 892 17.52 -29.50 -5.37
C ILE A 892 18.46 -28.31 -5.14
N ALA A 893 19.75 -28.58 -4.92
CA ALA A 893 20.70 -27.48 -4.74
C ALA A 893 20.77 -26.61 -6.00
N VAL A 894 20.73 -27.22 -7.17
CA VAL A 894 20.79 -26.47 -8.42
C VAL A 894 19.59 -25.55 -8.54
N SER A 895 18.40 -26.06 -8.20
CA SER A 895 17.19 -25.25 -8.24
C SER A 895 17.28 -24.09 -7.26
N VAL A 896 17.81 -24.35 -6.06
CA VAL A 896 17.93 -23.30 -5.06
C VAL A 896 18.85 -22.20 -5.56
N LYS A 897 20.04 -22.58 -6.03
CA LYS A 897 21.00 -21.56 -6.51
C LYS A 897 20.33 -20.74 -7.62
N THR A 898 19.61 -21.41 -8.53
CA THR A 898 18.99 -20.71 -9.68
C THR A 898 17.98 -19.67 -9.18
N ARG A 899 17.09 -20.05 -8.26
CA ARG A 899 16.04 -19.12 -7.80
C ARG A 899 16.69 -17.89 -7.15
N GLN A 900 17.68 -18.09 -6.28
CA GLN A 900 18.31 -16.95 -5.56
C GLN A 900 18.93 -15.99 -6.57
N ALA A 901 19.58 -16.51 -7.61
CA ALA A 901 20.20 -15.65 -8.64
C ALA A 901 19.11 -14.85 -9.37
N ILE A 902 18.08 -15.54 -9.85
CA ILE A 902 17.01 -14.84 -10.63
C ILE A 902 16.41 -13.77 -9.73
N ARG A 903 16.23 -14.08 -8.45
CA ARG A 903 15.72 -13.07 -7.50
C ARG A 903 16.74 -11.93 -7.41
N THR A 904 18.00 -12.24 -7.12
CA THR A 904 18.96 -11.14 -6.95
C THR A 904 19.01 -10.27 -8.20
N ILE A 905 19.06 -10.90 -9.38
CA ILE A 905 19.13 -10.16 -10.63
C ILE A 905 17.88 -9.30 -10.82
N LEU A 906 16.70 -9.86 -10.56
CA LEU A 906 15.47 -9.10 -10.74
C LEU A 906 15.39 -7.94 -9.76
N ASN A 907 15.83 -8.16 -8.51
CA ASN A 907 15.84 -7.09 -7.52
C ASN A 907 16.74 -5.95 -7.96
N HIS A 908 17.94 -6.28 -8.45
CA HIS A 908 18.85 -5.21 -8.90
C HIS A 908 18.29 -4.50 -10.12
N SER A 909 17.61 -5.23 -11.00
CA SER A 909 16.97 -4.59 -12.15
C SER A 909 15.88 -3.63 -11.70
N ARG A 910 15.08 -4.03 -10.70
CA ARG A 910 14.05 -3.14 -10.18
C ARG A 910 14.67 -1.89 -9.56
N GLU A 911 15.76 -2.06 -8.81
CA GLU A 911 16.43 -0.90 -8.24
C GLU A 911 16.94 0.04 -9.31
N THR A 912 17.52 -0.52 -10.38
CA THR A 912 17.98 0.31 -11.49
C THR A 912 16.83 1.05 -12.15
N ILE A 913 15.69 0.37 -12.33
CA ILE A 913 14.53 1.00 -12.93
C ILE A 913 14.03 2.14 -12.06
N HIS A 914 13.98 1.93 -10.75
CA HIS A 914 13.54 2.99 -9.84
C HIS A 914 14.48 4.18 -9.90
N GLU A 915 15.79 3.92 -9.92
CA GLU A 915 16.75 5.02 -10.01
C GLU A 915 16.59 5.78 -11.31
N LEU A 916 16.37 5.07 -12.42
CA LEU A 916 16.19 5.73 -13.71
C LEU A 916 14.94 6.58 -13.72
N GLN A 917 13.85 6.08 -13.15
CA GLN A 917 12.62 6.88 -13.06
C GLN A 917 12.83 8.10 -12.20
N GLY A 918 13.54 7.95 -11.08
CA GLY A 918 13.83 9.10 -10.24
C GLY A 918 14.70 10.13 -10.93
N ALA A 919 15.61 9.68 -11.80
CA ALA A 919 16.49 10.60 -12.52
C ALA A 919 15.75 11.47 -13.52
N GLY A 920 14.49 11.17 -13.83
CA GLY A 920 13.70 12.00 -14.72
C GLY A 920 13.74 11.60 -16.18
N LEU A 921 14.60 10.66 -16.56
CA LEU A 921 14.64 10.23 -17.95
C LEU A 921 13.38 9.47 -18.35
N LEU A 922 12.72 8.82 -17.39
CA LEU A 922 11.50 8.08 -17.63
C LEU A 922 10.38 8.64 -16.78
N ASP A 923 9.20 8.80 -17.37
CA ASP A 923 8.05 9.33 -16.65
C ASP A 923 7.41 8.20 -15.83
N GLU A 924 6.21 8.42 -15.32
CA GLU A 924 5.64 7.51 -14.34
C GLU A 924 5.07 6.24 -14.98
N MET A 925 4.42 6.34 -16.13
CA MET A 925 3.63 5.19 -16.58
C MET A 925 4.53 4.10 -17.18
N GLU A 926 5.62 4.47 -17.84
CA GLU A 926 6.56 3.48 -18.34
C GLU A 926 7.26 2.77 -17.19
N ALA A 927 7.64 3.52 -16.16
CA ALA A 927 8.24 2.89 -14.98
C ALA A 927 7.26 1.94 -14.31
N HIS A 928 5.99 2.35 -14.21
CA HIS A 928 4.98 1.48 -13.61
C HIS A 928 4.80 0.21 -14.44
N LYS A 929 4.78 0.35 -15.77
CA LYS A 929 4.64 -0.81 -16.64
C LYS A 929 5.80 -1.77 -16.48
N LEU A 930 7.03 -1.24 -16.43
CA LEU A 930 8.19 -2.12 -16.29
C LEU A 930 8.22 -2.78 -14.92
N GLU A 931 7.81 -2.05 -13.88
CA GLU A 931 7.70 -2.65 -12.55
C GLU A 931 6.67 -3.76 -12.54
N LEU A 932 5.55 -3.56 -13.23
CA LEU A 932 4.54 -4.61 -13.34
C LEU A 932 5.11 -5.84 -14.03
N THR A 933 5.86 -5.63 -15.11
CA THR A 933 6.52 -6.74 -15.78
C THR A 933 7.47 -7.48 -14.84
N VAL A 934 8.23 -6.73 -14.04
CA VAL A 934 9.19 -7.33 -13.13
C VAL A 934 8.48 -8.18 -12.08
N GLU A 935 7.40 -7.65 -11.50
CA GLU A 935 6.72 -8.43 -10.46
C GLU A 935 5.98 -9.63 -11.04
N ILE A 936 5.48 -9.52 -12.28
CA ILE A 936 4.90 -10.68 -12.94
C ILE A 936 5.97 -11.75 -13.14
N LYS A 937 7.17 -11.34 -13.55
CA LYS A 937 8.27 -12.29 -13.70
C LYS A 937 8.61 -12.96 -12.37
N MET A 938 8.62 -12.18 -11.29
CA MET A 938 8.92 -12.76 -9.98
C MET A 938 7.85 -13.76 -9.55
N LYS A 939 6.58 -13.43 -9.78
CA LYS A 939 5.51 -14.36 -9.43
C LYS A 939 5.60 -15.64 -10.26
N ARG A 940 5.94 -15.51 -11.55
CA ARG A 940 6.16 -16.70 -12.38
C ARG A 940 7.34 -17.52 -11.85
N LEU A 941 8.40 -16.85 -11.41
CA LEU A 941 9.53 -17.54 -10.79
C LEU A 941 9.07 -18.33 -9.57
N MET A 942 8.15 -17.76 -8.79
CA MET A 942 7.71 -18.41 -7.56
C MET A 942 7.13 -19.80 -7.79
N ASN A 943 6.67 -20.09 -9.01
CA ASN A 943 6.14 -21.41 -9.36
C ASN A 943 7.16 -22.28 -10.07
N ALA A 944 8.45 -22.10 -9.76
CA ALA A 944 9.49 -22.87 -10.43
C ALA A 944 9.44 -24.33 -9.99
N PRO A 945 9.92 -25.26 -10.84
CA PRO A 945 10.01 -26.65 -10.43
C PRO A 945 10.94 -26.82 -9.25
N SER A 946 10.59 -27.78 -8.37
CA SER A 946 11.35 -27.98 -7.15
C SER A 946 12.69 -28.67 -7.38
N SER A 947 12.85 -29.39 -8.49
CA SER A 947 14.07 -30.14 -8.76
C SER A 947 14.52 -29.89 -10.19
N ILE A 948 15.83 -29.82 -10.38
CA ILE A 948 16.42 -29.63 -11.70
C ILE A 948 17.59 -30.59 -11.85
N PRO A 949 17.67 -31.36 -12.93
CA PRO A 949 18.81 -32.26 -13.14
C PRO A 949 20.11 -31.48 -13.23
N PRO A 950 21.20 -32.02 -12.69
CA PRO A 950 22.48 -31.30 -12.71
C PRO A 950 22.97 -31.10 -14.13
N PRO A 951 23.59 -29.95 -14.42
CA PRO A 951 24.11 -29.73 -15.77
C PRO A 951 25.30 -30.64 -16.05
N PRO A 952 25.55 -30.95 -17.32
CA PRO A 952 26.66 -31.86 -17.65
C PRO A 952 28.00 -31.17 -17.56
N PRO A 953 29.09 -31.94 -17.53
CA PRO A 953 30.44 -31.33 -17.49
C PRO A 953 30.71 -30.40 -18.67
N GLU A 954 30.14 -30.69 -19.84
CA GLU A 954 30.31 -29.78 -20.97
C GLU A 954 29.70 -28.42 -20.67
N ASN A 955 28.51 -28.40 -20.07
CA ASN A 955 27.89 -27.14 -19.67
C ASN A 955 28.72 -26.46 -18.58
N LEU A 956 29.27 -27.24 -17.65
CA LEU A 956 30.11 -26.66 -16.62
C LEU A 956 31.33 -25.96 -17.23
N LEU A 957 31.97 -26.61 -18.19
CA LEU A 957 33.13 -26.01 -18.87
C LEU A 957 32.71 -24.78 -19.66
N LYS A 958 31.55 -24.84 -20.33
CA LYS A 958 31.09 -23.73 -21.14
C LYS A 958 30.79 -22.50 -20.29
N ASN A 959 30.23 -22.69 -19.09
CA ASN A 959 29.77 -21.52 -18.31
C ASN A 959 30.93 -20.74 -17.70
N VAL A 960 32.13 -21.30 -17.63
CA VAL A 960 33.22 -20.62 -16.94
C VAL A 960 33.42 -19.24 -17.54
N SER A 961 33.58 -18.23 -16.68
CA SER A 961 33.44 -16.84 -17.10
C SER A 961 34.53 -16.42 -18.09
N TRP A 962 35.79 -16.70 -17.78
CA TRP A 962 36.87 -16.04 -18.52
C TRP A 962 37.01 -16.56 -19.94
N LEU A 963 36.33 -17.64 -20.32
CA LEU A 963 36.34 -18.12 -21.69
C LEU A 963 34.95 -18.18 -22.30
N ALA A 964 33.92 -17.77 -21.57
CA ALA A 964 32.56 -17.80 -22.09
C ALA A 964 32.40 -16.81 -23.24
N GLY A 965 31.23 -16.85 -23.88
CA GLY A 965 30.96 -15.97 -24.99
C GLY A 965 31.25 -16.60 -26.33
N ASP A 966 32.42 -16.32 -26.88
CA ASP A 966 32.76 -16.82 -28.21
C ASP A 966 32.85 -18.34 -28.23
N MET A 967 32.63 -18.91 -29.42
CA MET A 967 32.61 -20.36 -29.58
C MET A 967 33.93 -20.93 -30.04
N LYS A 968 34.75 -20.15 -30.75
CA LYS A 968 36.03 -20.66 -31.24
C LYS A 968 36.95 -21.04 -30.09
N LEU A 969 37.07 -20.15 -29.10
CA LEU A 969 37.92 -20.44 -27.94
C LEU A 969 37.35 -21.59 -27.12
N ILE A 970 36.02 -21.66 -27.01
CA ILE A 970 35.39 -22.76 -26.28
C ILE A 970 35.73 -24.09 -26.94
N ASP A 971 35.65 -24.15 -28.27
CA ASP A 971 36.00 -25.39 -28.98
C ASP A 971 37.48 -25.71 -28.83
N PHE A 972 38.34 -24.68 -28.91
CA PHE A 972 39.78 -24.91 -28.76
C PHE A 972 40.11 -25.47 -27.39
N ILE A 973 39.46 -24.96 -26.34
CA ILE A 973 39.69 -25.46 -25.00
C ILE A 973 39.12 -26.87 -24.85
N LYS A 974 37.90 -27.10 -25.34
CA LYS A 974 37.27 -28.40 -25.23
C LYS A 974 38.04 -29.48 -25.98
N ALA A 975 38.84 -29.09 -26.99
CA ALA A 975 39.62 -30.07 -27.72
C ALA A 975 40.62 -30.78 -26.80
N ARG A 976 41.28 -30.05 -25.92
CA ARG A 976 42.27 -30.59 -24.99
C ARG A 976 41.93 -30.12 -23.58
N ALA A 977 41.09 -30.89 -22.89
CA ALA A 977 40.83 -30.68 -21.47
C ALA A 977 40.53 -32.05 -20.86
N SER A 978 41.56 -32.70 -20.34
CA SER A 978 41.41 -34.08 -19.91
C SER A 978 40.58 -34.18 -18.65
N LEU A 979 39.83 -35.27 -18.53
CA LEU A 979 39.05 -35.54 -17.33
C LEU A 979 39.86 -36.44 -16.40
N LEU A 980 39.94 -36.06 -15.13
CA LEU A 980 40.71 -36.80 -14.14
C LEU A 980 39.80 -37.20 -12.99
N HIS A 981 39.84 -38.48 -12.63
CA HIS A 981 39.08 -39.02 -11.51
C HIS A 981 40.03 -39.23 -10.33
N PHE A 982 39.63 -38.76 -9.16
CA PHE A 982 40.46 -38.87 -7.96
C PHE A 982 39.65 -39.51 -6.85
N ASP A 983 40.19 -40.58 -6.27
CA ASP A 983 39.58 -41.26 -5.14
C ASP A 983 39.72 -40.41 -3.88
N TYR A 984 38.89 -40.72 -2.89
CA TYR A 984 38.93 -39.98 -1.62
C TYR A 984 40.29 -40.06 -0.97
N GLY A 985 40.72 -38.94 -0.38
CA GLY A 985 41.98 -38.89 0.32
C GLY A 985 43.22 -39.02 -0.54
N GLU A 986 43.25 -38.33 -1.68
CA GLU A 986 44.42 -38.28 -2.55
C GLU A 986 44.98 -36.86 -2.56
N VAL A 987 46.10 -36.69 -3.27
CA VAL A 987 46.78 -35.41 -3.38
C VAL A 987 46.82 -35.03 -4.86
N ILE A 988 46.33 -33.83 -5.17
CA ILE A 988 46.30 -33.34 -6.54
C ILE A 988 47.54 -32.50 -6.81
N VAL A 989 47.72 -31.44 -6.03
CA VAL A 989 48.79 -30.47 -6.23
C VAL A 989 49.60 -30.38 -4.94
N ARG A 990 50.93 -30.44 -5.08
CA ARG A 990 51.83 -30.31 -3.95
C ARG A 990 52.33 -28.88 -3.84
N GLU A 991 52.49 -28.40 -2.61
CA GLU A 991 53.00 -27.05 -2.39
C GLU A 991 54.46 -26.95 -2.83
N GLY A 992 54.81 -25.83 -3.45
CA GLY A 992 56.15 -25.65 -3.97
C GLY A 992 56.41 -26.28 -5.32
N ASP A 993 55.39 -26.86 -5.95
CA ASP A 993 55.54 -27.49 -7.25
C ASP A 993 55.33 -26.46 -8.36
N GLU A 994 55.99 -26.70 -9.49
CA GLU A 994 55.86 -25.80 -10.63
C GLU A 994 54.45 -25.84 -11.21
N SER A 995 54.02 -24.70 -11.75
CA SER A 995 52.70 -24.62 -12.35
C SER A 995 52.62 -25.51 -13.58
N ASP A 996 51.47 -26.20 -13.72
CA ASP A 996 51.30 -27.16 -14.81
C ASP A 996 49.99 -26.92 -15.54
N GLY A 997 49.01 -26.34 -14.86
CA GLY A 997 47.72 -26.12 -15.46
C GLY A 997 46.69 -25.78 -14.40
N LEU A 998 45.43 -25.76 -14.81
CA LEU A 998 44.34 -25.46 -13.91
C LEU A 998 43.62 -26.74 -13.51
N PHE A 999 42.51 -26.59 -12.78
CA PHE A 999 41.64 -27.69 -12.42
C PHE A 999 40.24 -27.12 -12.25
N LEU A 1000 39.28 -27.63 -13.00
CA LEU A 1000 37.88 -27.23 -12.88
C LEU A 1000 37.16 -28.31 -12.09
N ILE A 1001 36.72 -27.96 -10.88
CA ILE A 1001 36.07 -28.92 -10.00
C ILE A 1001 34.67 -29.20 -10.56
N VAL A 1002 34.49 -30.38 -11.16
CA VAL A 1002 33.20 -30.74 -11.73
C VAL A 1002 32.26 -31.27 -10.64
N SER A 1003 32.77 -32.11 -9.75
CA SER A 1003 31.98 -32.64 -8.65
C SER A 1003 32.90 -33.02 -7.51
N GLY A 1004 32.44 -32.79 -6.29
CA GLY A 1004 33.18 -33.16 -5.09
C GLY A 1004 33.56 -31.95 -4.27
N LEU A 1005 34.42 -32.20 -3.29
CA LEU A 1005 34.95 -31.15 -2.40
C LEU A 1005 36.46 -31.28 -2.33
N VAL A 1006 37.14 -30.15 -2.27
CA VAL A 1006 38.60 -30.12 -2.13
C VAL A 1006 38.97 -29.21 -0.97
N LYS A 1007 40.01 -29.59 -0.23
CA LYS A 1007 40.51 -28.84 0.90
C LYS A 1007 41.89 -28.28 0.54
N LEU A 1008 42.03 -26.96 0.65
CA LEU A 1008 43.26 -26.26 0.33
C LEU A 1008 43.97 -25.85 1.62
N TYR A 1009 45.23 -26.23 1.74
CA TYR A 1009 46.06 -25.90 2.89
C TYR A 1009 47.34 -25.24 2.40
N GLY A 1010 47.65 -24.06 2.93
CA GLY A 1010 48.83 -23.34 2.47
C GLY A 1010 49.27 -22.31 3.47
N LYS A 1011 50.51 -21.86 3.30
CA LYS A 1011 51.13 -20.88 4.18
C LYS A 1011 51.09 -19.51 3.54
N SER A 1012 50.74 -18.49 4.33
CA SER A 1012 50.64 -17.13 3.84
C SER A 1012 51.77 -16.27 4.38
N GLU A 1030 49.92 -17.15 10.34
CA GLU A 1030 48.76 -17.24 9.47
C GLU A 1030 48.96 -18.32 8.40
N VAL A 1031 48.47 -19.52 8.69
CA VAL A 1031 48.43 -20.62 7.73
C VAL A 1031 46.98 -20.81 7.32
N PHE A 1032 46.64 -20.30 6.14
CA PHE A 1032 45.24 -20.26 5.71
C PHE A 1032 44.78 -21.62 5.21
N GLU A 1033 43.50 -21.89 5.41
CA GLU A 1033 42.86 -23.10 4.90
C GLU A 1033 41.52 -22.73 4.29
N ASP A 1034 41.08 -23.54 3.33
CA ASP A 1034 39.84 -23.24 2.63
C ASP A 1034 39.26 -24.52 2.06
N TYR A 1035 37.99 -24.43 1.64
CA TYR A 1035 37.30 -25.55 1.00
C TYR A 1035 36.64 -25.04 -0.27
N LEU A 1036 36.80 -25.79 -1.35
CA LEU A 1036 36.25 -25.42 -2.66
C LEU A 1036 35.41 -26.56 -3.21
N THR A 1037 34.49 -26.20 -4.10
CA THR A 1037 33.44 -27.10 -4.55
C THR A 1037 33.26 -26.92 -6.06
N VAL A 1038 32.13 -27.41 -6.57
CA VAL A 1038 31.84 -27.38 -8.00
C VAL A 1038 31.91 -25.95 -8.52
N GLY A 1039 32.54 -25.80 -9.69
CA GLY A 1039 32.58 -24.53 -10.38
C GLY A 1039 33.73 -23.62 -10.01
N ASN A 1040 34.74 -24.13 -9.32
CA ASN A 1040 35.90 -23.33 -8.92
C ASN A 1040 37.13 -23.80 -9.67
N VAL A 1041 37.99 -22.85 -10.04
CA VAL A 1041 39.20 -23.12 -10.80
C VAL A 1041 40.39 -22.66 -9.97
N ILE A 1042 41.38 -23.55 -9.80
CA ILE A 1042 42.59 -23.16 -9.10
C ILE A 1042 43.83 -23.52 -9.90
N GLY A 1043 44.20 -22.64 -10.83
CA GLY A 1043 45.54 -22.66 -11.40
C GLY A 1043 45.96 -21.30 -11.91
N GLU A 1044 45.13 -20.28 -11.67
CA GLU A 1044 45.22 -19.05 -12.46
C GLU A 1044 46.48 -18.27 -12.14
N MET A 1045 46.76 -18.06 -10.85
CA MET A 1045 47.93 -17.27 -10.46
C MET A 1045 49.22 -17.88 -11.02
N GLY A 1046 49.39 -19.19 -10.82
CA GLY A 1046 50.60 -19.84 -11.31
C GLY A 1046 50.69 -19.87 -12.82
N VAL A 1047 49.59 -20.20 -13.49
CA VAL A 1047 49.61 -20.29 -14.94
C VAL A 1047 49.79 -18.92 -15.58
N LEU A 1048 49.48 -17.84 -14.87
CA LEU A 1048 49.63 -16.51 -15.42
C LEU A 1048 51.00 -15.90 -15.15
N THR A 1049 51.55 -16.09 -13.95
CA THR A 1049 52.80 -15.43 -13.57
C THR A 1049 53.96 -16.38 -13.40
N LYS A 1050 53.85 -17.64 -13.83
CA LYS A 1050 54.97 -18.59 -13.84
C LYS A 1050 55.62 -18.72 -12.47
N LYS A 1051 54.80 -18.85 -11.43
CA LYS A 1051 55.31 -18.99 -10.07
C LYS A 1051 54.91 -20.34 -9.49
N PRO A 1052 55.71 -20.89 -8.58
CA PRO A 1052 55.38 -22.19 -7.98
C PRO A 1052 54.10 -22.12 -7.16
N ARG A 1053 53.41 -23.25 -7.09
CA ARG A 1053 52.16 -23.32 -6.35
C ARG A 1053 52.39 -23.07 -4.86
N ASN A 1054 51.38 -22.48 -4.22
CA ASN A 1054 51.51 -22.03 -2.83
C ASN A 1054 50.49 -22.67 -1.90
N ALA A 1055 49.72 -23.66 -2.37
CA ALA A 1055 48.67 -24.26 -1.54
C ALA A 1055 48.45 -25.69 -1.99
N THR A 1056 48.79 -26.65 -1.13
CA THR A 1056 48.51 -28.05 -1.42
C THR A 1056 47.01 -28.31 -1.29
N VAL A 1057 46.44 -28.97 -2.29
CA VAL A 1057 45.02 -29.27 -2.33
C VAL A 1057 44.85 -30.79 -2.24
N THR A 1058 44.00 -31.22 -1.32
CA THR A 1058 43.61 -32.62 -1.19
C THR A 1058 42.12 -32.74 -1.43
N CYS A 1059 41.64 -33.98 -1.53
CA CYS A 1059 40.25 -34.25 -1.91
C CYS A 1059 39.48 -34.76 -0.70
N GLU A 1060 38.32 -34.17 -0.45
CA GLU A 1060 37.46 -34.59 0.66
C GLU A 1060 36.55 -35.74 0.27
N THR A 1061 36.17 -35.84 -1.00
CA THR A 1061 35.38 -36.96 -1.51
C THR A 1061 35.98 -37.35 -2.86
N THR A 1062 35.33 -38.29 -3.54
CA THR A 1062 35.72 -38.61 -4.92
C THR A 1062 35.43 -37.41 -5.80
N VAL A 1063 36.42 -36.99 -6.58
CA VAL A 1063 36.34 -35.72 -7.30
C VAL A 1063 36.74 -35.92 -8.76
N GLN A 1064 35.96 -35.35 -9.67
CA GLN A 1064 36.28 -35.32 -11.09
C GLN A 1064 36.67 -33.90 -11.48
N VAL A 1065 37.81 -33.76 -12.15
CA VAL A 1065 38.36 -32.44 -12.46
C VAL A 1065 38.72 -32.37 -13.93
N TYR A 1066 38.84 -31.14 -14.43
CA TYR A 1066 39.23 -30.86 -15.79
C TYR A 1066 40.63 -30.27 -15.81
N PHE A 1067 41.57 -30.96 -16.47
CA PHE A 1067 42.96 -30.55 -16.52
C PHE A 1067 43.25 -29.96 -17.89
N ILE A 1068 43.71 -28.71 -17.90
CA ILE A 1068 44.10 -27.99 -19.12
C ILE A 1068 45.58 -27.64 -18.99
N THR A 1069 46.36 -28.08 -19.97
CA THR A 1069 47.82 -27.97 -19.86
C THR A 1069 48.27 -26.51 -19.99
N ALA A 1070 49.35 -26.19 -19.29
CA ALA A 1070 49.89 -24.83 -19.34
C ALA A 1070 50.39 -24.47 -20.74
N GLU A 1071 51.01 -25.43 -21.43
CA GLU A 1071 51.42 -25.18 -22.80
C GLU A 1071 50.23 -24.93 -23.71
N ASP A 1072 49.14 -25.68 -23.51
CA ASP A 1072 47.93 -25.44 -24.29
C ASP A 1072 47.37 -24.05 -24.02
N MET A 1073 47.36 -23.63 -22.76
CA MET A 1073 46.88 -22.29 -22.44
C MET A 1073 47.77 -21.22 -23.05
N ASN A 1074 49.10 -21.43 -23.03
CA ASN A 1074 50.00 -20.47 -23.66
C ASN A 1074 49.72 -20.37 -25.15
N ILE A 1075 49.50 -21.51 -25.80
CA ILE A 1075 49.15 -21.50 -27.23
C ILE A 1075 47.86 -20.75 -27.46
N ALA A 1076 46.86 -20.97 -26.60
CA ALA A 1076 45.57 -20.30 -26.77
C ALA A 1076 45.70 -18.80 -26.60
N ILE A 1077 46.41 -18.36 -25.57
CA ILE A 1077 46.53 -16.92 -25.33
C ILE A 1077 47.38 -16.26 -26.41
N ASP A 1078 48.32 -17.00 -27.00
CA ASP A 1078 49.04 -16.46 -28.15
C ASP A 1078 48.15 -16.38 -29.38
N THR A 1079 47.23 -17.34 -29.53
CA THR A 1079 46.39 -17.37 -30.72
C THR A 1079 45.33 -16.27 -30.67
N PHE A 1080 44.66 -16.09 -29.54
CA PHE A 1080 43.56 -15.15 -29.41
C PHE A 1080 44.09 -13.84 -28.86
N THR A 1081 44.13 -12.80 -29.71
CA THR A 1081 44.65 -11.48 -29.35
C THR A 1081 43.71 -10.39 -29.83
N LEU A 1082 42.41 -10.56 -29.58
CA LEU A 1082 41.41 -9.56 -29.94
C LEU A 1082 41.35 -8.50 -28.84
N TYR A 1083 40.41 -7.57 -28.95
CA TYR A 1083 40.28 -6.53 -27.93
C TYR A 1083 39.93 -7.10 -26.56
N PRO A 1084 38.91 -7.97 -26.40
CA PRO A 1084 38.75 -8.65 -25.10
C PRO A 1084 39.51 -9.97 -25.10
N SER A 1085 40.84 -9.89 -25.07
CA SER A 1085 41.69 -11.06 -25.21
C SER A 1085 41.55 -11.98 -24.00
N LEU A 1086 41.97 -13.23 -24.20
CA LEU A 1086 41.94 -14.21 -23.12
C LEU A 1086 42.83 -13.77 -21.97
N GLU A 1087 44.02 -13.29 -22.31
CA GLU A 1087 44.99 -12.84 -21.27
C GLU A 1087 44.35 -11.69 -20.48
N TYR A 1088 43.69 -10.77 -21.18
CA TYR A 1088 43.01 -9.65 -20.50
C TYR A 1088 41.95 -10.20 -19.55
N ARG A 1089 41.04 -11.03 -20.06
CA ARG A 1089 39.96 -11.54 -19.23
C ARG A 1089 40.49 -12.26 -17.99
N LEU A 1090 41.51 -13.10 -18.16
CA LEU A 1090 42.08 -13.81 -17.02
C LEU A 1090 42.67 -12.82 -16.01
N TRP A 1091 43.41 -11.82 -16.50
CA TRP A 1091 44.00 -10.85 -15.60
C TRP A 1091 42.94 -9.99 -14.92
N ARG A 1092 41.84 -9.68 -15.61
CA ARG A 1092 40.76 -8.94 -14.98
C ARG A 1092 40.14 -9.74 -13.84
N VAL A 1093 39.90 -11.04 -14.07
CA VAL A 1093 39.33 -11.88 -13.02
C VAL A 1093 40.27 -11.94 -11.82
N VAL A 1094 41.56 -12.20 -12.09
CA VAL A 1094 42.53 -12.30 -11.00
C VAL A 1094 42.64 -10.97 -10.26
N ALA A 1095 42.63 -9.85 -10.99
CA ALA A 1095 42.76 -8.54 -10.35
C ALA A 1095 41.56 -8.24 -9.47
N ILE A 1096 40.35 -8.56 -9.94
CA ILE A 1096 39.17 -8.35 -9.11
C ILE A 1096 39.25 -9.19 -7.85
N ARG A 1097 39.64 -10.47 -7.99
CA ARG A 1097 39.74 -11.34 -6.83
C ARG A 1097 40.77 -10.81 -5.83
N ILE A 1098 41.91 -10.32 -6.33
CA ILE A 1098 42.95 -9.83 -5.45
C ILE A 1098 42.53 -8.52 -4.77
N ALA A 1099 41.92 -7.62 -5.51
CA ALA A 1099 41.62 -6.28 -4.99
C ALA A 1099 40.32 -6.23 -4.18
N THR A 1100 39.50 -7.28 -4.20
CA THR A 1100 38.28 -7.26 -3.40
C THR A 1100 38.56 -7.08 -1.90
N PRO A 1101 39.48 -7.81 -1.27
CA PRO A 1101 39.69 -7.63 0.17
C PRO A 1101 40.36 -6.31 0.53
N LEU A 1102 41.11 -5.70 -0.38
CA LEU A 1102 41.88 -4.51 -0.04
C LEU A 1102 40.97 -3.33 0.27
N ILE A 1103 39.84 -3.23 -0.41
CA ILE A 1103 38.95 -2.09 -0.23
C ILE A 1103 38.34 -2.09 1.17
N MET A 1104 38.19 -3.29 1.75
CA MET A 1104 37.59 -3.41 3.11
C MET A 1104 38.41 -2.54 4.07
N GLU A 1105 39.72 -2.53 3.90
CA GLU A 1105 40.58 -1.66 4.74
C GLU A 1105 40.08 -0.22 4.62
N GLN A 1106 40.13 0.34 3.41
CA GLN A 1106 39.70 1.71 3.22
C GLN A 1106 38.30 1.94 3.77
N MET A 1107 37.47 0.91 3.82
CA MET A 1107 36.16 1.01 4.43
C MET A 1107 36.34 1.20 5.93
N ALA A 1108 36.04 2.39 6.42
CA ALA A 1108 36.18 2.72 7.84
C ALA A 1108 34.77 2.85 8.44
N PHE A 1109 34.22 1.72 8.86
CA PHE A 1109 32.88 1.65 9.46
C PHE A 1109 31.80 2.19 8.52
N GLN A 1110 32.07 2.21 7.21
CA GLN A 1110 31.11 2.73 6.24
C GLN A 1110 30.06 1.71 5.86
N GLY A 1111 30.28 0.43 6.16
CA GLY A 1111 29.28 -0.59 5.88
C GLY A 1111 28.99 -0.79 4.41
N TRP A 1112 29.96 -1.31 3.66
CA TRP A 1112 29.81 -1.58 2.24
C TRP A 1112 29.28 -2.98 1.95
N THR A 1113 29.04 -3.79 2.99
CA THR A 1113 28.36 -5.08 2.91
C THR A 1113 29.10 -6.10 2.05
N GLN A 1114 30.32 -5.76 1.61
CA GLN A 1114 31.17 -6.70 0.83
C GLN A 1114 30.60 -6.96 -0.56
N GLU A 1115 29.36 -6.56 -0.81
CA GLU A 1115 28.72 -6.75 -2.11
C GLU A 1115 28.70 -5.47 -2.95
N LYS A 1116 28.39 -4.34 -2.32
CA LYS A 1116 28.42 -3.07 -3.04
C LYS A 1116 29.82 -2.78 -3.58
N VAL A 1117 30.85 -3.15 -2.81
CA VAL A 1117 32.22 -2.97 -3.28
C VAL A 1117 32.48 -3.83 -4.50
N LYS A 1118 31.98 -5.08 -4.50
CA LYS A 1118 32.17 -5.94 -5.67
C LYS A 1118 31.47 -5.36 -6.89
N LEU A 1119 30.23 -4.88 -6.70
CA LEU A 1119 29.51 -4.27 -7.83
C LEU A 1119 30.31 -3.08 -8.35
N HIS A 1120 30.75 -2.19 -7.45
CA HIS A 1120 31.47 -0.99 -7.87
C HIS A 1120 32.77 -1.35 -8.58
N LEU A 1121 33.48 -2.37 -8.09
CA LEU A 1121 34.73 -2.77 -8.71
C LEU A 1121 34.50 -3.40 -10.08
N GLU A 1122 33.35 -4.08 -10.23
CA GLU A 1122 33.03 -4.75 -11.52
C GLU A 1122 32.95 -3.69 -12.62
N ARG A 1123 32.52 -2.48 -12.28
CA ARG A 1123 32.38 -1.39 -13.29
C ARG A 1123 33.76 -1.06 -13.87
N GLY A 1124 34.81 -1.14 -13.05
CA GLY A 1124 36.17 -0.79 -13.51
C GLY A 1124 36.67 -1.71 -14.60
N TYR A 1125 37.66 -1.28 -15.37
CA TYR A 1125 38.22 -2.10 -16.48
C TYR A 1125 39.75 -2.13 -16.41
N LEU A 1126 40.36 -3.14 -17.10
CA LEU A 1126 41.83 -3.17 -17.14
C LEU A 1126 42.29 -2.40 -18.37
N VAL A 1127 43.03 -1.32 -18.13
CA VAL A 1127 43.48 -0.46 -19.23
C VAL A 1127 44.75 -1.05 -19.83
N ASP A 1128 44.85 -1.00 -21.15
CA ASP A 1128 46.01 -1.53 -21.86
C ASP A 1128 47.16 -0.53 -21.75
N LEU A 1129 48.27 -0.99 -21.16
CA LEU A 1129 49.47 -0.15 -21.03
C LEU A 1129 50.25 -0.21 -22.33
N ALA A 1130 49.69 0.46 -23.35
CA ALA A 1130 50.31 0.45 -24.67
C ALA A 1130 51.67 1.13 -24.65
N GLU A 1131 51.79 2.24 -23.92
CA GLU A 1131 53.04 2.99 -23.86
C GLU A 1131 53.45 3.20 -22.41
N SER A 1132 54.76 3.26 -22.20
CA SER A 1132 55.34 3.43 -20.88
C SER A 1132 55.92 4.81 -20.63
N HIS A 1133 56.35 5.50 -21.68
CA HIS A 1133 56.93 6.83 -21.52
C HIS A 1133 55.89 7.86 -21.06
N PHE A 1134 54.60 7.57 -21.26
CA PHE A 1134 53.56 8.47 -20.81
C PHE A 1134 53.47 8.48 -19.28
N GLN A 1135 52.77 9.47 -18.76
CA GLN A 1135 52.48 9.57 -17.33
C GLN A 1135 50.97 9.54 -17.13
N PHE A 1136 50.50 8.56 -16.37
CA PHE A 1136 49.07 8.39 -16.13
C PHE A 1136 48.57 9.44 -15.16
N ASN A 1137 47.60 10.23 -15.59
CA ASN A 1137 46.94 11.21 -14.75
C ASN A 1137 45.74 10.58 -14.04
N ILE A 1138 45.33 11.20 -12.94
CA ILE A 1138 44.22 10.72 -12.14
C ILE A 1138 43.22 11.89 -12.04
N ASP A 1139 42.27 11.93 -12.96
CA ASP A 1139 41.24 12.95 -12.96
C ASP A 1139 40.12 12.55 -12.00
N ALA A 1140 39.06 13.34 -11.94
CA ALA A 1140 37.97 13.07 -11.02
C ALA A 1140 37.18 11.83 -11.40
N THR A 1141 37.18 11.45 -12.68
CA THR A 1141 36.40 10.29 -13.11
C THR A 1141 37.06 8.98 -12.70
N LEU A 1142 38.38 8.96 -12.55
CA LEU A 1142 39.09 7.72 -12.25
C LEU A 1142 38.94 7.28 -10.80
N GLU A 1143 38.55 8.18 -9.91
CA GLU A 1143 38.33 7.85 -8.50
C GLU A 1143 39.57 7.18 -7.89
N ASP A 1144 39.55 5.86 -7.82
CA ASP A 1144 40.63 5.08 -7.23
C ASP A 1144 41.16 4.07 -8.24
N VAL A 1145 42.45 3.78 -8.16
CA VAL A 1145 43.12 2.83 -9.04
C VAL A 1145 43.94 1.88 -8.19
N ILE A 1146 44.17 0.68 -8.75
CA ILE A 1146 44.92 -0.37 -8.07
C ILE A 1146 45.92 -0.97 -9.06
N LEU A 1147 47.12 -1.28 -8.56
CA LEU A 1147 48.17 -1.90 -9.35
C LEU A 1147 48.39 -3.32 -8.84
N ILE A 1148 48.51 -4.27 -9.76
CA ILE A 1148 48.63 -5.69 -9.42
C ILE A 1148 49.96 -6.28 -9.90
N ASN A 1149 50.36 -5.95 -11.13
CA ASN A 1149 51.55 -6.53 -11.73
C ASN A 1149 52.50 -5.43 -12.17
N GLY A 1150 53.80 -5.63 -11.94
CA GLY A 1150 54.80 -4.65 -12.32
C GLY A 1150 55.31 -3.85 -11.13
N THR A 1151 55.73 -2.61 -11.38
CA THR A 1151 56.17 -1.73 -10.31
C THR A 1151 55.88 -0.29 -10.72
N ALA A 1152 55.85 0.58 -9.71
CA ALA A 1152 55.46 1.97 -9.90
C ALA A 1152 56.40 2.89 -9.14
N TYR A 1153 56.42 4.16 -9.55
CA TYR A 1153 57.21 5.18 -8.89
C TYR A 1153 56.36 6.43 -8.69
N ASN A 1154 56.56 7.09 -7.56
CA ASN A 1154 55.81 8.30 -7.25
C ASN A 1154 56.26 9.45 -8.16
N ALA A 1155 55.38 10.43 -8.32
CA ALA A 1155 55.64 11.59 -9.16
C ALA A 1155 56.29 12.74 -8.42
N HIS A 1156 56.45 12.64 -7.10
CA HIS A 1156 57.04 13.71 -6.31
C HIS A 1156 58.38 13.32 -5.69
N THR A 1157 58.42 12.23 -4.93
CA THR A 1157 59.63 11.76 -4.29
C THR A 1157 60.11 10.42 -4.82
N ARG A 1158 59.48 9.91 -5.89
CA ARG A 1158 59.95 8.72 -6.60
C ARG A 1158 60.05 7.51 -5.67
N GLU A 1159 58.97 7.23 -4.94
CA GLU A 1159 58.95 6.05 -4.08
C GLU A 1159 58.66 4.80 -4.91
N GLU A 1160 59.46 3.76 -4.69
CA GLU A 1160 59.24 2.48 -5.35
C GLU A 1160 58.02 1.80 -4.76
N ILE A 1161 57.25 1.14 -5.63
CA ILE A 1161 56.00 0.49 -5.23
C ILE A 1161 56.01 -0.95 -5.72
N ARG A 1162 55.68 -1.86 -4.82
CA ARG A 1162 55.61 -3.28 -5.10
C ARG A 1162 54.41 -3.58 -6.01
N SER A 1163 54.37 -4.79 -6.54
CA SER A 1163 53.31 -5.14 -7.46
C SER A 1163 51.95 -5.17 -6.75
N PRO A 1164 51.71 -6.08 -5.78
CA PRO A 1164 50.41 -6.03 -5.09
C PRO A 1164 50.43 -5.05 -3.92
N CYS A 1165 49.77 -3.89 -4.07
CA CYS A 1165 49.76 -2.90 -3.01
C CYS A 1165 48.78 -1.79 -3.37
N LEU A 1166 48.07 -1.28 -2.36
CA LEU A 1166 47.24 -0.11 -2.56
C LEU A 1166 48.08 1.16 -2.36
N ILE A 1167 47.76 2.19 -3.13
CA ILE A 1167 48.57 3.40 -3.19
C ILE A 1167 47.91 4.57 -2.48
N SER A 1168 46.76 4.36 -1.85
CA SER A 1168 45.99 5.43 -1.19
C SER A 1168 45.70 6.49 -2.25
N ARG A 1169 45.79 7.78 -1.92
CA ARG A 1169 45.56 8.82 -2.91
C ARG A 1169 46.57 9.96 -2.81
N THR A 1170 47.62 9.81 -2.01
CA THR A 1170 48.60 10.88 -1.84
C THR A 1170 49.41 11.13 -3.12
N VAL A 1171 49.29 10.23 -4.10
CA VAL A 1171 50.03 10.40 -5.35
C VAL A 1171 49.21 11.22 -6.34
N HIS A 1172 49.92 11.91 -7.23
CA HIS A 1172 49.32 12.68 -8.31
C HIS A 1172 49.33 11.93 -9.63
N LYS A 1173 50.50 11.53 -10.10
CA LYS A 1173 50.67 10.92 -11.41
C LYS A 1173 51.42 9.60 -11.27
N LEU A 1174 51.18 8.69 -12.20
CA LEU A 1174 51.81 7.38 -12.19
C LEU A 1174 52.81 7.31 -13.34
N THR A 1175 54.06 6.99 -13.02
CA THR A 1175 55.13 6.91 -13.99
C THR A 1175 55.46 5.44 -14.25
N PHE A 1176 55.21 4.98 -15.47
CA PHE A 1176 55.56 3.61 -15.83
C PHE A 1176 57.04 3.53 -16.16
N GLN A 1177 57.49 2.33 -16.53
CA GLN A 1177 58.90 2.08 -16.80
C GLN A 1177 59.00 0.82 -17.66
N TYR A 1178 60.15 0.70 -18.34
CA TYR A 1178 60.44 -0.47 -19.17
C TYR A 1178 61.08 -1.53 -18.28
N THR A 1179 60.32 -2.57 -17.94
CA THR A 1179 60.81 -3.67 -17.12
C THR A 1179 60.44 -4.99 -17.81
N ALA A 1180 61.45 -5.73 -18.24
CA ALA A 1180 61.22 -7.02 -18.89
C ALA A 1180 60.99 -8.14 -17.90
N THR A 1181 61.28 -7.93 -16.62
CA THR A 1181 61.07 -8.98 -15.62
C THR A 1181 59.58 -9.31 -15.47
N GLU A 1182 58.74 -8.29 -15.43
CA GLU A 1182 57.30 -8.48 -15.26
C GLU A 1182 56.55 -7.49 -16.14
N GLU A 1183 55.37 -7.89 -16.59
CA GLU A 1183 54.51 -7.02 -17.37
C GLU A 1183 53.64 -6.17 -16.46
N PRO A 1184 53.65 -4.86 -16.60
CA PRO A 1184 52.84 -4.01 -15.71
C PRO A 1184 51.37 -4.01 -16.13
N ARG A 1185 50.49 -4.22 -15.17
CA ARG A 1185 49.06 -4.30 -15.41
C ARG A 1185 48.34 -3.26 -14.57
N LEU A 1186 47.43 -2.53 -15.19
CA LEU A 1186 46.68 -1.45 -14.54
C LEU A 1186 45.19 -1.69 -14.72
N PHE A 1187 44.45 -1.64 -13.62
CA PHE A 1187 42.99 -1.81 -13.63
C PHE A 1187 42.37 -0.60 -12.95
N VAL A 1188 41.54 0.13 -13.68
CA VAL A 1188 40.94 1.35 -13.20
C VAL A 1188 39.43 1.15 -13.04
N VAL A 1189 38.78 2.12 -12.42
CA VAL A 1189 37.33 2.16 -12.30
C VAL A 1189 36.88 3.60 -12.54
N ARG A 1190 35.84 3.77 -13.35
CA ARG A 1190 35.35 5.10 -13.67
C ARG A 1190 33.86 5.23 -13.38
N HIS B 71 -34.02 -21.11 13.00
CA HIS B 71 -34.51 -22.38 13.52
C HIS B 71 -34.24 -23.53 12.54
N ALA B 72 -34.72 -23.39 11.32
CA ALA B 72 -34.48 -24.36 10.25
C ALA B 72 -34.13 -23.65 8.96
N HIS B 73 -33.27 -22.65 9.06
CA HIS B 73 -32.98 -21.79 7.92
C HIS B 73 -32.10 -22.49 6.90
N ALA B 74 -32.29 -22.13 5.64
CA ALA B 74 -31.47 -22.63 4.53
C ALA B 74 -31.63 -21.70 3.32
N PRO B 75 -31.04 -20.50 3.37
CA PRO B 75 -31.18 -19.58 2.24
C PRO B 75 -30.56 -20.15 0.97
N LYS B 76 -31.20 -19.87 -0.17
CA LYS B 76 -30.75 -20.35 -1.47
C LYS B 76 -30.26 -19.23 -2.37
N VAL B 77 -29.94 -18.07 -1.80
CA VAL B 77 -29.43 -16.95 -2.58
C VAL B 77 -27.91 -16.87 -2.56
N ILE B 78 -27.25 -17.48 -1.56
CA ILE B 78 -25.79 -17.47 -1.53
C ILE B 78 -25.22 -18.35 -2.63
N VAL B 79 -25.85 -19.50 -2.90
CA VAL B 79 -25.33 -20.41 -3.89
C VAL B 79 -25.37 -19.80 -5.28
N PHE B 80 -26.44 -19.05 -5.60
CA PHE B 80 -26.53 -18.45 -6.93
C PHE B 80 -25.51 -17.34 -7.12
N ILE B 81 -25.34 -16.48 -6.11
CA ILE B 81 -24.37 -15.40 -6.24
C ILE B 81 -22.96 -15.97 -6.31
N SER B 82 -22.69 -17.05 -5.56
CA SER B 82 -21.36 -17.66 -5.63
C SER B 82 -21.12 -18.33 -6.98
N GLY B 83 -22.14 -18.97 -7.54
CA GLY B 83 -21.99 -19.57 -8.86
C GLY B 83 -21.74 -18.53 -9.94
N SER B 84 -22.51 -17.44 -9.90
CA SER B 84 -22.27 -16.35 -10.84
C SER B 84 -20.89 -15.75 -10.64
N CYS B 85 -20.47 -15.62 -9.38
CA CYS B 85 -19.14 -15.14 -9.05
C CYS B 85 -18.05 -15.99 -9.71
N LEU B 86 -18.12 -17.31 -9.52
CA LEU B 86 -17.11 -18.19 -10.09
C LEU B 86 -17.14 -18.17 -11.61
N PHE B 87 -18.35 -18.17 -12.19
CA PHE B 87 -18.47 -18.15 -13.64
C PHE B 87 -17.87 -16.87 -14.22
N GLY B 88 -18.14 -15.73 -13.59
CA GLY B 88 -17.56 -14.50 -14.04
C GLY B 88 -16.05 -14.48 -13.91
N ALA B 89 -15.53 -15.04 -12.81
CA ALA B 89 -14.08 -15.10 -12.64
C ALA B 89 -13.44 -15.92 -13.74
N ILE B 90 -14.00 -17.09 -14.04
CA ILE B 90 -13.45 -17.94 -15.10
C ILE B 90 -13.54 -17.24 -16.45
N SER B 91 -14.68 -16.62 -16.74
CA SER B 91 -14.84 -15.96 -18.04
C SER B 91 -13.86 -14.81 -18.19
N ARG B 92 -13.69 -14.00 -17.14
CA ARG B 92 -12.75 -12.89 -17.20
C ARG B 92 -11.31 -13.39 -17.37
N SER B 93 -10.95 -14.44 -16.65
CA SER B 93 -9.59 -14.96 -16.76
C SER B 93 -9.33 -15.52 -18.15
N LEU B 94 -10.30 -16.23 -18.72
CA LEU B 94 -10.09 -16.84 -20.04
C LEU B 94 -10.04 -15.79 -21.14
N PHE B 95 -10.98 -14.86 -21.13
CA PHE B 95 -11.09 -13.85 -22.19
C PHE B 95 -10.28 -12.61 -21.81
N LYS B 96 -8.96 -12.80 -21.79
CA LYS B 96 -8.04 -11.71 -21.45
C LYS B 96 -7.43 -11.09 -22.71
N LYS B 97 -6.77 -11.90 -23.54
CA LYS B 97 -6.15 -11.38 -24.76
C LYS B 97 -7.17 -11.11 -25.85
N LEU B 98 -8.23 -11.91 -25.92
CA LEU B 98 -9.22 -11.74 -26.97
C LEU B 98 -9.96 -10.41 -26.80
N PRO B 99 -10.29 -9.74 -27.90
CA PRO B 99 -10.98 -8.45 -27.77
C PRO B 99 -12.44 -8.56 -27.33
N ILE B 100 -13.04 -9.73 -27.43
CA ILE B 100 -14.46 -9.89 -27.08
C ILE B 100 -14.62 -9.77 -25.57
N PRO B 101 -15.47 -8.88 -25.08
CA PRO B 101 -15.66 -8.77 -23.63
C PRO B 101 -16.33 -10.01 -23.07
N TYR B 102 -16.03 -10.28 -21.79
CA TYR B 102 -16.56 -11.48 -21.14
C TYR B 102 -18.05 -11.38 -20.83
N THR B 103 -18.64 -10.19 -20.95
CA THR B 103 -20.06 -10.04 -20.65
C THR B 103 -20.94 -10.82 -21.62
N VAL B 104 -20.50 -10.96 -22.88
CA VAL B 104 -21.25 -11.79 -23.82
C VAL B 104 -21.23 -13.24 -23.37
N VAL B 105 -20.08 -13.71 -22.88
CA VAL B 105 -19.99 -15.07 -22.35
C VAL B 105 -20.90 -15.22 -21.14
N LEU B 106 -20.96 -14.19 -20.29
CA LEU B 106 -21.87 -14.23 -19.13
C LEU B 106 -23.31 -14.33 -19.58
N LEU B 107 -23.69 -13.57 -20.62
CA LEU B 107 -25.05 -13.65 -21.12
C LEU B 107 -25.37 -15.04 -21.67
N ILE B 108 -24.43 -15.64 -22.40
CA ILE B 108 -24.66 -16.97 -22.94
C ILE B 108 -24.81 -17.99 -21.82
N LEU B 109 -23.95 -17.89 -20.80
CA LEU B 109 -24.06 -18.80 -19.66
C LEU B 109 -25.38 -18.62 -18.93
N GLY B 110 -25.84 -17.38 -18.80
CA GLY B 110 -27.14 -17.15 -18.19
C GLY B 110 -28.27 -17.76 -19.00
N ALA B 111 -28.18 -17.65 -20.33
CA ALA B 111 -29.21 -18.27 -21.17
C ALA B 111 -29.23 -19.78 -20.98
N ILE B 112 -28.05 -20.41 -20.96
CA ILE B 112 -27.98 -21.85 -20.78
C ILE B 112 -28.55 -22.25 -19.42
N LEU B 113 -28.19 -21.50 -18.37
CA LEU B 113 -28.70 -21.81 -17.04
C LEU B 113 -30.21 -21.65 -16.98
N GLY B 114 -30.74 -20.62 -17.64
CA GLY B 114 -32.18 -20.44 -17.65
C GLY B 114 -32.90 -21.57 -18.34
N VAL B 115 -32.38 -22.03 -19.48
CA VAL B 115 -32.99 -23.16 -20.17
C VAL B 115 -32.95 -24.41 -19.30
N VAL B 116 -31.80 -24.67 -18.66
CA VAL B 116 -31.67 -25.85 -17.83
C VAL B 116 -32.63 -25.79 -16.65
N ALA B 117 -32.73 -24.63 -16.01
CA ALA B 117 -33.66 -24.48 -14.88
C ALA B 117 -35.10 -24.64 -15.33
N SER B 118 -35.42 -24.18 -16.54
CA SER B 118 -36.75 -24.41 -17.08
C SER B 118 -37.01 -25.91 -17.24
N ASN B 119 -36.02 -26.66 -17.72
CA ASN B 119 -36.22 -28.10 -17.92
C ASN B 119 -36.20 -28.86 -16.60
N VAL B 120 -35.27 -28.53 -15.72
CA VAL B 120 -35.06 -29.27 -14.47
C VAL B 120 -35.60 -28.44 -13.32
N PRO B 121 -36.65 -28.88 -12.63
CA PRO B 121 -37.18 -28.10 -11.50
C PRO B 121 -36.22 -27.96 -10.33
N LEU B 122 -35.23 -28.84 -10.19
CA LEU B 122 -34.35 -28.77 -9.03
C LEU B 122 -33.56 -27.46 -9.02
N VAL B 123 -32.89 -27.13 -10.13
CA VAL B 123 -32.19 -25.86 -10.21
C VAL B 123 -33.16 -24.71 -10.37
N GLU B 124 -34.38 -24.97 -10.83
CA GLU B 124 -35.40 -23.93 -10.87
C GLU B 124 -35.74 -23.46 -9.47
N GLU B 125 -35.74 -24.38 -8.50
CA GLU B 125 -36.01 -23.99 -7.11
C GLU B 125 -34.99 -22.99 -6.60
N HIS B 126 -33.77 -23.02 -7.12
CA HIS B 126 -32.74 -22.08 -6.70
C HIS B 126 -32.71 -20.83 -7.56
N THR B 127 -33.11 -20.92 -8.84
CA THR B 127 -33.04 -19.78 -9.74
C THR B 127 -34.28 -18.90 -9.68
N ARG B 128 -35.42 -19.42 -9.23
CA ARG B 128 -36.64 -18.62 -9.20
C ARG B 128 -36.55 -17.48 -8.19
N ASP B 129 -35.63 -17.55 -7.24
CA ASP B 129 -35.47 -16.47 -6.28
C ASP B 129 -35.03 -15.17 -6.99
N VAL B 130 -34.12 -15.28 -7.95
CA VAL B 130 -33.64 -14.11 -8.68
C VAL B 130 -34.37 -13.92 -10.01
N ALA B 131 -34.99 -14.96 -10.57
CA ALA B 131 -35.76 -14.79 -11.79
C ALA B 131 -36.96 -13.87 -11.58
N HIS B 132 -37.64 -14.02 -10.44
CA HIS B 132 -38.77 -13.18 -10.08
C HIS B 132 -38.43 -12.27 -8.91
N MET B 133 -37.19 -11.78 -8.89
CA MET B 133 -36.73 -10.89 -7.84
C MET B 133 -37.51 -9.58 -7.86
N ASP B 134 -37.74 -9.02 -6.68
CA ASP B 134 -38.54 -7.81 -6.57
C ASP B 134 -37.91 -6.67 -7.36
N PRO B 135 -38.66 -5.97 -8.19
CA PRO B 135 -38.06 -4.94 -9.05
C PRO B 135 -37.39 -3.81 -8.28
N HIS B 136 -37.92 -3.44 -7.11
CA HIS B 136 -37.42 -2.26 -6.41
C HIS B 136 -36.00 -2.44 -5.92
N VAL B 137 -35.53 -3.67 -5.72
CA VAL B 137 -34.16 -3.87 -5.27
C VAL B 137 -33.19 -3.44 -6.37
N LEU B 138 -33.53 -3.69 -7.64
CA LEU B 138 -32.69 -3.25 -8.74
C LEU B 138 -32.56 -1.74 -8.75
N LEU B 139 -33.66 -1.04 -8.50
CA LEU B 139 -33.65 0.41 -8.53
C LEU B 139 -32.97 1.01 -7.31
N GLN B 140 -33.04 0.35 -6.15
CA GLN B 140 -32.62 0.96 -4.90
C GLN B 140 -31.30 0.39 -4.35
N ILE B 141 -30.70 -0.61 -4.98
CA ILE B 141 -29.44 -1.12 -4.49
C ILE B 141 -28.40 -1.15 -5.61
N PHE B 142 -28.73 -1.83 -6.71
CA PHE B 142 -27.73 -2.05 -7.75
C PHE B 142 -27.34 -0.75 -8.44
N LEU B 143 -28.33 0.04 -8.88
CA LEU B 143 -28.01 1.28 -9.58
C LEU B 143 -27.22 2.27 -8.73
N PRO B 144 -27.60 2.55 -7.48
CA PRO B 144 -26.77 3.47 -6.68
C PRO B 144 -25.34 2.99 -6.50
N VAL B 145 -25.12 1.68 -6.40
CA VAL B 145 -23.75 1.18 -6.22
C VAL B 145 -22.90 1.50 -7.45
N LEU B 146 -23.42 1.19 -8.63
CA LEU B 146 -22.69 1.49 -9.85
C LEU B 146 -22.47 2.98 -10.02
N ILE B 147 -23.49 3.79 -9.70
CA ILE B 147 -23.38 5.23 -9.86
C ILE B 147 -22.29 5.79 -8.94
N PHE B 148 -22.30 5.38 -7.68
CA PHE B 148 -21.30 5.88 -6.74
C PHE B 148 -19.91 5.38 -7.09
N GLU B 149 -19.80 4.14 -7.58
CA GLU B 149 -18.48 3.64 -8.00
C GLU B 149 -17.94 4.46 -9.17
N SER B 150 -18.80 4.78 -10.14
CA SER B 150 -18.36 5.60 -11.26
C SER B 150 -17.95 6.99 -10.79
N ALA B 151 -18.71 7.57 -9.86
CA ALA B 151 -18.40 8.91 -9.38
C ALA B 151 -17.09 8.93 -8.60
N PHE B 152 -16.83 7.91 -7.79
CA PHE B 152 -15.65 7.93 -6.93
C PHE B 152 -14.36 7.87 -7.73
N ALA B 153 -14.30 7.01 -8.73
CA ALA B 153 -13.06 6.82 -9.50
C ALA B 153 -12.75 7.98 -10.43
N MET B 154 -13.50 9.07 -10.35
CA MET B 154 -13.30 10.19 -11.26
C MET B 154 -12.02 10.95 -10.91
N ASP B 155 -11.51 11.67 -11.90
CA ASP B 155 -10.44 12.65 -11.71
C ASP B 155 -11.10 14.01 -11.60
N VAL B 156 -11.20 14.51 -10.36
CA VAL B 156 -12.05 15.66 -10.10
C VAL B 156 -11.51 16.92 -10.77
N HIS B 157 -10.19 17.12 -10.75
CA HIS B 157 -9.64 18.37 -11.27
C HIS B 157 -9.84 18.50 -12.77
N THR B 158 -9.54 17.43 -13.51
CA THR B 158 -9.73 17.48 -14.96
C THR B 158 -11.19 17.66 -15.32
N PHE B 159 -12.08 17.00 -14.59
CA PHE B 159 -13.51 17.18 -14.82
C PHE B 159 -13.93 18.62 -14.54
N MET B 160 -13.39 19.21 -13.48
CA MET B 160 -13.71 20.60 -13.16
C MET B 160 -13.22 21.54 -14.25
N ARG B 161 -12.08 21.21 -14.86
CA ARG B 161 -11.54 22.05 -15.93
C ARG B 161 -12.41 22.04 -17.19
N SER B 162 -13.37 21.13 -17.29
CA SER B 162 -14.27 21.01 -18.44
C SER B 162 -15.72 20.93 -17.97
N PHE B 163 -16.08 21.81 -17.04
CA PHE B 163 -17.41 21.75 -16.43
C PHE B 163 -18.50 22.07 -17.44
N SER B 164 -18.46 23.28 -18.00
CA SER B 164 -19.56 23.75 -18.84
C SER B 164 -19.71 22.90 -20.08
N GLN B 165 -18.61 22.54 -20.73
CA GLN B 165 -18.68 21.74 -21.95
C GLN B 165 -19.34 20.40 -21.69
N VAL B 166 -18.88 19.69 -20.65
CA VAL B 166 -19.43 18.38 -20.33
C VAL B 166 -20.91 18.51 -19.98
N CYS B 167 -21.24 19.49 -19.14
CA CYS B 167 -22.64 19.65 -18.72
C CYS B 167 -23.55 19.90 -19.91
N ILE B 168 -23.20 20.88 -20.75
CA ILE B 168 -24.04 21.23 -21.88
C ILE B 168 -24.18 20.04 -22.81
N LEU B 169 -23.05 19.41 -23.16
CA LEU B 169 -23.09 18.30 -24.10
C LEU B 169 -23.95 17.16 -23.57
N ALA B 170 -23.69 16.72 -22.34
CA ALA B 170 -24.43 15.60 -21.78
C ALA B 170 -25.91 15.90 -21.69
N LEU B 171 -26.27 17.04 -21.09
CA LEU B 171 -27.69 17.32 -20.87
C LEU B 171 -28.44 17.47 -22.19
N PHE B 172 -27.93 18.31 -23.10
CA PHE B 172 -28.67 18.56 -24.34
C PHE B 172 -28.70 17.31 -25.22
N GLY B 173 -27.59 16.59 -25.31
CA GLY B 173 -27.58 15.36 -26.08
C GLY B 173 -28.54 14.33 -25.53
N LEU B 174 -28.59 14.18 -24.21
CA LEU B 174 -29.52 13.24 -23.61
C LEU B 174 -30.97 13.62 -23.93
N VAL B 175 -31.30 14.90 -23.77
CA VAL B 175 -32.68 15.32 -24.00
C VAL B 175 -33.07 15.10 -25.45
N VAL B 176 -32.21 15.52 -26.38
CA VAL B 176 -32.52 15.38 -27.80
C VAL B 176 -32.63 13.92 -28.18
N ALA B 177 -31.69 13.09 -27.71
CA ALA B 177 -31.72 11.66 -28.05
C ALA B 177 -32.97 11.00 -27.50
N SER B 178 -33.34 11.32 -26.26
CA SER B 178 -34.53 10.72 -25.66
C SER B 178 -35.78 11.10 -26.45
N VAL B 179 -35.94 12.38 -26.78
CA VAL B 179 -37.13 12.81 -27.50
C VAL B 179 -37.18 12.16 -28.88
N LEU B 180 -36.05 12.13 -29.59
CA LEU B 180 -36.03 11.57 -30.93
C LEU B 180 -36.29 10.07 -30.92
N THR B 181 -35.69 9.34 -29.98
CA THR B 181 -35.95 7.91 -29.88
C THR B 181 -37.41 7.65 -29.52
N ALA B 182 -37.98 8.48 -28.64
CA ALA B 182 -39.38 8.30 -28.27
C ALA B 182 -40.29 8.51 -29.48
N VAL B 183 -40.08 9.58 -30.23
CA VAL B 183 -40.95 9.84 -31.37
C VAL B 183 -40.76 8.77 -32.45
N LEU B 184 -39.54 8.26 -32.61
CA LEU B 184 -39.34 7.14 -33.52
C LEU B 184 -40.09 5.91 -33.06
N ALA B 185 -40.08 5.64 -31.74
CA ALA B 185 -40.78 4.48 -31.22
C ALA B 185 -42.29 4.57 -31.45
N MET B 186 -42.87 5.75 -31.24
CA MET B 186 -44.29 5.90 -31.54
C MET B 186 -44.56 5.75 -33.04
N ASN B 187 -43.69 6.32 -33.88
CA ASN B 187 -43.98 6.36 -35.30
C ASN B 187 -43.66 5.04 -35.99
N LEU B 188 -42.40 4.60 -35.91
CA LEU B 188 -41.97 3.43 -36.69
C LEU B 188 -42.62 2.16 -36.18
N PHE B 189 -42.58 1.92 -34.88
CA PHE B 189 -43.10 0.68 -34.33
C PHE B 189 -44.62 0.64 -34.46
N ASN B 190 -45.15 -0.55 -34.73
CA ASN B 190 -46.60 -0.71 -34.87
C ASN B 190 -47.30 -0.87 -33.52
N TYR B 191 -46.55 -0.99 -32.43
CA TYR B 191 -47.18 -1.08 -31.11
C TYR B 191 -47.87 0.22 -30.77
N ASN B 192 -49.09 0.12 -30.25
CA ASN B 192 -49.86 1.30 -29.86
C ASN B 192 -49.29 1.84 -28.56
N TRP B 193 -48.36 2.79 -28.67
CA TRP B 193 -47.71 3.38 -27.52
C TRP B 193 -48.06 4.87 -27.43
N ASN B 194 -48.23 5.35 -26.21
CA ASN B 194 -48.45 6.76 -25.97
C ASN B 194 -47.09 7.46 -25.84
N PHE B 195 -47.10 8.74 -25.47
CA PHE B 195 -45.84 9.47 -25.40
C PHE B 195 -45.03 9.11 -24.16
N SER B 196 -45.71 8.84 -23.03
CA SER B 196 -44.99 8.58 -21.79
C SER B 196 -44.17 7.30 -21.88
N GLU B 197 -44.75 6.22 -22.41
CA GLU B 197 -44.01 4.98 -22.57
C GLU B 197 -42.85 5.14 -23.54
N ALA B 198 -43.06 5.92 -24.61
CA ALA B 198 -41.97 6.17 -25.56
C ALA B 198 -40.84 6.94 -24.90
N MET B 199 -41.17 7.92 -24.05
CA MET B 199 -40.13 8.66 -23.35
C MET B 199 -39.38 7.75 -22.38
N MET B 200 -40.09 6.85 -21.72
CA MET B 200 -39.42 5.86 -20.88
C MET B 200 -38.47 4.99 -21.69
N PHE B 201 -38.90 4.58 -22.88
CA PHE B 201 -38.05 3.79 -23.76
C PHE B 201 -36.79 4.55 -24.15
N GLY B 202 -36.94 5.83 -24.51
CA GLY B 202 -35.77 6.62 -24.86
C GLY B 202 -34.81 6.79 -23.69
N ALA B 203 -35.36 7.08 -22.51
CA ALA B 203 -34.51 7.21 -21.33
C ALA B 203 -33.80 5.90 -21.03
N ILE B 204 -34.42 4.76 -21.30
CA ILE B 204 -33.74 3.48 -21.13
C ILE B 204 -32.59 3.36 -22.13
N MET B 205 -32.87 3.61 -23.40
CA MET B 205 -31.82 3.53 -24.42
C MET B 205 -31.18 4.89 -24.67
N SER B 206 -30.81 5.59 -23.60
CA SER B 206 -29.96 6.76 -23.73
C SER B 206 -28.84 6.81 -22.69
N ALA B 207 -28.50 5.67 -22.08
CA ALA B 207 -27.49 5.61 -21.04
C ALA B 207 -26.33 4.74 -21.50
N THR B 208 -25.10 5.26 -21.36
CA THR B 208 -23.89 4.58 -21.81
C THR B 208 -22.92 4.39 -20.65
N ASP B 209 -21.97 3.48 -20.84
CA ASP B 209 -20.96 3.21 -19.82
C ASP B 209 -19.57 2.82 -20.36
N PRO B 210 -19.05 3.57 -21.31
CA PRO B 210 -17.85 3.10 -22.04
C PRO B 210 -16.60 3.05 -21.19
N VAL B 211 -16.50 2.05 -20.32
CA VAL B 211 -15.27 1.83 -19.58
C VAL B 211 -14.17 1.31 -20.49
N ALA B 212 -14.53 0.47 -21.46
CA ALA B 212 -13.53 -0.13 -22.34
C ALA B 212 -12.81 0.93 -23.17
N VAL B 213 -13.55 1.90 -23.70
CA VAL B 213 -12.95 2.92 -24.56
C VAL B 213 -11.97 3.77 -23.77
N VAL B 214 -12.36 4.22 -22.57
CA VAL B 214 -11.48 5.07 -21.78
C VAL B 214 -10.28 4.26 -21.29
N ALA B 215 -10.48 2.98 -20.96
CA ALA B 215 -9.36 2.15 -20.57
C ALA B 215 -8.36 2.00 -21.72
N LEU B 216 -8.86 1.77 -22.93
CA LEU B 216 -7.99 1.67 -24.10
C LEU B 216 -7.25 2.98 -24.34
N LEU B 217 -7.93 4.11 -24.19
CA LEU B 217 -7.29 5.41 -24.39
C LEU B 217 -6.19 5.64 -23.36
N LYS B 218 -6.44 5.26 -22.11
CA LYS B 218 -5.40 5.41 -21.08
C LYS B 218 -4.24 4.47 -21.34
N ASP B 219 -4.52 3.26 -21.86
CA ASP B 219 -3.44 2.37 -22.26
C ASP B 219 -2.60 3.01 -23.35
N LEU B 220 -3.25 3.63 -24.33
CA LEU B 220 -2.53 4.33 -25.38
C LEU B 220 -1.70 5.48 -24.83
N GLY B 221 -2.11 6.06 -23.70
CA GLY B 221 -1.32 7.07 -23.04
C GLY B 221 -1.34 8.45 -23.67
N ALA B 222 -2.36 8.75 -24.48
CA ALA B 222 -2.47 10.06 -25.10
C ALA B 222 -3.92 10.53 -25.05
N SER B 223 -4.09 11.84 -25.14
CA SER B 223 -5.41 12.49 -25.17
C SER B 223 -6.21 12.15 -23.90
N LYS B 224 -5.67 12.61 -22.76
CA LYS B 224 -6.37 12.44 -21.49
C LYS B 224 -7.68 13.23 -21.47
N GLN B 225 -7.74 14.34 -22.21
CA GLN B 225 -8.95 15.13 -22.24
C GLN B 225 -10.11 14.35 -22.84
N LEU B 226 -9.84 13.52 -23.86
CA LEU B 226 -10.88 12.70 -24.44
C LEU B 226 -11.45 11.72 -23.42
N GLY B 227 -10.58 11.06 -22.65
CA GLY B 227 -11.06 10.16 -21.62
C GLY B 227 -11.87 10.86 -20.56
N THR B 228 -11.39 12.03 -20.12
CA THR B 228 -12.13 12.78 -19.10
C THR B 228 -13.51 13.20 -19.62
N ILE B 229 -13.58 13.68 -20.86
CA ILE B 229 -14.86 14.07 -21.44
C ILE B 229 -15.79 12.87 -21.54
N ILE B 230 -15.26 11.73 -21.96
CA ILE B 230 -16.08 10.53 -22.09
C ILE B 230 -16.64 10.14 -20.73
N GLU B 231 -15.79 10.14 -19.69
CA GLU B 231 -16.25 9.76 -18.36
C GLU B 231 -17.31 10.73 -17.85
N GLY B 232 -17.10 12.03 -18.04
CA GLY B 232 -18.07 13.00 -17.57
C GLY B 232 -19.41 12.84 -18.26
N GLU B 233 -19.39 12.69 -19.58
CA GLU B 233 -20.63 12.50 -20.31
C GLU B 233 -21.35 11.23 -19.85
N SER B 234 -20.60 10.14 -19.67
CA SER B 234 -21.23 8.89 -19.25
C SER B 234 -21.89 9.04 -17.88
N LEU B 235 -21.19 9.67 -16.93
CA LEU B 235 -21.75 9.82 -15.60
C LEU B 235 -23.02 10.68 -15.60
N LEU B 236 -22.94 11.84 -16.26
CA LEU B 236 -24.10 12.72 -16.30
C LEU B 236 -25.27 12.06 -17.02
N ASN B 237 -24.98 11.35 -18.12
CA ASN B 237 -26.02 10.66 -18.86
C ASN B 237 -26.71 9.62 -17.99
N ASP B 238 -25.93 8.83 -17.26
CA ASP B 238 -26.51 7.80 -16.40
C ASP B 238 -27.42 8.43 -15.35
N GLY B 239 -26.93 9.45 -14.64
CA GLY B 239 -27.73 10.06 -13.60
C GLY B 239 -29.03 10.64 -14.12
N CYS B 240 -28.93 11.44 -15.19
CA CYS B 240 -30.12 12.11 -15.69
C CYS B 240 -31.09 11.11 -16.32
N ALA B 241 -30.58 10.07 -16.97
CA ALA B 241 -31.45 9.04 -17.53
C ALA B 241 -32.20 8.31 -16.44
N ILE B 242 -31.53 7.99 -15.34
CA ILE B 242 -32.21 7.33 -14.22
C ILE B 242 -33.31 8.23 -13.67
N VAL B 243 -33.01 9.53 -13.52
CA VAL B 243 -34.02 10.45 -12.99
C VAL B 243 -35.24 10.51 -13.91
N ILE B 244 -35.01 10.66 -15.21
CA ILE B 244 -36.11 10.75 -16.17
C ILE B 244 -36.93 9.47 -16.17
N PHE B 245 -36.25 8.31 -16.15
CA PHE B 245 -36.97 7.05 -16.14
C PHE B 245 -37.82 6.92 -14.89
N ASN B 246 -37.29 7.31 -13.73
CA ASN B 246 -38.07 7.23 -12.50
C ASN B 246 -39.32 8.08 -12.60
N VAL B 247 -39.17 9.32 -13.07
CA VAL B 247 -40.30 10.22 -13.15
C VAL B 247 -41.38 9.63 -14.07
N PHE B 248 -40.97 9.16 -15.25
CA PHE B 248 -41.96 8.72 -16.22
C PHE B 248 -42.58 7.37 -15.83
N MET B 249 -41.81 6.49 -15.18
CA MET B 249 -42.38 5.24 -14.69
C MET B 249 -43.42 5.50 -13.62
N LYS B 250 -43.13 6.43 -12.70
CA LYS B 250 -44.13 6.80 -11.70
C LYS B 250 -45.36 7.40 -12.36
N MET B 251 -45.15 8.18 -13.42
CA MET B 251 -46.28 8.78 -14.14
C MET B 251 -47.13 7.70 -14.81
N VAL B 252 -46.51 6.66 -15.34
CA VAL B 252 -47.23 5.67 -16.14
C VAL B 252 -47.91 4.63 -15.25
N PHE B 253 -47.12 3.89 -14.48
CA PHE B 253 -47.64 2.71 -13.80
C PHE B 253 -48.46 3.04 -12.56
N PHE B 254 -48.26 4.20 -11.95
CA PHE B 254 -48.97 4.60 -10.73
C PHE B 254 -49.61 5.98 -10.96
N PRO B 255 -50.71 6.04 -11.70
CA PRO B 255 -51.38 7.33 -11.90
C PRO B 255 -51.89 7.87 -10.57
N GLN B 256 -51.78 9.20 -10.41
CA GLN B 256 -52.21 9.88 -9.19
C GLN B 256 -53.09 11.06 -9.58
N LEU B 257 -54.39 10.79 -9.79
CA LEU B 257 -55.42 11.78 -10.07
C LEU B 257 -54.93 12.91 -10.98
N THR B 258 -55.30 14.15 -10.68
CA THR B 258 -54.85 15.31 -11.43
C THR B 258 -54.39 16.39 -10.45
N SER B 259 -53.40 17.16 -10.87
CA SER B 259 -52.83 18.22 -10.04
C SER B 259 -52.62 19.47 -10.87
N THR B 260 -52.65 20.61 -10.21
CA THR B 260 -52.45 21.88 -10.88
C THR B 260 -50.95 22.18 -11.02
N VAL B 261 -50.64 23.33 -11.59
CA VAL B 261 -49.24 23.72 -11.76
C VAL B 261 -48.58 24.08 -10.43
N GLY B 262 -49.36 24.45 -9.42
CA GLY B 262 -48.77 24.82 -8.14
C GLY B 262 -48.01 23.67 -7.51
N GLN B 263 -48.62 22.47 -7.50
CA GLN B 263 -47.92 21.31 -6.99
C GLN B 263 -46.87 20.80 -7.95
N ASN B 264 -47.09 20.96 -9.25
CA ASN B 264 -46.12 20.49 -10.23
C ASN B 264 -44.79 21.24 -10.13
N VAL B 265 -44.85 22.55 -9.92
CA VAL B 265 -43.62 23.32 -9.79
C VAL B 265 -42.84 22.89 -8.56
N LEU B 266 -43.56 22.69 -7.44
CA LEU B 266 -42.89 22.22 -6.23
C LEU B 266 -42.28 20.84 -6.42
N TYR B 267 -42.99 19.95 -7.13
CA TYR B 267 -42.46 18.62 -7.40
C TYR B 267 -41.20 18.70 -8.25
N PHE B 268 -41.22 19.55 -9.28
CA PHE B 268 -40.04 19.70 -10.13
C PHE B 268 -38.86 20.24 -9.34
N LEU B 269 -39.10 21.24 -8.49
CA LEU B 269 -38.03 21.80 -7.68
C LEU B 269 -37.47 20.75 -6.73
N GLN B 270 -38.34 19.98 -6.09
CA GLN B 270 -37.89 18.94 -5.16
C GLN B 270 -37.05 17.88 -5.88
N VAL B 271 -37.47 17.49 -7.09
CA VAL B 271 -36.72 16.49 -7.83
C VAL B 271 -35.36 17.05 -8.26
N ALA B 272 -35.33 18.29 -8.74
CA ALA B 272 -34.12 18.83 -9.37
C ALA B 272 -33.12 19.37 -8.36
N VAL B 273 -33.53 20.34 -7.55
CA VAL B 273 -32.59 21.11 -6.74
C VAL B 273 -32.36 20.49 -5.37
N ALA B 274 -33.42 19.98 -4.73
CA ALA B 274 -33.33 19.56 -3.34
C ALA B 274 -32.41 18.37 -3.14
N GLY B 275 -32.05 17.65 -4.19
CA GLY B 275 -31.17 16.51 -4.08
C GLY B 275 -29.72 16.90 -3.90
N PRO B 276 -29.17 17.62 -4.88
CA PRO B 276 -27.77 18.06 -4.78
C PRO B 276 -27.47 18.87 -3.53
N LEU B 277 -28.41 19.70 -3.07
CA LEU B 277 -28.17 20.46 -1.85
C LEU B 277 -27.99 19.55 -0.65
N TRP B 278 -28.86 18.55 -0.51
CA TRP B 278 -28.75 17.62 0.60
C TRP B 278 -27.46 16.83 0.52
N GLY B 279 -27.10 16.37 -0.69
CA GLY B 279 -25.85 15.65 -0.84
C GLY B 279 -24.65 16.50 -0.49
N TYR B 280 -24.65 17.77 -0.92
CA TYR B 280 -23.55 18.66 -0.62
C TYR B 280 -23.43 18.93 0.88
N ALA B 281 -24.58 19.12 1.54
CA ALA B 281 -24.54 19.34 2.98
C ALA B 281 -23.95 18.15 3.72
N VAL B 282 -24.41 16.94 3.38
CA VAL B 282 -23.89 15.76 4.06
C VAL B 282 -22.41 15.57 3.76
N ALA B 283 -22.01 15.83 2.52
CA ALA B 283 -20.60 15.69 2.17
C ALA B 283 -19.73 16.67 2.95
N LYS B 284 -20.17 17.91 3.09
CA LYS B 284 -19.40 18.88 3.87
C LYS B 284 -19.32 18.46 5.32
N VAL B 285 -20.43 17.98 5.89
CA VAL B 285 -20.42 17.58 7.30
C VAL B 285 -19.45 16.43 7.52
N THR B 286 -19.51 15.41 6.66
CA THR B 286 -18.66 14.24 6.86
C THR B 286 -17.20 14.57 6.58
N VAL B 287 -16.93 15.49 5.64
CA VAL B 287 -15.54 15.90 5.41
C VAL B 287 -15.00 16.64 6.61
N PHE B 288 -15.81 17.51 7.21
CA PHE B 288 -15.37 18.21 8.41
C PHE B 288 -15.10 17.23 9.55
N PHE B 289 -15.99 16.24 9.72
CA PHE B 289 -15.79 15.26 10.79
C PHE B 289 -14.64 14.31 10.49
N LEU B 290 -14.24 14.19 9.23
CA LEU B 290 -13.18 13.27 8.83
C LEU B 290 -11.78 13.84 9.03
N SER B 291 -11.66 15.13 9.31
CA SER B 291 -10.36 15.78 9.45
C SER B 291 -9.84 15.76 10.88
N HIS B 292 -10.59 15.21 11.83
CA HIS B 292 -10.18 15.17 13.22
C HIS B 292 -9.91 13.76 13.70
N ILE B 293 -9.66 12.83 12.79
CA ILE B 293 -9.37 11.43 13.12
C ILE B 293 -7.93 11.14 12.74
N PHE B 294 -7.15 10.65 13.70
CA PHE B 294 -5.73 10.40 13.50
C PHE B 294 -5.45 8.91 13.64
N ASN B 295 -4.75 8.35 12.65
CA ASN B 295 -4.27 6.97 12.66
C ASN B 295 -5.35 5.98 13.09
N ASP B 296 -6.55 6.16 12.56
CA ASP B 296 -7.67 5.24 12.77
C ASP B 296 -8.28 4.92 11.42
N ALA B 297 -7.73 3.93 10.72
CA ALA B 297 -8.25 3.55 9.42
C ALA B 297 -9.64 2.95 9.52
N LEU B 298 -9.87 2.11 10.53
CA LEU B 298 -11.15 1.44 10.67
C LEU B 298 -12.27 2.46 10.88
N VAL B 299 -12.04 3.45 11.74
CA VAL B 299 -13.07 4.44 12.01
C VAL B 299 -13.39 5.22 10.75
N GLU B 300 -12.37 5.63 10.00
CA GLU B 300 -12.60 6.40 8.78
C GLU B 300 -13.39 5.60 7.77
N ILE B 301 -12.97 4.36 7.51
CA ILE B 301 -13.66 3.54 6.52
C ILE B 301 -15.12 3.31 6.95
N THR B 302 -15.32 2.95 8.21
CA THR B 302 -16.65 2.60 8.68
C THR B 302 -17.57 3.82 8.64
N ILE B 303 -17.06 4.98 9.04
CA ILE B 303 -17.89 6.18 9.04
C ILE B 303 -18.20 6.62 7.61
N THR B 304 -17.26 6.44 6.67
CA THR B 304 -17.55 6.78 5.28
C THR B 304 -18.67 5.89 4.72
N LEU B 305 -18.57 4.58 4.98
CA LEU B 305 -19.61 3.67 4.50
C LEU B 305 -20.96 4.00 5.13
N ALA B 306 -20.97 4.26 6.44
CA ALA B 306 -22.21 4.61 7.10
C ALA B 306 -22.79 5.89 6.55
N ALA B 307 -21.95 6.89 6.29
CA ALA B 307 -22.42 8.16 5.74
C ALA B 307 -23.07 7.95 4.37
N THR B 308 -22.42 7.16 3.51
CA THR B 308 -23.00 6.93 2.18
C THR B 308 -24.35 6.22 2.27
N TYR B 309 -24.40 5.13 3.04
CA TYR B 309 -25.63 4.36 3.12
C TYR B 309 -26.75 5.19 3.73
N LEU B 310 -26.46 5.92 4.81
CA LEU B 310 -27.46 6.74 5.46
C LEU B 310 -27.93 7.87 4.55
N THR B 311 -27.00 8.47 3.80
CA THR B 311 -27.38 9.53 2.87
C THR B 311 -28.39 9.02 1.86
N TYR B 312 -28.08 7.90 1.21
CA TYR B 312 -29.01 7.40 0.20
C TYR B 312 -30.34 7.00 0.83
N TYR B 313 -30.30 6.29 1.95
CA TYR B 313 -31.54 5.79 2.54
C TYR B 313 -32.44 6.94 3.00
N ILE B 314 -31.86 7.95 3.63
CA ILE B 314 -32.66 9.07 4.10
C ILE B 314 -33.19 9.88 2.93
N GLY B 315 -32.36 10.10 1.90
CA GLY B 315 -32.80 10.88 0.76
C GLY B 315 -33.93 10.21 -0.01
N ASP B 316 -33.88 8.88 -0.12
CA ASP B 316 -34.84 8.19 -0.98
C ASP B 316 -36.04 7.63 -0.24
N ILE B 317 -36.06 7.67 1.10
CA ILE B 317 -37.16 7.03 1.83
C ILE B 317 -37.86 8.02 2.73
N TRP B 318 -37.14 8.58 3.71
CA TRP B 318 -37.78 9.43 4.71
C TRP B 318 -38.36 10.68 4.08
N LEU B 319 -37.62 11.31 3.16
CA LEU B 319 -38.15 12.38 2.33
C LEU B 319 -38.12 11.94 0.88
N GLU B 320 -38.91 12.60 0.05
CA GLU B 320 -39.17 12.16 -1.32
C GLU B 320 -38.24 12.81 -2.33
N VAL B 321 -37.02 13.14 -1.94
CA VAL B 321 -36.06 13.74 -2.86
C VAL B 321 -35.33 12.63 -3.62
N SER B 322 -34.73 12.99 -4.75
CA SER B 322 -34.01 12.02 -5.56
C SER B 322 -32.73 11.59 -4.83
N GLY B 323 -32.35 10.33 -5.03
CA GLY B 323 -31.22 9.78 -4.32
C GLY B 323 -29.95 9.69 -5.14
N VAL B 324 -30.07 9.45 -6.44
CA VAL B 324 -28.89 9.27 -7.28
C VAL B 324 -28.08 10.55 -7.36
N LEU B 325 -28.76 11.69 -7.51
CA LEU B 325 -28.05 12.97 -7.61
C LEU B 325 -27.31 13.29 -6.32
N ALA B 326 -27.94 13.03 -5.17
CA ALA B 326 -27.29 13.29 -3.90
C ALA B 326 -26.04 12.43 -3.74
N VAL B 327 -26.12 11.16 -4.14
CA VAL B 327 -24.97 10.28 -4.05
C VAL B 327 -23.86 10.75 -4.99
N VAL B 328 -24.23 11.18 -6.20
CA VAL B 328 -23.23 11.69 -7.13
C VAL B 328 -22.50 12.88 -6.55
N VAL B 329 -23.25 13.84 -5.99
CA VAL B 329 -22.65 15.03 -5.43
C VAL B 329 -21.75 14.69 -4.25
N LEU B 330 -22.22 13.80 -3.37
CA LEU B 330 -21.44 13.41 -2.21
C LEU B 330 -20.13 12.75 -2.64
N GLY B 331 -20.21 11.84 -3.61
CA GLY B 331 -19.00 11.18 -4.08
C GLY B 331 -18.01 12.14 -4.70
N LEU B 332 -18.51 13.06 -5.54
CA LEU B 332 -17.62 14.03 -6.17
C LEU B 332 -16.95 14.93 -5.12
N ILE B 333 -17.73 15.41 -4.14
CA ILE B 333 -17.16 16.29 -3.13
C ILE B 333 -16.12 15.55 -2.30
N VAL B 334 -16.42 14.31 -1.90
CA VAL B 334 -15.46 13.55 -1.10
C VAL B 334 -14.19 13.28 -1.90
N ASN B 335 -14.33 12.92 -3.17
CA ASN B 335 -13.16 12.68 -4.00
C ASN B 335 -12.33 13.94 -4.19
N ALA B 336 -12.98 15.11 -4.26
CA ALA B 336 -12.24 16.36 -4.43
C ALA B 336 -11.37 16.64 -3.21
N GLU B 337 -11.86 16.34 -2.02
CA GLU B 337 -11.16 16.65 -0.77
C GLU B 337 -10.50 15.41 -0.18
N LYS B 338 -9.92 14.55 -1.02
CA LYS B 338 -9.29 13.32 -0.56
C LYS B 338 -8.02 13.56 0.25
N THR B 339 -7.52 14.79 0.29
CA THR B 339 -6.30 15.07 1.05
C THR B 339 -6.50 14.80 2.54
N SER B 340 -7.68 15.12 3.08
CA SER B 340 -7.95 14.86 4.48
C SER B 340 -7.95 13.37 4.79
N ILE B 341 -8.26 12.53 3.81
CA ILE B 341 -8.23 11.09 4.00
C ILE B 341 -6.78 10.63 4.21
N SER B 342 -6.58 9.73 5.16
CA SER B 342 -5.26 9.20 5.42
C SER B 342 -4.73 8.50 4.17
N PRO B 343 -3.40 8.54 3.94
CA PRO B 343 -2.87 8.15 2.62
C PRO B 343 -3.04 6.68 2.27
N GLU B 344 -3.72 5.87 3.08
CA GLU B 344 -3.93 4.47 2.75
C GLU B 344 -5.40 4.06 2.74
N VAL B 345 -6.31 4.89 3.25
CA VAL B 345 -7.71 4.51 3.32
C VAL B 345 -8.34 4.47 1.93
N GLU B 346 -8.03 5.48 1.10
CA GLU B 346 -8.71 5.60 -0.18
C GLU B 346 -8.44 4.41 -1.08
N VAL B 347 -7.27 3.78 -0.95
CA VAL B 347 -7.00 2.58 -1.73
C VAL B 347 -7.98 1.48 -1.35
N PHE B 348 -8.18 1.28 -0.05
CA PHE B 348 -9.15 0.28 0.40
C PHE B 348 -10.55 0.62 -0.08
N LEU B 349 -10.93 1.89 0.01
CA LEU B 349 -12.27 2.29 -0.42
C LEU B 349 -12.46 2.05 -1.92
N HIS B 350 -11.46 2.40 -2.72
CA HIS B 350 -11.53 2.18 -4.15
C HIS B 350 -11.67 0.71 -4.47
N ARG B 351 -10.86 -0.13 -3.82
CA ARG B 351 -10.95 -1.57 -4.08
C ARG B 351 -12.31 -2.12 -3.67
N PHE B 352 -12.83 -1.67 -2.53
CA PHE B 352 -14.13 -2.14 -2.05
C PHE B 352 -15.24 -1.78 -3.04
N TRP B 353 -15.25 -0.53 -3.49
CA TRP B 353 -16.31 -0.12 -4.41
C TRP B 353 -16.15 -0.79 -5.77
N GLU B 354 -14.91 -1.02 -6.20
CA GLU B 354 -14.70 -1.72 -7.46
C GLU B 354 -15.24 -3.14 -7.40
N MET B 355 -14.95 -3.86 -6.30
CA MET B 355 -15.44 -5.22 -6.20
C MET B 355 -16.96 -5.26 -6.08
N LEU B 356 -17.55 -4.28 -5.39
CA LEU B 356 -19.01 -4.23 -5.31
C LEU B 356 -19.62 -3.99 -6.68
N ALA B 357 -19.04 -3.08 -7.46
CA ALA B 357 -19.55 -2.83 -8.80
C ALA B 357 -19.41 -4.06 -9.69
N TYR B 358 -18.29 -4.77 -9.56
CA TYR B 358 -18.08 -5.99 -10.35
C TYR B 358 -19.15 -7.03 -10.02
N LEU B 359 -19.42 -7.23 -8.74
CA LEU B 359 -20.45 -8.19 -8.34
C LEU B 359 -21.81 -7.77 -8.88
N ALA B 360 -22.13 -6.48 -8.78
CA ALA B 360 -23.42 -6.00 -9.28
C ALA B 360 -23.55 -6.24 -10.77
N ASN B 361 -22.49 -5.95 -11.52
CA ASN B 361 -22.53 -6.15 -12.97
C ASN B 361 -22.74 -7.61 -13.32
N THR B 362 -22.00 -8.50 -12.67
CA THR B 362 -22.14 -9.93 -12.96
C THR B 362 -23.54 -10.42 -12.65
N LEU B 363 -24.07 -10.05 -11.48
CA LEU B 363 -25.41 -10.48 -11.10
C LEU B 363 -26.45 -9.95 -12.07
N ILE B 364 -26.34 -8.68 -12.46
CA ILE B 364 -27.31 -8.09 -13.36
C ILE B 364 -27.28 -8.79 -14.71
N PHE B 365 -26.08 -9.08 -15.22
CA PHE B 365 -25.98 -9.74 -16.52
C PHE B 365 -26.58 -11.14 -16.49
N MET B 366 -26.28 -11.91 -15.44
CA MET B 366 -26.87 -13.25 -15.34
C MET B 366 -28.39 -13.17 -15.24
N MET B 367 -28.90 -12.23 -14.44
CA MET B 367 -30.34 -12.09 -14.28
C MET B 367 -31.02 -11.76 -15.60
N VAL B 368 -30.47 -10.79 -16.34
CA VAL B 368 -31.12 -10.40 -17.58
C VAL B 368 -31.05 -11.54 -18.59
N GLY B 369 -29.92 -12.27 -18.60
CA GLY B 369 -29.83 -13.41 -19.50
C GLY B 369 -30.92 -14.44 -19.24
N VAL B 370 -31.09 -14.82 -17.97
CA VAL B 370 -32.11 -15.82 -17.64
C VAL B 370 -33.51 -15.31 -17.98
N VAL B 371 -33.81 -14.09 -17.55
CA VAL B 371 -35.17 -13.57 -17.70
C VAL B 371 -35.51 -13.37 -19.17
N VAL B 372 -34.56 -12.86 -19.97
CA VAL B 372 -34.83 -12.71 -21.39
C VAL B 372 -35.02 -14.06 -22.04
N THR B 373 -34.14 -15.03 -21.73
CA THR B 373 -34.21 -16.35 -22.36
C THR B 373 -35.56 -16.99 -22.12
N GLN B 374 -36.12 -16.82 -20.92
CA GLN B 374 -37.48 -17.32 -20.71
C GLN B 374 -38.50 -16.43 -21.40
N LYS B 375 -38.70 -15.22 -20.86
CA LYS B 375 -39.90 -14.44 -21.18
C LYS B 375 -39.91 -13.96 -22.63
N ALA B 376 -38.81 -13.37 -23.09
CA ALA B 376 -38.82 -12.79 -24.42
C ALA B 376 -39.04 -13.87 -25.47
N LEU B 377 -38.47 -15.05 -25.25
CA LEU B 377 -38.62 -16.15 -26.19
C LEU B 377 -39.96 -16.88 -26.05
N VAL B 378 -40.73 -16.67 -24.98
CA VAL B 378 -42.11 -17.14 -25.01
C VAL B 378 -42.89 -16.43 -26.11
N ALA B 379 -42.73 -15.11 -26.22
CA ALA B 379 -43.61 -14.29 -27.05
C ALA B 379 -42.80 -13.41 -27.99
N VAL B 380 -41.83 -13.99 -28.68
CA VAL B 380 -41.01 -13.27 -29.64
C VAL B 380 -41.68 -13.37 -31.01
N ASP B 381 -41.74 -12.25 -31.72
CA ASP B 381 -42.31 -12.20 -33.06
C ASP B 381 -41.20 -12.16 -34.10
N LYS B 382 -41.44 -12.81 -35.24
CA LYS B 382 -40.43 -12.88 -36.28
C LYS B 382 -40.13 -11.50 -36.87
N MET B 383 -41.16 -10.69 -37.10
CA MET B 383 -40.95 -9.39 -37.71
C MET B 383 -40.17 -8.45 -36.80
N ASP B 384 -40.33 -8.60 -35.48
CA ASP B 384 -39.70 -7.68 -34.53
C ASP B 384 -38.20 -7.54 -34.77
N TRP B 385 -37.53 -8.64 -35.10
CA TRP B 385 -36.10 -8.61 -35.35
C TRP B 385 -35.75 -7.51 -36.35
N PHE B 386 -36.49 -7.44 -37.45
CA PHE B 386 -36.25 -6.41 -38.45
C PHE B 386 -36.22 -5.03 -37.82
N TYR B 387 -37.25 -4.72 -37.02
CA TYR B 387 -37.32 -3.43 -36.34
C TYR B 387 -36.03 -3.16 -35.59
N LEU B 388 -35.55 -4.15 -34.84
CA LEU B 388 -34.35 -3.97 -34.02
C LEU B 388 -33.21 -3.41 -34.85
N ILE B 389 -33.02 -3.94 -36.07
CA ILE B 389 -31.90 -3.49 -36.90
C ILE B 389 -31.98 -1.99 -37.11
N ILE B 390 -33.15 -1.50 -37.54
CA ILE B 390 -33.28 -0.07 -37.77
C ILE B 390 -32.97 0.69 -36.50
N LEU B 391 -33.48 0.20 -35.36
CA LEU B 391 -33.22 0.86 -34.09
C LEU B 391 -31.73 1.08 -33.88
N TYR B 392 -30.93 0.06 -34.17
CA TYR B 392 -29.48 0.19 -34.00
C TYR B 392 -28.97 1.39 -34.78
N LEU B 393 -29.31 1.47 -36.07
CA LEU B 393 -28.86 2.60 -36.88
C LEU B 393 -29.29 3.90 -36.23
N ALA B 394 -30.53 3.98 -35.78
CA ALA B 394 -31.01 5.19 -35.14
C ALA B 394 -30.11 5.58 -33.98
N ILE B 395 -29.85 4.64 -33.07
CA ILE B 395 -29.10 5.00 -31.88
C ILE B 395 -27.63 5.21 -32.17
N THR B 396 -27.17 4.90 -33.38
CA THR B 396 -25.81 5.20 -33.77
C THR B 396 -25.73 6.39 -34.71
N ILE B 397 -26.88 6.96 -35.08
CA ILE B 397 -26.93 8.14 -35.95
C ILE B 397 -27.24 9.39 -35.14
N ILE B 398 -28.36 9.37 -34.40
CA ILE B 398 -28.82 10.56 -33.69
C ILE B 398 -27.72 11.10 -32.79
N ARG B 399 -27.12 10.21 -32.00
CA ARG B 399 -26.02 10.60 -31.11
C ARG B 399 -24.95 11.33 -31.90
N GLY B 400 -24.48 10.72 -32.99
CA GLY B 400 -23.49 11.38 -33.82
C GLY B 400 -23.97 12.72 -34.31
N MET B 401 -25.22 12.77 -34.79
CA MET B 401 -25.78 14.04 -35.24
C MET B 401 -25.71 15.09 -34.14
N VAL B 402 -26.01 14.70 -32.90
CA VAL B 402 -25.96 15.64 -31.79
C VAL B 402 -24.57 16.26 -31.71
N ILE B 403 -23.54 15.42 -31.81
CA ILE B 403 -22.18 15.94 -31.75
C ILE B 403 -21.95 16.96 -32.87
N SER B 404 -22.40 16.62 -34.08
CA SER B 404 -22.30 17.57 -35.18
C SER B 404 -23.09 18.83 -34.87
N LEU B 405 -24.29 18.67 -34.30
CA LEU B 405 -25.10 19.83 -33.93
C LEU B 405 -24.41 20.71 -32.91
N PHE B 406 -23.45 20.15 -32.16
CA PHE B 406 -22.69 20.93 -31.19
C PHE B 406 -21.23 21.07 -31.60
N SER B 407 -20.91 20.78 -32.86
CA SER B 407 -19.51 20.89 -33.30
C SER B 407 -18.95 22.29 -33.12
N PRO B 408 -19.61 23.38 -33.57
CA PRO B 408 -18.99 24.70 -33.40
C PRO B 408 -19.28 25.32 -32.03
N ILE B 409 -20.40 24.94 -31.42
CA ILE B 409 -20.85 25.60 -30.20
C ILE B 409 -19.82 25.47 -29.09
N LEU B 410 -19.29 24.27 -28.90
CA LEU B 410 -18.23 24.05 -27.93
C LEU B 410 -16.83 24.19 -28.55
N SER B 411 -16.75 24.57 -29.82
CA SER B 411 -15.45 24.77 -30.44
C SER B 411 -14.68 25.90 -29.78
N ARG B 412 -15.38 27.00 -29.47
CA ARG B 412 -14.76 28.17 -28.84
C ARG B 412 -14.84 28.13 -27.33
N ILE B 413 -15.41 27.10 -26.74
CA ILE B 413 -15.60 27.00 -25.31
C ILE B 413 -14.81 25.80 -24.80
N GLY B 414 -13.99 26.02 -23.77
CA GLY B 414 -13.22 24.93 -23.21
C GLY B 414 -12.10 24.46 -24.13
N TYR B 415 -11.77 23.19 -24.00
CA TYR B 415 -10.68 22.62 -24.78
C TYR B 415 -10.99 22.62 -26.27
N GLY B 416 -12.22 22.29 -26.64
CA GLY B 416 -12.63 22.24 -28.02
C GLY B 416 -12.89 20.83 -28.49
N LEU B 417 -12.84 20.65 -29.81
CA LEU B 417 -13.11 19.35 -30.41
C LEU B 417 -12.50 19.29 -31.79
N THR B 418 -12.35 18.07 -32.30
CA THR B 418 -11.88 17.83 -33.65
C THR B 418 -12.67 16.67 -34.24
N TRP B 419 -12.64 16.56 -35.57
CA TRP B 419 -13.48 15.58 -36.25
C TRP B 419 -13.11 14.15 -35.86
N ARG B 420 -11.81 13.88 -35.68
CA ARG B 420 -11.39 12.55 -35.25
C ARG B 420 -11.93 12.23 -33.86
N ASN B 421 -11.81 13.19 -32.94
CA ASN B 421 -12.37 12.99 -31.60
C ASN B 421 -13.88 12.82 -31.65
N ALA B 422 -14.55 13.57 -32.53
CA ALA B 422 -15.99 13.41 -32.67
C ALA B 422 -16.34 12.01 -33.15
N VAL B 423 -15.59 11.48 -34.11
CA VAL B 423 -15.87 10.13 -34.60
C VAL B 423 -15.63 9.10 -33.51
N ILE B 424 -14.53 9.25 -32.76
CA ILE B 424 -14.25 8.31 -31.68
C ILE B 424 -15.35 8.36 -30.63
N MET B 425 -15.80 9.57 -30.29
CA MET B 425 -16.88 9.73 -29.31
C MET B 425 -18.17 9.10 -29.80
N THR B 426 -18.50 9.28 -31.09
CA THR B 426 -19.71 8.71 -31.63
C THR B 426 -19.66 7.18 -31.62
N TRP B 427 -18.54 6.60 -32.03
CA TRP B 427 -18.41 5.15 -32.07
C TRP B 427 -18.15 4.54 -30.70
N GLY B 428 -17.87 5.35 -29.70
CA GLY B 428 -17.51 4.86 -28.37
C GLY B 428 -18.66 4.73 -27.40
N GLY B 429 -19.91 4.82 -27.86
CA GLY B 429 -21.04 4.70 -26.96
C GLY B 429 -21.59 3.29 -26.88
N LEU B 430 -21.23 2.56 -25.83
CA LEU B 430 -21.69 1.18 -25.63
C LEU B 430 -22.67 1.14 -24.48
N ARG B 431 -23.84 0.54 -24.72
CA ARG B 431 -24.82 0.37 -23.66
C ARG B 431 -24.32 -0.64 -22.64
N GLY B 432 -24.70 -0.44 -21.39
CA GLY B 432 -24.21 -1.23 -20.29
C GLY B 432 -25.34 -1.80 -19.45
N ALA B 433 -25.04 -1.99 -18.16
CA ALA B 433 -25.96 -2.65 -17.26
C ALA B 433 -27.13 -1.77 -16.82
N VAL B 434 -27.01 -0.46 -16.94
CA VAL B 434 -28.07 0.44 -16.48
C VAL B 434 -29.33 0.22 -17.31
N GLY B 435 -29.18 0.19 -18.63
CA GLY B 435 -30.32 -0.04 -19.49
C GLY B 435 -30.95 -1.39 -19.24
N LEU B 436 -30.13 -2.42 -19.02
CA LEU B 436 -30.64 -3.74 -18.72
C LEU B 436 -31.44 -3.75 -17.42
N ALA B 437 -30.92 -3.09 -16.39
CA ALA B 437 -31.65 -3.04 -15.12
C ALA B 437 -32.98 -2.32 -15.28
N LEU B 438 -33.00 -1.20 -16.00
CA LEU B 438 -34.25 -0.49 -16.21
C LEU B 438 -35.24 -1.34 -16.99
N ALA B 439 -34.76 -2.05 -18.02
CA ALA B 439 -35.66 -2.91 -18.80
C ALA B 439 -36.21 -4.03 -17.93
N LEU B 440 -35.39 -4.61 -17.06
CA LEU B 440 -35.87 -5.65 -16.17
C LEU B 440 -36.93 -5.11 -15.22
N VAL B 441 -36.72 -3.92 -14.68
CA VAL B 441 -37.72 -3.33 -13.79
C VAL B 441 -39.03 -3.10 -14.53
N VAL B 442 -38.95 -2.56 -15.74
CA VAL B 442 -40.17 -2.31 -16.52
C VAL B 442 -40.90 -3.62 -16.81
N GLU B 443 -40.16 -4.66 -17.19
CA GLU B 443 -40.79 -5.94 -17.51
C GLU B 443 -41.43 -6.56 -16.26
N ASN B 444 -40.77 -6.44 -15.11
CA ASN B 444 -41.36 -6.97 -13.89
C ASN B 444 -42.62 -6.23 -13.50
N LEU B 445 -42.62 -4.90 -13.64
CA LEU B 445 -43.80 -4.12 -13.25
C LEU B 445 -45.00 -4.46 -14.13
N ALA B 446 -44.78 -4.63 -15.44
CA ALA B 446 -45.86 -4.96 -16.33
C ALA B 446 -46.30 -6.41 -16.13
N GLY B 447 -47.44 -6.75 -16.71
CA GLY B 447 -47.96 -8.10 -16.62
C GLY B 447 -48.53 -8.63 -17.92
N ASN B 448 -48.36 -7.86 -18.99
CA ASN B 448 -48.85 -8.22 -20.30
C ASN B 448 -47.68 -8.40 -21.27
N ASP B 449 -48.00 -8.58 -22.55
CA ASP B 449 -47.00 -8.86 -23.57
C ASP B 449 -46.56 -7.62 -24.34
N VAL B 450 -47.49 -6.71 -24.64
CA VAL B 450 -47.15 -5.55 -25.45
C VAL B 450 -46.14 -4.65 -24.76
N ILE B 451 -45.96 -4.82 -23.45
CA ILE B 451 -45.00 -4.03 -22.68
C ILE B 451 -44.24 -4.99 -21.77
N GLY B 452 -42.95 -4.73 -21.59
CA GLY B 452 -42.12 -5.58 -20.78
C GLY B 452 -41.36 -6.61 -21.59
N SER B 453 -42.07 -7.35 -22.45
CA SER B 453 -41.39 -8.25 -23.37
C SER B 453 -40.61 -7.48 -24.43
N LYS B 454 -41.27 -6.49 -25.06
CA LYS B 454 -40.61 -5.71 -26.10
C LYS B 454 -39.45 -4.90 -25.53
N PHE B 455 -39.66 -4.28 -24.36
CA PHE B 455 -38.59 -3.49 -23.75
C PHE B 455 -37.35 -4.34 -23.51
N LEU B 456 -37.52 -5.49 -22.84
CA LEU B 456 -36.39 -6.33 -22.52
C LEU B 456 -35.73 -6.88 -23.77
N PHE B 457 -36.54 -7.32 -24.74
CA PHE B 457 -35.98 -7.88 -25.97
C PHE B 457 -35.14 -6.85 -26.71
N HIS B 458 -35.67 -5.63 -26.89
CA HIS B 458 -34.93 -4.61 -27.63
C HIS B 458 -33.69 -4.18 -26.86
N THR B 459 -33.78 -4.03 -25.54
CA THR B 459 -32.61 -3.62 -24.77
C THR B 459 -31.51 -4.66 -24.85
N ALA B 460 -31.87 -5.94 -24.70
CA ALA B 460 -30.87 -6.99 -24.79
C ALA B 460 -30.25 -7.05 -26.17
N GLY B 461 -31.07 -6.91 -27.23
CA GLY B 461 -30.54 -6.92 -28.57
C GLY B 461 -29.57 -5.78 -28.83
N ILE B 462 -29.92 -4.58 -28.36
CA ILE B 462 -29.05 -3.43 -28.57
C ILE B 462 -27.75 -3.60 -27.81
N VAL B 463 -27.82 -4.09 -26.57
CA VAL B 463 -26.59 -4.29 -25.79
C VAL B 463 -25.69 -5.31 -26.47
N VAL B 464 -26.26 -6.42 -26.92
CA VAL B 464 -25.47 -7.45 -27.57
C VAL B 464 -24.84 -6.93 -28.85
N LEU B 465 -25.62 -6.19 -29.65
CA LEU B 465 -25.09 -5.67 -30.90
C LEU B 465 -23.94 -4.71 -30.66
N THR B 466 -24.11 -3.80 -29.70
CA THR B 466 -23.04 -2.84 -29.41
C THR B 466 -21.79 -3.55 -28.92
N LEU B 467 -21.95 -4.50 -28.00
CA LEU B 467 -20.80 -5.22 -27.46
C LEU B 467 -20.08 -6.00 -28.55
N VAL B 468 -20.82 -6.61 -29.46
CA VAL B 468 -20.20 -7.41 -30.51
C VAL B 468 -19.47 -6.51 -31.51
N ILE B 469 -20.09 -5.41 -31.92
CA ILE B 469 -19.55 -4.61 -33.01
C ILE B 469 -18.53 -3.59 -32.52
N ASN B 470 -18.97 -2.65 -31.68
CA ASN B 470 -18.12 -1.52 -31.35
C ASN B 470 -16.92 -1.93 -30.52
N ALA B 471 -17.11 -2.79 -29.53
CA ALA B 471 -16.02 -3.18 -28.66
C ALA B 471 -14.89 -3.88 -29.41
N THR B 472 -15.19 -4.48 -30.56
CA THR B 472 -14.18 -5.13 -31.37
C THR B 472 -13.63 -4.25 -32.48
N THR B 473 -14.43 -3.33 -33.02
CA THR B 473 -13.98 -2.49 -34.11
C THR B 473 -13.34 -1.19 -33.63
N ILE B 474 -13.41 -0.89 -32.33
CA ILE B 474 -12.86 0.37 -31.83
C ILE B 474 -11.36 0.43 -32.03
N GLN B 475 -10.66 -0.68 -31.79
CA GLN B 475 -9.21 -0.71 -31.96
C GLN B 475 -8.81 -0.44 -33.40
N THR B 476 -9.50 -1.09 -34.35
CA THR B 476 -9.22 -0.86 -35.76
C THR B 476 -9.51 0.58 -36.15
N LEU B 477 -10.61 1.14 -35.64
CA LEU B 477 -10.94 2.52 -35.95
C LEU B 477 -9.87 3.46 -35.41
N LEU B 478 -9.37 3.19 -34.20
CA LEU B 478 -8.30 4.02 -33.63
C LEU B 478 -7.04 3.92 -34.48
N ARG B 479 -6.70 2.71 -34.92
CA ARG B 479 -5.51 2.54 -35.73
C ARG B 479 -5.64 3.25 -37.08
N ILE B 480 -6.82 3.20 -37.68
CA ILE B 480 -7.02 3.84 -38.99
C ILE B 480 -6.83 5.34 -38.88
N LEU B 481 -7.40 5.80 -37.92
CA LEU B 481 -7.40 7.25 -37.72
C LEU B 481 -6.04 7.82 -37.34
N GLY B 482 -4.96 7.03 -37.35
CA GLY B 482 -3.65 7.55 -37.01
C GLY B 482 -3.49 7.99 -35.58
N MET B 483 -3.98 7.19 -34.62
CA MET B 483 -3.81 7.49 -33.21
C MET B 483 -3.04 6.43 -32.45
N SER B 484 -2.67 5.33 -33.10
CA SER B 484 -1.91 4.26 -32.45
C SER B 484 -0.41 4.39 -32.62
N ASP B 485 0.06 5.45 -33.26
CA ASP B 485 1.49 5.62 -33.48
C ASP B 485 2.21 5.92 -32.17
N ILE B 486 3.51 5.63 -32.17
CA ILE B 486 4.37 5.80 -30.99
C ILE B 486 5.34 6.94 -31.28
N SER B 487 5.45 7.86 -30.34
CA SER B 487 6.31 9.03 -30.53
C SER B 487 7.78 8.61 -30.57
N ILE B 488 8.54 9.28 -31.44
CA ILE B 488 9.97 8.98 -31.55
C ILE B 488 10.73 9.24 -30.26
N PRO B 489 10.52 10.35 -29.54
CA PRO B 489 11.19 10.49 -28.24
C PRO B 489 10.88 9.37 -27.27
N LYS B 490 9.63 8.93 -27.20
CA LYS B 490 9.28 7.81 -26.33
C LYS B 490 9.99 6.53 -26.77
N ARG B 491 10.05 6.30 -28.08
CA ARG B 491 10.72 5.11 -28.60
C ARG B 491 12.20 5.10 -28.23
N LEU B 492 12.87 6.24 -28.41
CA LEU B 492 14.30 6.29 -28.09
C LEU B 492 14.55 6.23 -26.59
N ALA B 493 13.66 6.81 -25.78
CA ALA B 493 13.78 6.69 -24.33
C ALA B 493 13.63 5.23 -23.91
N MET B 494 12.68 4.51 -24.50
CA MET B 494 12.52 3.10 -24.17
C MET B 494 13.74 2.30 -24.61
N ALA B 495 14.30 2.63 -25.77
CA ALA B 495 15.51 1.95 -26.23
C ALA B 495 16.67 2.17 -25.26
N GLY B 496 16.85 3.42 -24.80
CA GLY B 496 17.89 3.68 -23.83
C GLY B 496 17.66 2.95 -22.52
N ALA B 497 16.41 2.91 -22.06
CA ALA B 497 16.09 2.23 -20.81
C ALA B 497 16.39 0.74 -20.91
N VAL B 498 16.00 0.10 -22.02
CA VAL B 498 16.25 -1.33 -22.15
C VAL B 498 17.74 -1.59 -22.32
N ARG B 499 18.47 -0.67 -22.97
CA ARG B 499 19.93 -0.84 -23.05
C ARG B 499 20.56 -0.78 -21.66
N ARG B 500 20.03 0.24 -20.86
CA ARG B 500 20.50 0.33 -19.46
C ARG B 500 20.23 -1.02 -18.78
N ILE B 501 19.06 -1.53 -18.87
CA ILE B 501 18.64 -2.75 -18.19
C ILE B 501 19.52 -3.92 -18.60
N HIS B 502 19.81 -4.05 -19.90
CA HIS B 502 20.67 -5.13 -20.37
C HIS B 502 22.07 -5.02 -19.79
N GLU B 503 22.62 -3.80 -19.76
CA GLU B 503 23.95 -3.61 -19.19
C GLU B 503 23.97 -3.98 -17.71
N GLY B 504 22.97 -3.56 -16.95
CA GLY B 504 22.92 -3.91 -15.54
C GLY B 504 22.78 -5.39 -15.31
N GLN B 505 21.95 -6.05 -16.11
CA GLN B 505 21.79 -7.50 -15.99
C GLN B 505 23.10 -8.22 -16.30
N ASN B 506 23.80 -7.79 -17.34
CA ASN B 506 25.08 -8.41 -17.68
C ASN B 506 26.09 -8.21 -16.56
N ARG B 507 26.14 -7.00 -15.98
CA ARG B 507 27.07 -6.74 -14.89
C ARG B 507 26.76 -7.60 -13.68
N THR B 508 25.47 -7.71 -13.32
CA THR B 508 25.10 -8.52 -12.17
C THR B 508 25.41 -10.00 -12.41
N LEU B 509 25.16 -10.49 -13.63
CA LEU B 509 25.46 -11.87 -13.94
C LEU B 509 26.97 -12.13 -13.86
N ASN B 510 27.78 -11.20 -14.37
CA ASN B 510 29.22 -11.35 -14.27
C ASN B 510 29.68 -11.36 -12.82
N MET B 511 29.02 -10.58 -11.97
CA MET B 511 29.39 -10.54 -10.53
C MET B 511 29.00 -11.86 -9.85
N LEU B 512 27.78 -12.34 -10.09
CA LEU B 512 27.27 -13.56 -9.39
C LEU B 512 28.15 -14.78 -9.72
N LYS B 513 28.56 -14.92 -10.98
CA LYS B 513 29.34 -16.14 -11.38
C LYS B 513 30.62 -16.22 -10.56
N SER B 514 31.25 -15.08 -10.27
CA SER B 514 32.54 -15.08 -9.54
C SER B 514 32.35 -15.47 -8.08
N ASP B 515 31.14 -15.84 -7.68
CA ASP B 515 30.90 -16.17 -6.29
C ASP B 515 31.44 -17.56 -5.96
N ARG B 516 31.51 -17.87 -4.66
CA ARG B 516 32.02 -19.20 -4.24
C ARG B 516 30.83 -20.14 -4.01
N PHE B 517 29.70 -19.62 -3.54
CA PHE B 517 28.53 -20.48 -3.25
C PHE B 517 27.67 -20.61 -4.52
N LEU B 518 27.19 -19.48 -5.05
CA LEU B 518 26.41 -19.53 -6.28
C LEU B 518 27.33 -19.62 -7.50
N ALA B 519 28.28 -20.56 -7.46
CA ALA B 519 29.28 -20.66 -8.50
C ALA B 519 28.85 -21.57 -9.64
N ASP B 520 28.33 -22.75 -9.28
CA ASP B 520 27.98 -23.78 -10.29
C ASP B 520 26.49 -23.86 -10.57
N ALA B 521 25.71 -22.83 -10.24
CA ALA B 521 24.31 -22.85 -10.58
C ALA B 521 24.13 -22.86 -12.09
N ASP B 522 23.03 -23.45 -12.55
CA ASP B 522 22.75 -23.47 -13.98
C ASP B 522 22.50 -22.06 -14.48
N TRP B 523 23.01 -21.75 -15.67
CA TRP B 523 22.90 -20.41 -16.25
C TRP B 523 21.76 -20.32 -17.27
N ASP B 524 20.68 -21.05 -17.04
CA ASP B 524 19.45 -20.84 -17.79
C ASP B 524 18.66 -19.65 -17.28
N ILE B 525 19.10 -19.08 -16.16
CA ILE B 525 18.43 -17.86 -15.64
C ILE B 525 18.63 -16.74 -16.65
N ALA B 526 19.75 -16.74 -17.37
CA ALA B 526 20.02 -15.68 -18.33
C ALA B 526 18.83 -15.46 -19.25
N THR B 527 18.12 -16.53 -19.60
CA THR B 527 16.89 -16.43 -20.37
C THR B 527 15.64 -16.54 -19.51
N ALA B 528 15.73 -17.16 -18.33
CA ALA B 528 14.57 -17.22 -17.44
C ALA B 528 14.19 -15.81 -16.96
N ALA B 529 15.16 -15.07 -16.43
CA ALA B 529 14.94 -13.65 -16.17
C ALA B 529 14.75 -12.88 -17.47
N CYS B 530 15.28 -13.42 -18.58
CA CYS B 530 15.06 -12.90 -19.91
C CYS B 530 15.50 -11.45 -20.06
N GLU B 531 15.12 -10.83 -21.17
CA GLU B 531 15.40 -9.43 -21.43
C GLU B 531 14.09 -8.70 -21.65
N ILE B 532 13.96 -7.53 -21.04
CA ILE B 532 12.74 -6.74 -21.18
C ILE B 532 12.79 -6.03 -22.52
N SER B 533 12.25 -6.68 -23.55
CA SER B 533 12.29 -6.13 -24.90
C SER B 533 11.37 -4.93 -25.01
N ASP B 534 11.62 -4.11 -26.02
CA ASP B 534 10.81 -2.93 -26.25
C ASP B 534 9.42 -3.37 -26.69
N PRO B 535 8.36 -2.98 -25.95
CA PRO B 535 7.01 -3.37 -26.37
C PRO B 535 6.62 -2.83 -27.74
N TYR B 536 7.10 -1.65 -28.11
CA TYR B 536 6.77 -1.08 -29.40
C TYR B 536 7.34 -1.92 -30.55
N SER B 537 8.59 -2.37 -30.40
CA SER B 537 9.27 -3.20 -31.39
C SER B 537 9.27 -2.45 -32.72
N ALA B 538 8.82 -3.07 -33.82
CA ALA B 538 8.76 -2.43 -35.13
C ALA B 538 10.11 -1.87 -35.56
N ARG B 573 18.21 28.80 -43.75
CA ARG B 573 18.12 27.36 -43.79
C ARG B 573 19.28 26.72 -43.05
N GLU B 574 20.43 27.40 -43.03
CA GLU B 574 21.61 26.88 -42.37
C GLU B 574 21.62 27.17 -40.88
N PHE B 575 20.69 27.98 -40.37
CA PHE B 575 20.60 28.28 -38.95
C PHE B 575 19.42 27.61 -38.26
N ALA B 576 18.31 27.39 -38.98
CA ALA B 576 17.12 26.83 -38.36
C ALA B 576 17.39 25.46 -37.74
N ASP B 577 18.34 24.71 -38.30
CA ASP B 577 18.71 23.42 -37.75
C ASP B 577 19.21 23.55 -36.31
N MET B 578 20.28 24.32 -36.08
CA MET B 578 20.76 24.45 -34.70
C MET B 578 19.75 25.19 -33.84
N MET B 579 19.02 26.17 -34.38
CA MET B 579 17.99 26.83 -33.59
C MET B 579 16.99 25.82 -33.04
N GLU B 580 16.43 24.98 -33.92
CA GLU B 580 15.41 24.03 -33.50
C GLU B 580 16.00 22.99 -32.55
N GLU B 581 17.20 22.49 -32.84
CA GLU B 581 17.76 21.45 -31.97
C GLU B 581 18.05 21.99 -30.58
N ALA B 582 18.54 23.23 -30.48
CA ALA B 582 18.72 23.85 -29.17
C ALA B 582 17.39 24.06 -28.48
N ARG B 583 16.36 24.40 -29.25
CA ARG B 583 15.03 24.57 -28.66
C ARG B 583 14.56 23.27 -28.01
N LEU B 584 14.58 22.17 -28.75
CA LEU B 584 14.16 20.89 -28.14
C LEU B 584 15.09 20.47 -27.02
N ARG B 585 16.35 20.87 -27.07
CA ARG B 585 17.22 20.52 -25.94
C ARG B 585 16.77 21.26 -24.67
N MET B 586 16.41 22.54 -24.79
CA MET B 586 15.81 23.19 -23.63
C MET B 586 14.51 22.50 -23.21
N LEU B 587 13.70 22.04 -24.16
CA LEU B 587 12.45 21.39 -23.75
C LEU B 587 12.72 20.14 -22.92
N LYS B 588 13.62 19.27 -23.38
CA LYS B 588 13.89 18.07 -22.60
C LYS B 588 14.56 18.41 -21.28
N ALA B 589 15.45 19.42 -21.26
CA ALA B 589 16.07 19.80 -20.00
C ALA B 589 15.04 20.32 -19.00
N GLU B 590 14.12 21.17 -19.47
CA GLU B 590 13.06 21.68 -18.58
C GLU B 590 12.17 20.55 -18.10
N LYS B 591 11.80 19.64 -18.99
CA LYS B 591 10.92 18.54 -18.61
C LYS B 591 11.58 17.65 -17.56
N ILE B 592 12.85 17.31 -17.74
CA ILE B 592 13.51 16.45 -16.76
C ILE B 592 13.72 17.20 -15.45
N SER B 593 13.98 18.51 -15.51
CA SER B 593 14.10 19.29 -14.27
C SER B 593 12.79 19.31 -13.50
N TYR B 594 11.66 19.52 -14.19
CA TYR B 594 10.36 19.51 -13.53
C TYR B 594 10.06 18.13 -12.97
N TRP B 595 10.39 17.07 -13.72
CA TRP B 595 10.16 15.72 -13.22
C TRP B 595 10.97 15.44 -11.97
N LYS B 596 12.24 15.88 -11.95
CA LYS B 596 13.07 15.70 -10.77
C LYS B 596 12.52 16.48 -9.59
N GLN B 597 12.03 17.69 -9.83
CA GLN B 597 11.41 18.46 -8.76
C GLN B 597 10.18 17.75 -8.20
N PHE B 598 9.38 17.15 -9.09
CA PHE B 598 8.24 16.36 -8.62
C PHE B 598 8.70 15.18 -7.76
N GLU B 599 9.68 14.43 -8.25
CA GLU B 599 10.15 13.26 -7.51
C GLU B 599 10.70 13.66 -6.15
N HIS B 600 11.33 14.83 -6.05
CA HIS B 600 11.70 15.33 -4.73
C HIS B 600 10.47 15.68 -3.91
N GLY B 601 9.46 16.28 -4.53
CA GLY B 601 8.19 16.56 -3.90
C GLY B 601 7.86 18.02 -3.70
N MET B 602 8.73 18.95 -4.07
CA MET B 602 8.48 20.37 -3.83
C MET B 602 7.52 20.99 -4.84
N LEU B 603 7.30 20.37 -5.99
CA LEU B 603 6.55 20.98 -7.07
C LEU B 603 5.08 20.60 -7.08
N ALA B 604 4.63 19.75 -6.16
CA ALA B 604 3.24 19.30 -6.10
C ALA B 604 2.89 18.62 -7.42
N ARG B 605 1.62 18.66 -7.82
CA ARG B 605 1.14 17.97 -9.01
C ARG B 605 0.58 18.92 -10.06
N GLU B 606 -0.35 19.80 -9.67
CA GLU B 606 -1.00 20.67 -10.65
C GLU B 606 -0.01 21.63 -11.30
N ALA B 607 0.93 22.16 -10.51
CA ALA B 607 1.94 23.05 -11.08
C ALA B 607 2.79 22.31 -12.11
N LEU B 608 3.19 21.07 -11.80
CA LEU B 608 3.95 20.27 -12.75
C LEU B 608 3.15 20.02 -14.02
N ARG B 609 1.86 19.69 -13.87
CA ARG B 609 1.03 19.43 -15.04
C ARG B 609 0.93 20.66 -15.92
N LEU B 610 0.70 21.83 -15.31
CA LEU B 610 0.61 23.07 -16.09
C LEU B 610 1.93 23.37 -16.79
N LEU B 611 3.05 23.19 -16.08
CA LEU B 611 4.35 23.50 -16.67
C LEU B 611 4.63 22.59 -17.85
N VAL B 612 4.42 21.29 -17.71
CA VAL B 612 4.71 20.37 -18.80
C VAL B 612 3.75 20.60 -19.96
N GLN B 613 2.49 20.93 -19.66
CA GLN B 613 1.53 21.22 -20.73
C GLN B 613 1.98 22.42 -21.55
N HIS B 614 2.35 23.51 -20.86
CA HIS B 614 2.86 24.68 -21.58
C HIS B 614 4.10 24.32 -22.38
N ALA B 615 4.99 23.52 -21.79
CA ALA B 615 6.22 23.15 -22.48
C ALA B 615 5.94 22.41 -23.78
N GLU B 616 5.11 21.37 -23.73
CA GLU B 616 4.89 20.60 -24.96
C GLU B 616 4.05 21.38 -25.96
N VAL B 617 3.13 22.23 -25.48
CA VAL B 617 2.34 23.05 -26.40
C VAL B 617 3.26 23.98 -27.18
N ALA B 618 4.16 24.67 -26.48
CA ALA B 618 5.08 25.57 -27.17
C ALA B 618 6.12 24.82 -27.99
N ALA B 619 6.43 23.58 -27.62
CA ALA B 619 7.34 22.78 -28.43
C ALA B 619 6.70 22.40 -29.75
N ASP B 620 5.47 21.90 -29.72
CA ASP B 620 4.74 21.61 -30.95
C ASP B 620 4.45 22.87 -31.75
N GLU B 621 4.35 24.02 -31.08
CA GLU B 621 4.19 25.27 -31.79
C GLU B 621 5.47 25.62 -32.54
N LYS B 622 5.31 26.37 -33.64
CA LYS B 622 6.38 26.59 -34.60
C LYS B 622 7.14 27.87 -34.26
N ASP B 623 8.39 27.74 -33.83
CA ASP B 623 9.35 28.84 -33.66
C ASP B 623 8.85 29.89 -32.67
N GLN B 624 8.74 29.45 -31.42
CA GLN B 624 8.56 30.38 -30.30
C GLN B 624 8.99 29.67 -29.03
N PHE B 625 9.87 30.30 -28.26
CA PHE B 625 10.38 29.69 -27.04
C PHE B 625 9.29 29.65 -25.97
N ILE B 626 9.34 28.61 -25.15
CA ILE B 626 8.26 28.34 -24.22
C ILE B 626 8.22 29.41 -23.13
N LEU B 627 7.05 29.53 -22.50
CA LEU B 627 6.87 30.31 -21.28
C LEU B 627 7.25 31.77 -21.50
N VAL B 628 6.56 32.39 -22.48
CA VAL B 628 6.81 33.79 -22.79
C VAL B 628 6.36 34.73 -21.69
N ASP B 629 5.65 34.22 -20.68
CA ASP B 629 5.24 34.93 -19.47
C ASP B 629 4.18 35.99 -19.73
N ASP B 630 3.77 36.20 -20.98
CA ASP B 630 2.79 37.25 -21.27
C ASP B 630 1.42 36.87 -20.74
N LEU B 631 0.87 35.75 -21.19
CA LEU B 631 -0.44 35.31 -20.74
C LEU B 631 -0.42 33.86 -20.27
N LYS B 632 0.45 33.04 -20.87
CA LYS B 632 0.45 31.62 -20.54
C LYS B 632 0.87 31.37 -19.10
N LYS B 633 1.70 32.24 -18.54
CA LYS B 633 2.14 32.14 -17.15
C LYS B 633 1.62 33.32 -16.34
N SER B 634 0.37 33.70 -16.56
CA SER B 634 -0.17 34.89 -15.91
C SER B 634 -1.42 34.63 -15.10
N TRP B 635 -2.33 33.76 -15.56
CA TRP B 635 -3.60 33.59 -14.84
C TRP B 635 -3.39 33.00 -13.45
N GLN B 636 -2.51 31.99 -13.34
CA GLN B 636 -2.28 31.36 -12.04
C GLN B 636 -1.64 32.34 -11.06
N ILE B 637 -0.68 33.15 -11.54
CA ILE B 637 -0.07 34.16 -10.68
C ILE B 637 -1.10 35.20 -10.26
N LYS B 638 -1.92 35.65 -11.20
CA LYS B 638 -2.92 36.68 -10.92
C LYS B 638 -3.95 36.19 -9.89
N GLY B 639 -4.74 35.19 -10.27
CA GLY B 639 -5.77 34.67 -9.38
C GLY B 639 -6.73 35.73 -8.87
N ILE B 640 -7.21 36.61 -9.76
CA ILE B 640 -8.02 37.75 -9.38
C ILE B 640 -9.49 37.42 -9.61
N TYR B 641 -10.32 37.71 -8.61
CA TYR B 641 -11.77 37.53 -8.67
C TYR B 641 -12.28 38.28 -7.43
N PRO B 642 -13.58 38.55 -7.31
CA PRO B 642 -14.06 39.34 -6.16
C PRO B 642 -13.93 38.68 -4.79
N TRP B 643 -13.13 37.60 -4.66
CA TRP B 643 -12.78 37.10 -3.33
C TRP B 643 -12.35 38.22 -2.40
N LEU B 644 -11.41 39.06 -2.85
CA LEU B 644 -10.89 40.11 -2.01
C LEU B 644 -11.95 41.17 -1.70
N LYS B 645 -12.84 41.46 -2.65
CA LYS B 645 -13.89 42.44 -2.39
C LYS B 645 -14.88 41.91 -1.36
N ARG B 646 -15.27 40.64 -1.48
CA ARG B 646 -16.13 40.03 -0.47
C ARG B 646 -15.47 40.03 0.90
N LYS B 647 -14.18 39.71 0.91
CA LYS B 647 -13.42 39.68 2.21
C LYS B 647 -13.47 41.08 2.83
N LEU B 648 -13.14 42.11 2.04
CA LEU B 648 -13.10 43.47 2.56
C LEU B 648 -14.48 43.92 3.04
N GLU B 649 -15.52 43.56 2.28
CA GLU B 649 -16.87 43.92 2.70
C GLU B 649 -17.24 43.24 4.01
N ASP B 650 -16.85 41.97 4.18
CA ASP B 650 -17.11 41.28 5.43
C ASP B 650 -16.38 41.95 6.60
N LEU B 651 -15.11 42.30 6.40
CA LEU B 651 -14.37 42.95 7.48
C LEU B 651 -14.97 44.30 7.85
N ILE B 652 -15.36 45.10 6.84
CA ILE B 652 -15.94 46.40 7.17
C ILE B 652 -17.31 46.24 7.80
N SER B 653 -18.04 45.17 7.45
CA SER B 653 -19.30 44.87 8.13
C SER B 653 -19.06 44.53 9.60
N GLU B 654 -18.03 43.74 9.88
CA GLU B 654 -17.70 43.37 11.25
C GLU B 654 -16.66 44.36 11.78
N LYS B 655 -17.15 45.49 12.28
CA LYS B 655 -16.30 46.54 12.82
C LYS B 655 -16.83 46.96 14.18
N LYS B 656 -15.91 47.38 15.06
CA LYS B 656 -16.27 47.76 16.41
C LYS B 656 -15.23 48.73 16.95
N ILE B 657 -15.60 49.41 18.05
CA ILE B 657 -14.68 50.33 18.69
C ILE B 657 -13.53 49.56 19.33
N ALA B 658 -12.40 50.23 19.50
CA ALA B 658 -11.19 49.56 19.99
C ALA B 658 -11.39 49.03 21.40
N ALA B 659 -11.84 49.88 22.33
CA ALA B 659 -11.97 49.48 23.72
C ALA B 659 -12.98 50.37 24.40
N ILE B 660 -13.46 49.91 25.56
CA ILE B 660 -14.42 50.63 26.37
C ILE B 660 -13.78 50.86 27.74
N PRO B 661 -13.77 52.08 28.26
CA PRO B 661 -13.19 52.32 29.59
C PRO B 661 -14.02 51.68 30.68
N MET B 662 -13.35 51.42 31.81
CA MET B 662 -13.99 50.79 32.96
C MET B 662 -14.23 51.85 34.04
N PRO B 663 -15.47 52.30 34.23
CA PRO B 663 -15.73 53.25 35.32
C PRO B 663 -15.57 52.58 36.67
N LYS B 664 -14.97 53.32 37.61
CA LYS B 664 -14.77 52.80 38.96
C LYS B 664 -16.07 52.74 39.76
N TYR B 665 -17.15 53.33 39.24
CA TYR B 665 -18.44 53.24 39.92
C TYR B 665 -18.88 51.80 40.04
N LYS B 666 -19.52 51.47 41.17
CA LYS B 666 -19.96 50.11 41.49
C LYS B 666 -18.74 49.20 41.48
N LEU B 667 -18.92 47.93 41.10
CA LEU B 667 -17.79 47.01 41.03
C LEU B 667 -16.83 47.40 39.90
N GLY B 668 -17.37 47.66 38.72
CA GLY B 668 -16.55 48.12 37.61
C GLY B 668 -15.91 47.03 36.80
N LYS B 669 -14.65 46.71 37.13
CA LYS B 669 -13.86 45.78 36.31
C LYS B 669 -14.45 44.38 36.30
N LEU B 670 -14.97 43.91 37.44
CA LEU B 670 -15.53 42.57 37.52
C LEU B 670 -16.73 42.42 36.58
N MET B 671 -17.67 43.36 36.68
CA MET B 671 -18.86 43.33 35.83
C MET B 671 -18.48 43.52 34.36
N TYR B 672 -17.52 44.41 34.09
CA TYR B 672 -17.08 44.64 32.72
C TYR B 672 -16.48 43.37 32.11
N LYS B 673 -15.63 42.68 32.86
CA LYS B 673 -15.01 41.47 32.33
C LYS B 673 -16.01 40.33 32.22
N ILE B 674 -17.01 40.28 33.11
CA ILE B 674 -18.03 39.25 32.97
C ILE B 674 -18.92 39.53 31.76
N CYS B 675 -19.12 40.80 31.41
CA CYS B 675 -19.91 41.11 30.22
C CYS B 675 -19.11 40.94 28.94
N HIS B 676 -17.79 41.14 28.98
CA HIS B 676 -16.95 41.04 27.79
C HIS B 676 -16.34 39.66 27.60
N HIS B 677 -16.64 38.69 28.46
CA HIS B 677 -16.06 37.37 28.33
C HIS B 677 -16.71 36.60 27.19
N MET B 678 -15.95 35.64 26.64
CA MET B 678 -16.48 34.78 25.58
C MET B 678 -17.58 33.85 26.09
N ALA B 679 -17.61 33.58 27.39
CA ALA B 679 -18.68 32.79 27.96
C ALA B 679 -20.04 33.44 27.73
N PHE B 680 -20.08 34.77 27.71
CA PHE B 680 -21.33 35.48 27.49
C PHE B 680 -21.94 35.11 26.14
N GLU B 681 -21.15 35.24 25.06
CA GLU B 681 -21.66 34.86 23.75
C GLU B 681 -21.87 33.37 23.62
N VAL B 682 -21.09 32.57 24.36
CA VAL B 682 -21.31 31.12 24.34
C VAL B 682 -22.70 30.79 24.86
N THR B 683 -23.07 31.34 26.01
CA THR B 683 -24.40 31.07 26.56
C THR B 683 -25.50 31.69 25.72
N ILE B 684 -25.28 32.87 25.12
CA ILE B 684 -26.34 33.44 24.31
C ILE B 684 -26.58 32.59 23.06
N ASN B 685 -25.49 32.08 22.46
CA ASN B 685 -25.63 31.19 21.31
C ASN B 685 -26.35 29.90 21.70
N ILE B 686 -25.98 29.32 22.86
CA ILE B 686 -26.62 28.10 23.32
C ILE B 686 -28.12 28.34 23.57
N ALA B 687 -28.45 29.47 24.19
CA ALA B 687 -29.85 29.79 24.44
C ALA B 687 -30.63 29.91 23.14
N ILE B 688 -30.04 30.55 22.13
CA ILE B 688 -30.73 30.69 20.85
C ILE B 688 -30.96 29.31 20.20
N VAL B 689 -29.90 28.50 20.13
CA VAL B 689 -30.05 27.23 19.41
C VAL B 689 -31.01 26.32 20.15
N LEU B 690 -31.09 26.41 21.48
CA LEU B 690 -32.06 25.63 22.20
C LEU B 690 -33.43 26.32 22.23
N ASN B 691 -33.51 27.56 21.74
CA ASN B 691 -34.78 28.22 21.45
C ASN B 691 -35.34 27.81 20.09
N ILE B 692 -34.49 27.25 19.23
CA ILE B 692 -34.99 26.74 17.95
C ILE B 692 -36.02 25.66 18.20
N VAL B 693 -35.87 24.89 19.29
CA VAL B 693 -36.82 23.82 19.62
C VAL B 693 -38.16 24.48 19.91
N PRO B 694 -38.31 25.32 20.96
CA PRO B 694 -39.65 25.83 21.23
C PRO B 694 -40.25 26.57 20.03
N ILE B 695 -39.47 27.40 19.32
CA ILE B 695 -40.04 28.09 18.16
C ILE B 695 -40.57 27.11 17.12
N ILE B 696 -39.88 25.97 16.98
CA ILE B 696 -40.34 24.92 16.03
C ILE B 696 -41.70 24.36 16.48
N MET B 697 -41.84 24.01 17.77
CA MET B 697 -43.08 23.33 18.24
C MET B 697 -44.33 24.22 18.05
N GLU B 698 -44.31 25.43 18.63
CA GLU B 698 -45.44 26.38 18.46
C GLU B 698 -45.81 26.42 16.98
N PHE B 699 -44.82 26.64 16.11
CA PHE B 699 -45.10 26.61 14.64
C PHE B 699 -45.80 25.29 14.31
N VAL B 700 -45.27 24.18 14.84
CA VAL B 700 -45.90 22.88 14.61
C VAL B 700 -47.35 22.93 15.08
N VAL B 701 -47.57 23.43 16.30
CA VAL B 701 -48.93 23.56 16.83
C VAL B 701 -49.74 24.51 15.95
N GLN B 702 -49.10 25.57 15.44
CA GLN B 702 -49.78 26.47 14.52
C GLN B 702 -50.27 25.72 13.28
N ASP B 703 -49.42 24.87 12.71
CA ASP B 703 -49.80 24.13 11.51
C ASP B 703 -50.58 22.86 11.85
N LYS B 704 -50.92 22.66 13.12
CA LYS B 704 -51.71 21.51 13.54
C LYS B 704 -53.19 21.86 13.59
N SER B 723 -55.50 15.93 27.03
CA SER B 723 -54.68 16.70 27.95
C SER B 723 -53.33 17.04 27.34
N SER B 724 -53.03 16.41 26.20
CA SER B 724 -51.77 16.66 25.52
C SER B 724 -51.67 18.11 25.08
N LEU B 725 -52.73 18.65 24.47
CA LEU B 725 -52.73 20.06 24.09
C LEU B 725 -52.66 20.97 25.30
N GLN B 726 -53.32 20.58 26.40
CA GLN B 726 -53.29 21.38 27.61
C GLN B 726 -51.88 21.49 28.16
N LYS B 727 -51.16 20.36 28.24
CA LYS B 727 -49.78 20.42 28.72
C LYS B 727 -48.87 21.12 27.71
N ILE B 728 -49.19 21.02 26.42
CA ILE B 728 -48.40 21.72 25.41
C ILE B 728 -48.50 23.23 25.61
N GLU B 729 -49.71 23.74 25.82
CA GLU B 729 -49.84 25.19 26.02
C GLU B 729 -49.36 25.60 27.41
N ASP B 730 -49.39 24.68 28.38
CA ASP B 730 -48.85 24.98 29.70
C ASP B 730 -47.33 25.16 29.66
N ALA B 731 -46.62 24.29 28.93
CA ALA B 731 -45.16 24.39 28.89
C ALA B 731 -44.68 25.47 27.93
N LEU B 732 -45.17 25.42 26.68
CA LEU B 732 -44.75 26.36 25.64
C LEU B 732 -44.72 27.80 26.13
N ARG B 733 -45.70 28.11 26.98
CA ARG B 733 -45.83 29.48 27.52
C ARG B 733 -44.74 29.61 28.57
N ILE B 734 -44.47 28.53 29.28
CA ILE B 734 -43.33 28.57 30.24
C ILE B 734 -42.08 28.84 29.42
N SER B 735 -42.02 28.31 28.19
CA SER B 735 -40.80 28.47 27.35
C SER B 735 -40.49 29.94 27.10
N ASN B 736 -41.50 30.76 26.79
CA ASN B 736 -41.24 32.18 26.42
C ASN B 736 -41.08 33.04 27.69
N TYR B 737 -41.66 32.63 28.81
CA TYR B 737 -41.63 33.45 30.03
C TYR B 737 -40.31 33.31 30.78
N VAL B 738 -39.45 32.39 30.35
CA VAL B 738 -38.12 32.18 30.90
C VAL B 738 -37.06 32.80 29.99
N PHE B 739 -37.17 32.54 28.69
CA PHE B 739 -36.22 33.10 27.74
C PHE B 739 -36.26 34.63 27.72
N PHE B 740 -37.45 35.21 27.83
CA PHE B 740 -37.58 36.65 27.88
C PHE B 740 -36.82 37.21 29.08
N VAL B 741 -36.98 36.56 30.23
CA VAL B 741 -36.29 37.00 31.44
C VAL B 741 -34.77 36.85 31.26
N ILE B 742 -34.34 35.77 30.58
CA ILE B 742 -32.91 35.57 30.35
C ILE B 742 -32.36 36.69 29.48
N TYR B 743 -33.09 37.07 28.44
CA TYR B 743 -32.65 38.18 27.58
C TYR B 743 -32.63 39.48 28.36
N ALA B 744 -33.60 39.70 29.24
CA ALA B 744 -33.60 40.88 30.10
C ALA B 744 -32.38 40.88 31.00
N ILE B 745 -32.01 39.71 31.53
CA ILE B 745 -30.83 39.60 32.38
C ILE B 745 -29.58 39.94 31.58
N GLU B 746 -29.49 39.47 30.34
CA GLU B 746 -28.36 39.81 29.49
C GLU B 746 -28.31 41.32 29.31
N ALA B 747 -29.46 41.90 28.96
CA ALA B 747 -29.49 43.37 28.68
C ALA B 747 -28.84 44.13 29.84
N ILE B 748 -29.24 43.88 31.08
CA ILE B 748 -28.71 44.66 32.22
C ILE B 748 -27.18 44.57 32.25
N VAL B 749 -26.62 43.44 31.82
CA VAL B 749 -25.13 43.27 31.78
C VAL B 749 -24.60 43.92 30.51
N LYS B 750 -25.24 43.68 29.36
CA LYS B 750 -24.70 44.21 28.08
C LYS B 750 -24.83 45.73 28.00
N ILE B 751 -25.85 46.30 28.64
CA ILE B 751 -26.03 47.78 28.64
C ILE B 751 -25.15 48.38 29.74
N LEU B 752 -25.44 48.04 31.00
CA LEU B 752 -24.67 48.59 32.15
C LEU B 752 -23.20 48.17 31.99
N GLY B 753 -22.27 49.03 32.42
CA GLY B 753 -20.84 48.73 32.23
C GLY B 753 -20.42 49.05 30.80
N LEU B 754 -21.40 49.44 29.96
CA LEU B 754 -21.09 49.83 28.56
C LEU B 754 -21.58 51.27 28.34
N GLY B 755 -22.36 51.79 29.29
CA GLY B 755 -22.90 53.16 29.15
C GLY B 755 -23.74 53.28 27.88
N ARG B 756 -23.51 54.34 27.10
CA ARG B 756 -24.27 54.55 25.84
C ARG B 756 -23.88 53.49 24.82
N HIS B 757 -22.65 52.96 24.92
CA HIS B 757 -22.16 51.96 23.92
C HIS B 757 -23.31 51.01 23.54
N TYR B 758 -24.21 50.73 24.47
CA TYR B 758 -25.38 49.90 24.12
C TYR B 758 -25.85 50.20 22.70
N ILE B 759 -25.88 51.47 22.32
CA ILE B 759 -26.34 51.88 21.00
C ILE B 759 -25.22 52.18 20.02
N VAL B 760 -23.97 52.24 20.48
CA VAL B 760 -22.86 52.53 19.57
C VAL B 760 -22.71 51.41 18.54
N SER B 761 -22.76 50.16 19.01
CA SER B 761 -22.67 49.01 18.11
C SER B 761 -23.94 48.93 17.28
N HIS B 762 -23.82 49.24 15.98
CA HIS B 762 -25.00 49.25 15.11
C HIS B 762 -25.66 47.87 15.02
N TRP B 763 -24.89 46.80 15.19
CA TRP B 763 -25.48 45.47 15.24
C TRP B 763 -26.20 45.24 16.56
N ASN B 764 -25.61 45.66 17.67
CA ASN B 764 -26.19 45.45 18.98
C ASN B 764 -27.52 46.18 19.16
N LYS B 765 -27.81 47.15 18.30
CA LYS B 765 -29.11 47.82 18.34
C LYS B 765 -30.22 46.82 18.06
N PHE B 766 -29.91 45.77 17.31
CA PHE B 766 -30.90 44.72 17.03
C PHE B 766 -31.32 44.02 18.31
N ASP B 767 -30.42 43.92 19.29
CA ASP B 767 -30.77 43.27 20.55
C ASP B 767 -31.83 44.06 21.31
N ALA B 768 -31.79 45.38 21.24
CA ALA B 768 -32.82 46.17 21.91
C ALA B 768 -34.17 45.90 21.28
N PHE B 769 -34.21 45.82 19.95
CA PHE B 769 -35.46 45.61 19.23
C PHE B 769 -36.11 44.29 19.62
N ILE B 770 -35.34 43.20 19.62
CA ILE B 770 -35.92 41.89 19.94
C ILE B 770 -36.67 41.95 21.27
N LEU B 771 -36.04 42.53 22.29
CA LEU B 771 -36.71 42.58 23.59
C LEU B 771 -37.94 43.47 23.55
N VAL B 772 -37.82 44.66 22.92
CA VAL B 772 -38.99 45.53 22.83
C VAL B 772 -40.16 44.81 22.15
N VAL B 773 -39.89 44.09 21.05
CA VAL B 773 -40.98 43.42 20.35
C VAL B 773 -41.56 42.34 21.26
N ALA B 774 -40.68 41.58 21.91
CA ALA B 774 -41.03 40.53 22.84
C ALA B 774 -42.09 41.03 23.80
N LEU B 775 -41.71 42.00 24.64
CA LEU B 775 -42.63 42.50 25.66
C LEU B 775 -43.86 43.17 25.04
N VAL B 776 -43.67 43.97 23.99
CA VAL B 776 -44.78 44.72 23.39
C VAL B 776 -45.85 43.78 22.84
N ASP B 777 -45.45 42.60 22.37
CA ASP B 777 -46.36 41.61 21.82
C ASP B 777 -46.53 40.42 22.78
N ILE B 778 -46.49 40.71 24.08
CA ILE B 778 -46.71 39.63 25.10
C ILE B 778 -47.69 40.16 26.15
N ILE B 779 -47.68 41.47 26.39
CA ILE B 779 -48.57 42.08 27.44
C ILE B 779 -49.59 43.00 26.76
N ILE B 780 -49.14 43.85 25.82
CA ILE B 780 -50.06 44.82 25.16
C ILE B 780 -50.78 44.12 24.01
N ALA B 781 -50.22 43.02 23.53
CA ALA B 781 -50.85 42.24 22.44
C ALA B 781 -51.47 40.96 23.00
N GLU B 782 -50.89 40.43 24.08
CA GLU B 782 -51.39 39.15 24.65
C GLU B 782 -51.88 39.40 26.08
N THR B 783 -52.54 38.41 26.69
CA THR B 783 -53.08 38.57 28.07
C THR B 783 -53.77 39.94 28.18
N LEU B 784 -54.90 40.10 27.50
CA LEU B 784 -55.67 41.37 27.55
C LEU B 784 -56.57 41.42 28.79
N LEU B 785 -56.44 42.44 29.64
CA LEU B 785 -57.34 42.60 30.80
C LEU B 785 -57.51 44.09 31.12
N LYS B 786 -57.15 44.98 30.18
CA LYS B 786 -57.18 46.45 30.44
C LYS B 786 -57.76 47.22 29.24
N GLY B 787 -57.49 46.77 28.01
CA GLY B 787 -57.93 47.47 26.81
C GLY B 787 -57.01 47.22 25.64
N SER B 788 -56.46 48.31 25.08
CA SER B 788 -55.49 48.28 23.98
C SER B 788 -56.16 47.71 22.73
N ILE B 789 -55.74 46.55 22.21
CA ILE B 789 -56.32 46.02 20.99
C ILE B 789 -57.77 45.57 21.22
N THR B 790 -58.02 44.83 22.30
CA THR B 790 -59.36 44.35 22.66
C THR B 790 -60.09 43.71 21.47
N ILE B 791 -61.00 44.47 20.86
CA ILE B 791 -61.84 43.94 19.80
C ILE B 791 -61.06 43.74 18.51
N ASN B 792 -60.08 44.62 18.24
CA ASN B 792 -59.28 44.54 17.02
C ASN B 792 -58.78 43.11 16.79
N LEU B 793 -58.75 42.71 15.53
CA LEU B 793 -58.38 41.33 15.19
C LEU B 793 -56.86 41.16 15.26
N SER B 794 -56.31 41.45 16.40
CA SER B 794 -54.85 41.30 16.60
C SER B 794 -54.58 40.02 17.41
N SER B 795 -53.34 39.86 17.87
CA SER B 795 -52.97 38.63 18.61
C SER B 795 -54.08 38.24 19.60
N ILE B 796 -54.81 39.22 20.14
CA ILE B 796 -55.92 38.93 21.08
C ILE B 796 -56.76 37.80 20.47
N LYS B 797 -57.15 37.96 19.21
CA LYS B 797 -57.86 36.86 18.50
C LYS B 797 -56.84 36.16 17.61
N VAL B 798 -55.62 36.73 17.55
CA VAL B 798 -54.54 36.13 16.71
C VAL B 798 -53.57 35.41 17.65
N VAL B 799 -52.37 35.95 17.85
CA VAL B 799 -51.34 35.23 18.66
C VAL B 799 -50.88 34.03 17.84
N LYS B 800 -51.83 33.24 17.34
CA LYS B 800 -51.49 32.08 16.47
C LYS B 800 -50.57 32.61 15.38
N LEU B 801 -50.57 33.93 15.17
CA LEU B 801 -49.68 34.56 14.16
C LEU B 801 -49.14 35.87 14.75
N PHE B 802 -48.31 36.60 13.98
CA PHE B 802 -47.72 37.86 14.46
C PHE B 802 -46.74 37.57 15.59
N ARG B 803 -47.23 37.17 16.76
CA ARG B 803 -46.27 36.95 17.87
C ARG B 803 -45.26 35.87 17.44
N LEU B 804 -45.67 34.94 16.56
CA LEU B 804 -44.75 33.83 16.19
C LEU B 804 -43.39 34.42 15.80
N LEU B 805 -43.34 35.73 15.52
CA LEU B 805 -42.07 36.36 15.07
C LEU B 805 -40.93 36.03 16.04
N ARG B 806 -41.26 35.47 17.20
CA ARG B 806 -40.19 35.08 18.17
C ARG B 806 -38.98 34.58 17.37
N GLY B 807 -39.24 33.81 16.32
CA GLY B 807 -38.13 33.23 15.51
C GLY B 807 -37.10 34.27 15.13
N LEU B 808 -37.52 35.53 14.95
CA LEU B 808 -36.55 36.62 14.65
C LEU B 808 -35.35 36.47 15.59
N ARG B 809 -35.57 35.85 16.76
CA ARG B 809 -34.46 35.64 17.74
C ARG B 809 -33.33 34.89 17.05
N MET B 810 -33.67 34.00 16.11
CA MET B 810 -32.64 33.18 15.41
C MET B 810 -31.75 34.08 14.54
N LEU B 811 -32.35 35.00 13.79
CA LEU B 811 -31.55 35.86 12.87
C LEU B 811 -30.40 36.50 13.63
N ARG B 812 -30.43 36.49 14.99
CA ARG B 812 -29.39 37.19 15.79
C ARG B 812 -28.03 36.47 15.64
N LEU B 813 -28.03 35.20 15.24
CA LEU B 813 -26.77 34.41 15.15
C LEU B 813 -25.78 35.05 14.16
N THR B 814 -26.27 35.50 13.00
CA THR B 814 -25.38 36.05 11.93
C THR B 814 -24.14 36.73 12.54
N LYS B 815 -24.32 37.60 13.53
CA LYS B 815 -23.21 38.33 14.14
C LYS B 815 -22.01 37.41 14.34
N ALA B 816 -22.24 36.19 14.83
CA ALA B 816 -21.18 35.21 14.97
C ALA B 816 -20.96 34.39 13.70
N LEU B 817 -21.93 34.35 12.80
CA LEU B 817 -21.79 33.60 11.55
C LEU B 817 -20.92 34.33 10.54
N ILE B 818 -20.83 35.65 10.63
CA ILE B 818 -20.06 36.42 9.66
C ILE B 818 -18.58 36.01 9.64
N PRO B 819 -17.89 35.90 10.78
CA PRO B 819 -16.46 35.54 10.71
C PRO B 819 -16.19 34.18 10.09
N LYS B 820 -17.16 33.27 10.09
CA LYS B 820 -16.92 31.94 9.52
C LYS B 820 -16.70 32.00 8.02
N LEU B 821 -17.45 32.84 7.30
CA LEU B 821 -17.28 32.93 5.85
C LEU B 821 -15.90 33.47 5.49
N ILE B 822 -15.30 34.25 6.40
CA ILE B 822 -13.97 34.77 6.13
C ILE B 822 -12.99 33.61 6.02
N LEU B 823 -13.21 32.57 6.82
CA LEU B 823 -12.27 31.45 6.81
C LEU B 823 -12.29 30.76 5.45
N VAL B 824 -13.48 30.57 4.87
CA VAL B 824 -13.58 29.90 3.58
C VAL B 824 -13.00 30.75 2.46
N VAL B 825 -13.22 32.07 2.51
CA VAL B 825 -12.61 32.94 1.51
C VAL B 825 -11.09 32.90 1.63
N ASN B 826 -10.58 32.93 2.86
CA ASN B 826 -9.15 32.83 3.09
C ASN B 826 -8.61 31.52 2.56
N GLY B 827 -9.36 30.43 2.73
CA GLY B 827 -8.91 29.14 2.22
C GLY B 827 -8.83 29.11 0.71
N LYS B 828 -9.84 29.67 0.03
CA LYS B 828 -9.80 29.70 -1.43
C LYS B 828 -8.61 30.53 -1.93
N ILE B 829 -8.41 31.70 -1.33
CA ILE B 829 -7.28 32.53 -1.73
C ILE B 829 -5.97 31.84 -1.40
N ASN B 830 -5.92 31.10 -0.29
CA ASN B 830 -4.72 30.35 0.07
C ASN B 830 -4.38 29.30 -0.99
N ASN B 831 -5.39 28.57 -1.46
CA ASN B 831 -5.15 27.56 -2.49
C ASN B 831 -4.63 28.21 -3.76
N GLN B 832 -5.27 29.31 -4.18
CA GLN B 832 -4.83 29.99 -5.40
C GLN B 832 -3.39 30.50 -5.26
N LEU B 833 -3.08 31.11 -4.11
CA LEU B 833 -1.74 31.65 -3.88
C LEU B 833 -0.71 30.53 -3.85
N SER B 834 -1.04 29.40 -3.22
CA SER B 834 -0.11 28.28 -3.18
C SER B 834 0.18 27.76 -4.58
N LEU B 835 -0.86 27.63 -5.41
CA LEU B 835 -0.65 27.17 -6.79
C LEU B 835 0.26 28.13 -7.54
N GLY B 836 0.00 29.44 -7.41
CA GLY B 836 0.83 30.41 -8.10
C GLY B 836 2.28 30.38 -7.64
N TYR B 837 2.49 30.29 -6.33
CA TYR B 837 3.85 30.22 -5.79
C TYR B 837 4.57 28.98 -6.28
N ASP B 838 3.89 27.83 -6.29
CA ASP B 838 4.53 26.61 -6.76
C ASP B 838 4.93 26.74 -8.22
N VAL B 839 4.03 27.28 -9.06
CA VAL B 839 4.35 27.45 -10.47
C VAL B 839 5.57 28.36 -10.64
N GLY B 840 5.57 29.49 -9.93
CA GLY B 840 6.69 30.42 -10.09
C GLY B 840 8.01 29.83 -9.65
N LYS B 841 8.02 29.22 -8.47
CA LYS B 841 9.26 28.58 -7.97
C LYS B 841 9.73 27.58 -9.01
N GLY B 842 8.86 26.65 -9.42
CA GLY B 842 9.26 25.63 -10.35
C GLY B 842 9.87 26.22 -11.62
N TYR B 843 9.25 27.27 -12.16
CA TYR B 843 9.79 27.90 -13.35
C TYR B 843 11.19 28.47 -13.08
N ILE B 844 11.37 29.14 -11.94
CA ILE B 844 12.66 29.75 -11.64
C ILE B 844 13.75 28.68 -11.53
N ILE B 845 13.47 27.60 -10.79
CA ILE B 845 14.47 26.55 -10.61
C ILE B 845 14.79 25.89 -11.94
N GLY B 846 13.76 25.58 -12.73
CA GLY B 846 13.99 25.00 -14.03
C GLY B 846 14.84 25.89 -14.92
N GLU B 847 14.58 27.20 -14.88
CA GLU B 847 15.37 28.12 -15.70
C GLU B 847 16.84 28.15 -15.27
N GLU B 848 17.17 28.20 -14.07
CA GLU B 848 18.60 28.22 -13.64
C GLU B 848 19.27 26.92 -14.08
N GLU B 849 18.68 25.78 -13.74
CA GLU B 849 19.29 24.48 -14.13
C GLU B 849 19.47 24.46 -15.64
N VAL B 850 18.44 24.86 -16.39
CA VAL B 850 18.53 24.82 -17.84
C VAL B 850 19.64 25.73 -18.35
N GLY B 851 19.85 26.84 -17.64
CA GLY B 851 20.93 27.77 -18.02
C GLY B 851 22.31 27.17 -17.87
N LYS B 852 22.59 26.58 -16.73
CA LYS B 852 23.90 25.93 -16.49
C LYS B 852 24.04 24.75 -17.43
N ILE B 853 22.91 24.10 -17.81
CA ILE B 853 23.13 23.00 -18.75
C ILE B 853 23.49 23.54 -20.13
N ILE B 854 22.71 24.51 -20.64
CA ILE B 854 22.92 25.01 -21.99
C ILE B 854 24.30 25.62 -22.12
N ASP B 855 24.77 26.29 -21.05
CA ASP B 855 26.06 26.96 -21.09
C ASP B 855 27.17 26.03 -21.57
N ARG B 856 27.21 24.82 -21.03
CA ARG B 856 28.23 23.87 -21.47
C ARG B 856 27.81 23.02 -22.67
N MET B 857 26.51 22.76 -22.87
CA MET B 857 26.17 21.82 -23.92
C MET B 857 26.34 22.46 -25.29
N VAL B 858 25.92 23.74 -25.44
CA VAL B 858 25.95 24.37 -26.75
C VAL B 858 27.37 24.82 -27.08
N ASP B 859 27.69 24.84 -28.37
CA ASP B 859 29.00 25.26 -28.87
C ASP B 859 29.01 26.69 -29.44
N ASN B 860 28.03 27.08 -30.24
CA ASN B 860 28.04 28.40 -30.84
C ASN B 860 27.79 29.48 -29.78
N LYS B 861 28.04 30.74 -30.17
CA LYS B 861 28.02 31.86 -29.25
C LYS B 861 26.79 32.75 -29.39
N LYS B 862 26.43 33.15 -30.61
CA LYS B 862 25.27 34.02 -30.79
C LYS B 862 23.99 33.34 -30.33
N ILE B 863 23.84 32.05 -30.65
CA ILE B 863 22.68 31.32 -30.18
C ILE B 863 22.66 31.28 -28.65
N LEU B 864 23.81 31.06 -28.03
CA LEU B 864 23.88 31.02 -26.58
C LEU B 864 23.48 32.35 -25.96
N ARG B 865 23.97 33.46 -26.52
CA ARG B 865 23.63 34.77 -25.96
C ARG B 865 22.14 35.07 -26.11
N GLU B 866 21.55 34.72 -27.27
CA GLU B 866 20.12 34.92 -27.43
C GLU B 866 19.33 34.07 -26.43
N LEU B 867 19.76 32.82 -26.24
CA LEU B 867 19.07 31.91 -25.35
C LEU B 867 19.10 32.44 -23.92
N LYS B 868 20.27 32.90 -23.48
CA LYS B 868 20.40 33.46 -22.14
C LYS B 868 19.58 34.74 -21.99
N HIS B 869 19.49 35.55 -23.05
CA HIS B 869 18.64 36.73 -23.00
C HIS B 869 17.19 36.34 -22.74
N ILE B 870 16.67 35.39 -23.52
CA ILE B 870 15.27 35.00 -23.39
C ILE B 870 15.01 34.36 -22.03
N SER B 871 15.98 33.63 -21.49
CA SER B 871 15.85 33.08 -20.14
C SER B 871 15.81 34.18 -19.07
N GLU B 872 16.77 35.10 -19.12
CA GLU B 872 16.88 36.13 -18.09
C GLU B 872 15.68 37.05 -18.07
N THR B 873 15.16 37.43 -19.24
CA THR B 873 14.00 38.33 -19.26
C THR B 873 12.82 37.71 -18.52
N GLY B 874 12.49 36.46 -18.86
CA GLY B 874 11.39 35.78 -18.20
C GLY B 874 11.62 35.60 -16.71
N ARG B 875 12.85 35.24 -16.33
CA ARG B 875 13.15 35.06 -14.91
C ARG B 875 12.93 36.36 -14.13
N LEU B 876 13.43 37.48 -14.66
CA LEU B 876 13.25 38.76 -13.98
C LEU B 876 11.79 39.12 -13.88
N GLN B 877 11.03 38.93 -14.97
CA GLN B 877 9.61 39.26 -14.94
C GLN B 877 8.87 38.45 -13.88
N VAL B 878 9.14 37.14 -13.82
CA VAL B 878 8.46 36.30 -12.84
C VAL B 878 8.83 36.71 -11.41
N VAL B 879 10.10 37.01 -11.18
CA VAL B 879 10.54 37.41 -9.85
C VAL B 879 9.81 38.68 -9.41
N LYS B 880 9.76 39.67 -10.30
CA LYS B 880 9.08 40.92 -9.96
C LYS B 880 7.59 40.70 -9.72
N GLU B 881 6.94 39.89 -10.56
CA GLU B 881 5.51 39.63 -10.38
C GLU B 881 5.23 38.96 -9.05
N LEU B 882 6.06 37.95 -8.69
CA LEU B 882 5.86 37.27 -7.41
C LEU B 882 6.07 38.20 -6.24
N GLY B 883 7.08 39.08 -6.32
CA GLY B 883 7.27 40.05 -5.26
C GLY B 883 6.09 40.99 -5.10
N LEU B 884 5.57 41.48 -6.22
CA LEU B 884 4.39 42.37 -6.16
C LEU B 884 3.19 41.65 -5.56
N LEU B 885 2.98 40.39 -5.96
CA LEU B 885 1.85 39.63 -5.41
C LEU B 885 1.99 39.43 -3.91
N GLN B 886 3.19 39.07 -3.45
CA GLN B 886 3.42 38.88 -2.03
C GLN B 886 3.18 40.18 -1.27
N ARG B 887 3.63 41.31 -1.82
CA ARG B 887 3.36 42.60 -1.19
C ARG B 887 1.86 42.87 -1.12
N GLU B 888 1.14 42.54 -2.19
CA GLU B 888 -0.30 42.85 -2.24
C GLU B 888 -1.09 42.02 -1.23
N HIS B 889 -0.71 40.76 -1.03
CA HIS B 889 -1.37 39.88 -0.06
C HIS B 889 -0.41 39.48 1.04
N PRO B 890 -0.36 40.23 2.15
CA PRO B 890 0.58 39.91 3.22
C PRO B 890 0.13 38.79 4.15
N GLY B 891 -1.19 38.70 4.39
CA GLY B 891 -1.68 37.80 5.42
C GLY B 891 -1.47 36.33 5.09
N ILE B 892 -1.76 35.94 3.86
CA ILE B 892 -1.72 34.53 3.48
C ILE B 892 -0.34 34.08 2.99
N ALA B 893 0.49 35.02 2.52
CA ALA B 893 1.83 34.64 2.07
C ALA B 893 2.64 34.05 3.22
N VAL B 894 2.51 34.63 4.41
CA VAL B 894 3.25 34.13 5.57
C VAL B 894 2.83 32.69 5.87
N SER B 895 1.53 32.42 5.83
CA SER B 895 1.04 31.06 6.08
C SER B 895 1.56 30.10 5.02
N VAL B 896 1.58 30.53 3.75
CA VAL B 896 2.08 29.67 2.68
C VAL B 896 3.55 29.32 2.91
N LYS B 897 4.37 30.34 3.14
CA LYS B 897 5.81 30.08 3.35
C LYS B 897 5.96 29.11 4.51
N THR B 898 5.22 29.31 5.59
CA THR B 898 5.36 28.46 6.81
C THR B 898 5.05 27.00 6.46
N ARG B 899 3.93 26.74 5.78
CA ARG B 899 3.52 25.35 5.49
C ARG B 899 4.60 24.66 4.64
N GLN B 900 5.10 25.35 3.60
CA GLN B 900 6.09 24.72 2.69
C GLN B 900 7.35 24.34 3.48
N ALA B 901 7.79 25.21 4.39
CA ALA B 901 8.98 24.93 5.20
C ALA B 901 8.73 23.71 6.09
N ILE B 902 7.62 23.71 6.83
CA ILE B 902 7.33 22.59 7.77
C ILE B 902 7.27 21.31 6.94
N ARG B 903 6.68 21.38 5.75
CA ARG B 903 6.66 20.19 4.86
C ARG B 903 8.09 19.84 4.49
N THR B 904 8.87 20.79 3.96
CA THR B 904 10.21 20.42 3.52
C THR B 904 11.01 19.82 4.67
N ILE B 905 10.94 20.45 5.86
CA ILE B 905 11.68 19.95 7.02
C ILE B 905 11.21 18.56 7.41
N LEU B 906 9.90 18.33 7.43
CA LEU B 906 9.40 17.02 7.82
C LEU B 906 9.78 15.95 6.80
N ASN B 907 9.75 16.30 5.52
CA ASN B 907 10.15 15.35 4.48
C ASN B 907 11.62 14.97 4.63
N HIS B 908 12.49 15.95 4.88
CA HIS B 908 13.90 15.62 5.05
C HIS B 908 14.12 14.80 6.32
N SER B 909 13.36 15.08 7.37
CA SER B 909 13.45 14.28 8.59
C SER B 909 13.04 12.83 8.32
N ARG B 910 11.98 12.64 7.53
CA ARG B 910 11.54 11.29 7.19
C ARG B 910 12.61 10.57 6.36
N GLU B 911 13.24 11.28 5.43
CA GLU B 911 14.31 10.68 4.64
C GLU B 911 15.47 10.26 5.52
N THR B 912 15.84 11.12 6.48
CA THR B 912 16.92 10.78 7.41
C THR B 912 16.55 9.57 8.26
N ILE B 913 15.30 9.49 8.71
CA ILE B 913 14.87 8.35 9.50
C ILE B 913 14.93 7.07 8.68
N HIS B 914 14.49 7.13 7.43
CA HIS B 914 14.55 5.95 6.57
C HIS B 914 16.00 5.52 6.34
N GLU B 915 16.90 6.47 6.11
CA GLU B 915 18.30 6.13 5.92
C GLU B 915 18.88 5.50 7.18
N LEU B 916 18.54 6.04 8.34
CA LEU B 916 19.04 5.49 9.60
C LEU B 916 18.54 4.06 9.82
N GLN B 917 17.26 3.82 9.52
CA GLN B 917 16.72 2.47 9.65
C GLN B 917 17.40 1.51 8.68
N GLY B 918 17.64 1.97 7.45
CA GLY B 918 18.35 1.13 6.49
C GLY B 918 19.78 0.83 6.91
N ALA B 919 20.43 1.77 7.61
CA ALA B 919 21.80 1.58 8.06
C ALA B 919 21.93 0.51 9.13
N GLY B 920 20.81 0.06 9.72
CA GLY B 920 20.84 -1.01 10.70
C GLY B 920 20.96 -0.56 12.14
N LEU B 921 21.18 0.74 12.40
CA LEU B 921 21.26 1.20 13.78
C LEU B 921 19.91 1.13 14.47
N LEU B 922 18.82 1.22 13.72
CA LEU B 922 17.47 1.16 14.27
C LEU B 922 16.72 0.00 13.62
N ASP B 923 16.01 -0.76 14.45
CA ASP B 923 15.23 -1.89 13.95
C ASP B 923 13.91 -1.38 13.37
N GLU B 924 12.98 -2.30 13.11
CA GLU B 924 11.80 -1.94 12.32
C GLU B 924 10.76 -1.18 13.15
N MET B 925 10.54 -1.55 14.41
CA MET B 925 9.36 -1.02 15.09
C MET B 925 9.57 0.41 15.56
N GLU B 926 10.80 0.78 15.94
CA GLU B 926 11.09 2.16 16.30
C GLU B 926 10.99 3.07 15.08
N ALA B 927 11.50 2.59 13.93
CA ALA B 927 11.38 3.36 12.70
C ALA B 927 9.92 3.54 12.32
N HIS B 928 9.12 2.48 12.46
CA HIS B 928 7.69 2.57 12.15
C HIS B 928 7.00 3.57 13.08
N LYS B 929 7.34 3.53 14.37
CA LYS B 929 6.75 4.46 15.32
C LYS B 929 7.10 5.90 14.99
N LEU B 930 8.37 6.16 14.65
CA LEU B 930 8.76 7.53 14.32
C LEU B 930 8.12 7.99 13.01
N GLU B 931 7.99 7.09 12.05
CA GLU B 931 7.29 7.44 10.81
C GLU B 931 5.83 7.76 11.09
N LEU B 932 5.19 7.00 11.98
CA LEU B 932 3.81 7.30 12.37
C LEU B 932 3.72 8.67 13.01
N THR B 933 4.66 9.01 13.88
CA THR B 933 4.69 10.34 14.48
C THR B 933 4.82 11.42 13.40
N VAL B 934 5.69 11.18 12.43
CA VAL B 934 5.92 12.17 11.37
C VAL B 934 4.64 12.38 10.55
N GLU B 935 3.96 11.29 10.17
CA GLU B 935 2.77 11.46 9.36
C GLU B 935 1.62 12.07 10.16
N ILE B 936 1.54 11.78 11.46
CA ILE B 936 0.56 12.46 12.30
C ILE B 936 0.84 13.95 12.35
N LYS B 937 2.12 14.32 12.47
CA LYS B 937 2.49 15.73 12.45
C LYS B 937 2.09 16.39 11.13
N MET B 938 2.32 15.69 10.01
CA MET B 938 1.95 16.23 8.70
C MET B 938 0.44 16.42 8.58
N LYS B 939 -0.33 15.44 9.05
CA LYS B 939 -1.79 15.57 9.00
C LYS B 939 -2.26 16.73 9.87
N ARG B 940 -1.65 16.91 11.04
CA ARG B 940 -1.98 18.06 11.88
C ARG B 940 -1.62 19.36 11.18
N LEU B 941 -0.49 19.39 10.48
CA LEU B 941 -0.12 20.55 9.68
C LEU B 941 -1.19 20.86 8.64
N MET B 942 -1.77 19.82 8.04
CA MET B 942 -2.74 20.01 6.96
C MET B 942 -3.94 20.83 7.41
N ASN B 943 -4.22 20.90 8.71
CA ASN B 943 -5.32 21.70 9.25
C ASN B 943 -4.84 23.04 9.79
N ALA B 944 -3.80 23.62 9.21
CA ALA B 944 -3.26 24.87 9.69
C ALA B 944 -4.22 26.02 9.36
N PRO B 945 -4.19 27.10 10.15
CA PRO B 945 -5.00 28.28 9.82
C PRO B 945 -4.61 28.87 8.48
N SER B 946 -5.61 29.39 7.77
CA SER B 946 -5.38 29.89 6.42
C SER B 946 -4.66 31.24 6.41
N SER B 947 -4.71 31.99 7.50
CA SER B 947 -4.11 33.32 7.56
C SER B 947 -3.31 33.48 8.85
N ILE B 948 -2.19 34.18 8.75
CA ILE B 948 -1.32 34.45 9.90
C ILE B 948 -0.91 35.92 9.86
N PRO B 949 -1.07 36.66 10.95
CA PRO B 949 -0.64 38.07 10.96
C PRO B 949 0.87 38.17 10.74
N PRO B 950 1.31 39.19 10.00
CA PRO B 950 2.74 39.33 9.71
C PRO B 950 3.54 39.54 10.98
N PRO B 951 4.75 38.98 11.06
CA PRO B 951 5.58 39.18 12.24
C PRO B 951 6.06 40.62 12.33
N PRO B 952 6.36 41.11 13.53
CA PRO B 952 6.79 42.50 13.69
C PRO B 952 8.23 42.70 13.26
N PRO B 953 8.65 43.95 13.05
CA PRO B 953 10.05 44.21 12.69
C PRO B 953 11.04 43.69 13.72
N GLU B 954 10.68 43.68 15.01
CA GLU B 954 11.57 43.11 16.01
C GLU B 954 11.80 41.63 15.75
N ASN B 955 10.72 40.89 15.43
CA ASN B 955 10.88 39.48 15.08
C ASN B 955 11.70 39.32 13.81
N LEU B 956 11.49 40.20 12.82
CA LEU B 956 12.27 40.14 11.60
C LEU B 956 13.76 40.31 11.89
N LEU B 957 14.11 41.27 12.74
CA LEU B 957 15.50 41.48 13.12
C LEU B 957 16.05 40.29 13.91
N LYS B 958 15.23 39.73 14.80
CA LYS B 958 15.67 38.60 15.61
C LYS B 958 15.96 37.37 14.77
N ASN B 959 15.15 37.13 13.74
CA ASN B 959 15.29 35.85 12.99
C ASN B 959 16.52 35.82 12.10
N VAL B 960 17.14 36.96 11.81
CA VAL B 960 18.25 36.98 10.86
C VAL B 960 19.32 36.00 11.32
N SER B 961 19.84 35.21 10.38
CA SER B 961 20.61 34.03 10.73
C SER B 961 21.91 34.36 11.44
N TRP B 962 22.70 35.29 10.88
CA TRP B 962 24.09 35.42 11.34
C TRP B 962 24.21 36.02 12.73
N LEU B 963 23.13 36.54 13.30
CA LEU B 963 23.15 37.04 14.68
C LEU B 963 22.14 36.34 15.57
N ALA B 964 21.40 35.36 15.05
CA ALA B 964 20.42 34.65 15.84
C ALA B 964 21.11 33.82 16.93
N GLY B 965 20.27 33.23 17.80
CA GLY B 965 20.79 32.43 18.89
C GLY B 965 20.94 33.21 20.18
N ASP B 966 22.15 33.70 20.45
CA ASP B 966 22.42 34.38 21.71
C ASP B 966 21.63 35.67 21.81
N MET B 967 21.37 36.10 23.04
CA MET B 967 20.56 37.29 23.30
C MET B 967 21.39 38.55 23.51
N LYS B 968 22.64 38.42 23.98
CA LYS B 968 23.47 39.60 24.22
C LYS B 968 23.74 40.35 22.93
N LEU B 969 24.13 39.62 21.88
CA LEU B 969 24.40 40.27 20.60
C LEU B 969 23.12 40.82 19.98
N ILE B 970 22.00 40.11 20.16
CA ILE B 970 20.73 40.62 19.66
C ILE B 970 20.37 41.94 20.32
N ASP B 971 20.55 42.03 21.63
CA ASP B 971 20.29 43.30 22.33
C ASP B 971 21.25 44.39 21.89
N PHE B 972 22.52 44.05 21.72
CA PHE B 972 23.51 45.04 21.29
C PHE B 972 23.16 45.60 19.92
N ILE B 973 22.72 44.73 19.00
CA ILE B 973 22.34 45.19 17.67
C ILE B 973 21.05 46.00 17.73
N LYS B 974 20.05 45.53 18.49
CA LYS B 974 18.78 46.23 18.61
C LYS B 974 18.95 47.60 19.25
N ALA B 975 20.00 47.81 20.03
CA ALA B 975 20.23 49.11 20.64
C ALA B 975 20.41 50.20 19.58
N ARG B 976 21.19 49.90 18.54
CA ARG B 976 21.45 50.85 17.46
C ARG B 976 21.16 50.19 16.12
N ALA B 977 19.90 50.28 15.67
CA ALA B 977 19.53 49.86 14.32
C ALA B 977 18.38 50.77 13.89
N SER B 978 18.71 51.87 13.21
CA SER B 978 17.72 52.88 12.91
C SER B 978 16.73 52.39 11.86
N LEU B 979 15.49 52.85 11.98
CA LEU B 979 14.47 52.55 10.99
C LEU B 979 14.40 53.69 9.97
N LEU B 980 14.42 53.34 8.69
CA LEU B 980 14.39 54.32 7.61
C LEU B 980 13.20 54.04 6.71
N HIS B 981 12.43 55.09 6.43
CA HIS B 981 11.29 55.02 5.53
C HIS B 981 11.67 55.66 4.20
N PHE B 982 11.38 54.96 3.10
CA PHE B 982 11.72 55.45 1.77
C PHE B 982 10.47 55.43 0.90
N ASP B 983 10.18 56.56 0.30
CA ASP B 983 9.07 56.71 -0.64
C ASP B 983 9.40 56.01 -1.95
N TYR B 984 8.36 55.72 -2.73
CA TYR B 984 8.54 55.04 -4.01
C TYR B 984 9.44 55.84 -4.93
N GLY B 985 10.29 55.13 -5.67
CA GLY B 985 11.18 55.76 -6.63
C GLY B 985 12.27 56.63 -6.04
N GLU B 986 12.92 56.16 -4.98
CA GLU B 986 14.06 56.85 -4.38
C GLU B 986 15.32 56.00 -4.58
N VAL B 987 16.46 56.55 -4.14
CA VAL B 987 17.75 55.89 -4.25
C VAL B 987 18.31 55.70 -2.86
N ILE B 988 18.67 54.46 -2.53
CA ILE B 988 19.21 54.14 -1.21
C ILE B 988 20.74 54.17 -1.27
N VAL B 989 21.32 53.34 -2.14
CA VAL B 989 22.76 53.18 -2.24
C VAL B 989 23.19 53.48 -3.66
N ARG B 990 24.23 54.29 -3.81
CA ARG B 990 24.79 54.63 -5.11
C ARG B 990 25.98 53.72 -5.41
N GLU B 991 26.13 53.34 -6.68
CA GLU B 991 27.25 52.52 -7.08
C GLU B 991 28.55 53.29 -6.97
N GLY B 992 29.60 52.61 -6.52
CA GLY B 992 30.87 53.26 -6.31
C GLY B 992 31.01 54.02 -5.01
N ASP B 993 30.00 53.95 -4.13
CA ASP B 993 30.04 54.64 -2.85
C ASP B 993 30.68 53.76 -1.79
N GLU B 994 31.31 54.41 -0.81
CA GLU B 994 31.97 53.68 0.26
C GLU B 994 30.95 52.95 1.13
N SER B 995 31.37 51.81 1.67
CA SER B 995 30.49 51.03 2.54
C SER B 995 30.16 51.80 3.81
N ASP B 996 28.91 51.72 4.23
CA ASP B 996 28.45 52.48 5.39
C ASP B 996 27.69 51.59 6.37
N GLY B 997 27.10 50.51 5.87
CA GLY B 997 26.33 49.63 6.71
C GLY B 997 25.48 48.70 5.87
N LEU B 998 24.58 47.99 6.55
CA LEU B 998 23.69 47.06 5.87
C LEU B 998 22.30 47.68 5.72
N PHE B 999 21.36 46.88 5.24
CA PHE B 999 19.96 47.26 5.14
C PHE B 999 19.14 45.98 5.23
N LEU B 1000 18.24 45.91 6.20
CA LEU B 1000 17.34 44.78 6.35
C LEU B 1000 15.98 45.19 5.81
N ILE B 1001 15.57 44.58 4.69
CA ILE B 1001 14.32 44.92 4.04
C ILE B 1001 13.17 44.40 4.90
N VAL B 1002 12.48 45.31 5.59
CA VAL B 1002 11.37 44.90 6.45
C VAL B 1002 10.10 44.73 5.62
N SER B 1003 9.84 45.65 4.70
CA SER B 1003 8.67 45.55 3.84
C SER B 1003 8.94 46.32 2.55
N GLY B 1004 8.46 45.78 1.43
CA GLY B 1004 8.58 46.42 0.14
C GLY B 1004 9.41 45.59 -0.82
N LEU B 1005 9.74 46.22 -1.95
CA LEU B 1005 10.56 45.61 -2.98
C LEU B 1005 11.68 46.56 -3.37
N VAL B 1006 12.86 46.02 -3.65
CA VAL B 1006 14.00 46.81 -4.10
C VAL B 1006 14.57 46.19 -5.36
N LYS B 1007 15.02 47.05 -6.27
CA LYS B 1007 15.62 46.64 -7.54
C LYS B 1007 17.09 47.00 -7.52
N LEU B 1008 17.94 45.98 -7.74
CA LEU B 1008 19.39 46.14 -7.73
C LEU B 1008 19.91 46.11 -9.15
N TYR B 1009 20.68 47.13 -9.53
CA TYR B 1009 21.28 47.25 -10.84
C TYR B 1009 22.77 47.48 -10.67
N GLY B 1010 23.57 46.65 -11.34
CA GLY B 1010 25.01 46.76 -11.19
C GLY B 1010 25.75 46.10 -12.33
N LYS B 1011 27.03 46.46 -12.45
CA LYS B 1011 27.88 45.93 -13.50
C LYS B 1011 28.77 44.83 -12.95
N SER B 1012 28.90 43.76 -13.72
CA SER B 1012 29.70 42.61 -13.32
C SER B 1012 30.98 42.51 -14.14
N GLU B 1030 27.76 41.77 -19.49
CA GLU B 1030 26.97 41.25 -18.38
C GLU B 1030 26.73 42.31 -17.33
N VAL B 1031 25.61 43.00 -17.43
CA VAL B 1031 25.15 43.95 -16.42
C VAL B 1031 23.97 43.30 -15.70
N PHE B 1032 24.23 42.78 -14.50
CA PHE B 1032 23.24 41.98 -13.80
C PHE B 1032 22.21 42.87 -13.11
N GLU B 1033 20.98 42.35 -13.02
CA GLU B 1033 19.90 43.01 -12.31
C GLU B 1033 19.18 41.99 -11.45
N ASP B 1034 18.58 42.46 -10.37
CA ASP B 1034 17.90 41.55 -9.45
C ASP B 1034 16.83 42.31 -8.69
N TYR B 1035 15.95 41.55 -8.02
CA TYR B 1035 14.90 42.11 -7.17
C TYR B 1035 14.94 41.41 -5.82
N LEU B 1036 14.87 42.20 -4.75
CA LEU B 1036 14.92 41.67 -3.40
C LEU B 1036 13.72 42.15 -2.60
N THR B 1037 13.38 41.40 -1.55
CA THR B 1037 12.13 41.57 -0.84
C THR B 1037 12.40 41.43 0.66
N VAL B 1038 11.32 41.22 1.43
CA VAL B 1038 11.43 41.13 2.88
C VAL B 1038 12.40 40.03 3.29
N GLY B 1039 13.24 40.34 4.27
CA GLY B 1039 14.14 39.38 4.86
C GLY B 1039 15.49 39.26 4.20
N ASN B 1040 15.86 40.20 3.33
CA ASN B 1040 17.14 40.17 2.65
C ASN B 1040 18.02 41.32 3.16
N VAL B 1041 19.31 41.04 3.28
CA VAL B 1041 20.29 42.01 3.78
C VAL B 1041 21.32 42.26 2.68
N ILE B 1042 21.55 43.53 2.37
CA ILE B 1042 22.59 43.85 1.40
C ILE B 1042 23.55 44.91 1.95
N GLY B 1043 24.55 44.47 2.72
CA GLY B 1043 25.72 45.28 3.00
C GLY B 1043 26.94 44.44 3.31
N GLU B 1044 26.80 43.12 3.20
CA GLU B 1044 27.73 42.22 3.85
C GLU B 1044 29.12 42.27 3.22
N MET B 1045 29.19 42.18 1.90
CA MET B 1045 30.49 42.17 1.22
C MET B 1045 31.27 43.43 1.54
N GLY B 1046 30.64 44.59 1.39
CA GLY B 1046 31.32 45.84 1.64
C GLY B 1046 31.69 46.02 3.10
N VAL B 1047 30.76 45.72 4.01
CA VAL B 1047 31.04 45.90 5.43
C VAL B 1047 32.11 44.93 5.93
N LEU B 1048 32.32 43.81 5.22
CA LEU B 1048 33.31 42.84 5.65
C LEU B 1048 34.69 43.10 5.05
N THR B 1049 34.76 43.50 3.78
CA THR B 1049 36.05 43.64 3.11
C THR B 1049 36.40 45.08 2.74
N LYS B 1050 35.68 46.07 3.27
CA LYS B 1050 36.04 47.48 3.11
C LYS B 1050 36.19 47.88 1.65
N LYS B 1051 35.25 47.43 0.81
CA LYS B 1051 35.29 47.75 -0.61
C LYS B 1051 34.08 48.59 -1.01
N PRO B 1052 34.21 49.44 -2.03
CA PRO B 1052 33.07 50.26 -2.45
C PRO B 1052 31.93 49.42 -3.00
N ARG B 1053 30.73 49.95 -2.85
CA ARG B 1053 29.53 49.25 -3.29
C ARG B 1053 29.55 49.07 -4.80
N ASN B 1054 28.95 47.97 -5.27
CA ASN B 1054 29.01 47.58 -6.67
C ASN B 1054 27.64 47.46 -7.32
N ALA B 1055 26.56 47.86 -6.64
CA ALA B 1055 25.23 47.70 -7.18
C ALA B 1055 24.32 48.78 -6.60
N THR B 1056 23.86 49.69 -7.45
CA THR B 1056 22.90 50.70 -7.02
C THR B 1056 21.54 50.06 -6.81
N VAL B 1057 20.92 50.34 -5.67
CA VAL B 1057 19.62 49.79 -5.32
C VAL B 1057 18.60 50.92 -5.26
N THR B 1058 17.48 50.74 -5.96
CA THR B 1058 16.36 51.64 -5.91
C THR B 1058 15.16 50.91 -5.35
N CYS B 1059 14.10 51.67 -5.06
CA CYS B 1059 12.91 51.12 -4.40
C CYS B 1059 11.76 51.03 -5.37
N GLU B 1060 11.11 49.85 -5.41
CA GLU B 1060 9.96 49.64 -6.28
C GLU B 1060 8.66 50.09 -5.64
N THR B 1061 8.57 50.03 -4.31
CA THR B 1061 7.42 50.54 -3.57
C THR B 1061 7.96 51.30 -2.36
N THR B 1062 7.05 51.76 -1.50
CA THR B 1062 7.46 52.32 -0.22
C THR B 1062 8.10 51.23 0.64
N VAL B 1063 9.29 51.50 1.16
CA VAL B 1063 10.09 50.47 1.80
C VAL B 1063 10.61 50.96 3.14
N GLN B 1064 10.51 50.12 4.16
CA GLN B 1064 11.08 50.38 5.47
C GLN B 1064 12.28 49.45 5.68
N VAL B 1065 13.40 50.03 6.07
CA VAL B 1065 14.66 49.29 6.18
C VAL B 1065 15.29 49.54 7.54
N TYR B 1066 16.20 48.63 7.91
CA TYR B 1066 16.95 48.72 9.15
C TYR B 1066 18.40 49.03 8.82
N PHE B 1067 18.89 50.17 9.32
CA PHE B 1067 20.25 50.63 9.05
C PHE B 1067 21.11 50.40 10.28
N ILE B 1068 22.18 49.64 10.10
CA ILE B 1068 23.16 49.37 11.17
C ILE B 1068 24.49 49.91 10.71
N THR B 1069 25.08 50.79 11.53
CA THR B 1069 26.27 51.50 11.12
C THR B 1069 27.49 50.58 11.05
N ALA B 1070 28.39 50.89 10.11
CA ALA B 1070 29.61 50.09 9.95
C ALA B 1070 30.49 50.18 11.19
N GLU B 1071 30.59 51.36 11.79
CA GLU B 1071 31.35 51.48 13.04
C GLU B 1071 30.74 50.65 14.15
N ASP B 1072 29.41 50.64 14.24
CA ASP B 1072 28.73 49.81 15.24
C ASP B 1072 29.03 48.34 15.00
N MET B 1073 28.99 47.90 13.75
CA MET B 1073 29.31 46.50 13.45
C MET B 1073 30.76 46.18 13.79
N ASN B 1074 31.68 47.10 13.50
CA ASN B 1074 33.08 46.87 13.86
C ASN B 1074 33.23 46.73 15.37
N ILE B 1075 32.54 47.59 16.13
CA ILE B 1075 32.58 47.49 17.58
C ILE B 1075 32.02 46.14 18.04
N ALA B 1076 30.92 45.69 17.43
CA ALA B 1076 30.31 44.43 17.82
C ALA B 1076 31.23 43.25 17.53
N ILE B 1077 31.84 43.22 16.34
CA ILE B 1077 32.69 42.10 15.98
C ILE B 1077 33.97 42.12 16.82
N ASP B 1078 34.42 43.30 17.25
CA ASP B 1078 35.55 43.35 18.18
C ASP B 1078 35.14 42.85 19.56
N THR B 1079 33.90 43.13 19.96
CA THR B 1079 33.46 42.75 21.30
C THR B 1079 33.24 41.25 21.41
N PHE B 1080 32.57 40.65 20.44
CA PHE B 1080 32.20 39.24 20.48
C PHE B 1080 33.26 38.42 19.75
N THR B 1081 34.05 37.66 20.50
CA THR B 1081 35.15 36.85 19.96
C THR B 1081 35.12 35.45 20.56
N LEU B 1082 33.94 34.84 20.59
CA LEU B 1082 33.79 33.47 21.08
C LEU B 1082 34.13 32.50 19.95
N TYR B 1083 33.92 31.20 20.20
CA TYR B 1083 34.19 30.20 19.17
C TYR B 1083 33.30 30.39 17.94
N PRO B 1084 31.96 30.49 18.06
CA PRO B 1084 31.18 30.89 16.88
C PRO B 1084 31.02 32.40 16.80
N SER B 1085 32.13 33.07 16.49
CA SER B 1085 32.16 34.53 16.52
C SER B 1085 31.28 35.13 15.42
N LEU B 1086 30.94 36.41 15.62
CA LEU B 1086 30.12 37.11 14.63
C LEU B 1086 30.84 37.19 13.29
N GLU B 1087 32.25 37.41 13.48
CA GLU B 1087 33.13 37.47 12.28
C GLU B 1087 33.01 36.15 11.52
N TYR B 1088 33.10 35.03 12.34
CA TYR B 1088 33.01 33.68 11.75
C TYR B 1088 31.67 33.52 11.01
N ARG B 1089 30.58 33.80 11.63
CA ARG B 1089 29.25 33.53 11.08
C ARG B 1089 29.01 34.33 9.80
N LEU B 1090 29.37 35.61 9.81
CA LEU B 1090 29.19 36.45 8.63
C LEU B 1090 30.00 35.91 7.45
N TRP B 1091 31.26 35.54 7.71
CA TRP B 1091 32.10 35.01 6.64
C TRP B 1091 31.60 33.67 6.15
N ARG B 1092 31.05 32.84 7.03
CA ARG B 1092 30.48 31.57 6.59
C ARG B 1092 29.30 31.80 5.67
N VAL B 1093 28.42 32.74 6.03
CA VAL B 1093 27.26 33.02 5.18
C VAL B 1093 27.71 33.54 3.82
N VAL B 1094 28.66 34.49 3.82
CA VAL B 1094 29.14 35.06 2.56
C VAL B 1094 29.83 33.98 1.72
N ALA B 1095 30.61 33.11 2.36
CA ALA B 1095 31.31 32.07 1.64
C ALA B 1095 30.35 31.07 1.01
N ILE B 1096 29.31 30.68 1.75
CA ILE B 1096 28.31 29.77 1.18
C ILE B 1096 27.64 30.43 -0.02
N ARG B 1097 27.25 31.70 0.12
CA ARG B 1097 26.59 32.39 -0.99
C ARG B 1097 27.49 32.49 -2.20
N ILE B 1098 28.79 32.75 -1.99
CA ILE B 1098 29.71 32.89 -3.11
C ILE B 1098 29.97 31.54 -3.76
N ALA B 1099 30.16 30.50 -2.96
CA ALA B 1099 30.56 29.19 -3.49
C ALA B 1099 29.40 28.36 -4.01
N THR B 1100 28.16 28.75 -3.75
CA THR B 1100 27.03 27.98 -4.28
C THR B 1100 27.04 27.89 -5.81
N PRO B 1101 27.21 28.98 -6.58
CA PRO B 1101 27.18 28.84 -8.04
C PRO B 1101 28.39 28.12 -8.62
N LEU B 1102 29.53 28.12 -7.92
CA LEU B 1102 30.74 27.55 -8.51
C LEU B 1102 30.63 26.05 -8.70
N ILE B 1103 29.94 25.37 -7.78
CA ILE B 1103 29.83 23.91 -7.85
C ILE B 1103 29.06 23.47 -9.10
N MET B 1104 28.13 24.32 -9.54
CA MET B 1104 27.30 23.99 -10.73
C MET B 1104 28.24 23.68 -11.90
N GLU B 1105 29.34 24.43 -12.01
CA GLU B 1105 30.33 24.16 -13.08
C GLU B 1105 30.78 22.70 -12.94
N GLN B 1106 31.39 22.34 -11.80
CA GLN B 1106 31.88 20.98 -11.62
C GLN B 1106 30.78 19.97 -11.89
N MET B 1107 29.52 20.35 -11.68
CA MET B 1107 28.40 19.47 -12.01
C MET B 1107 28.33 19.31 -13.52
N ALA B 1108 28.67 18.13 -14.01
CA ALA B 1108 28.67 17.84 -15.44
C ALA B 1108 27.51 16.89 -15.74
N PHE B 1109 26.33 17.47 -15.97
CA PHE B 1109 25.10 16.73 -16.26
C PHE B 1109 24.75 15.74 -15.15
N GLN B 1110 25.26 15.97 -13.94
CA GLN B 1110 24.99 15.06 -12.83
C GLN B 1110 23.65 15.32 -12.16
N GLY B 1111 23.03 16.48 -12.41
CA GLY B 1111 21.71 16.77 -11.86
C GLY B 1111 21.69 16.86 -10.35
N TRP B 1112 22.33 17.90 -9.80
CA TRP B 1112 22.34 18.12 -8.36
C TRP B 1112 21.18 18.99 -7.87
N THR B 1113 20.32 19.45 -8.79
CA THR B 1113 19.06 20.12 -8.47
C THR B 1113 19.24 21.44 -7.73
N GLN B 1114 20.50 21.88 -7.59
CA GLN B 1114 20.80 23.20 -6.95
C GLN B 1114 20.50 23.17 -5.44
N GLU B 1115 19.79 22.15 -4.97
CA GLU B 1115 19.45 22.04 -3.55
C GLU B 1115 20.34 21.04 -2.81
N LYS B 1116 20.61 19.89 -3.44
CA LYS B 1116 21.51 18.92 -2.82
C LYS B 1116 22.89 19.52 -2.61
N VAL B 1117 23.34 20.35 -3.56
CA VAL B 1117 24.63 21.01 -3.40
C VAL B 1117 24.61 21.96 -2.20
N LYS B 1118 23.51 22.70 -2.07
CA LYS B 1118 23.39 23.66 -0.94
C LYS B 1118 23.51 22.89 0.37
N LEU B 1119 22.71 21.83 0.50
CA LEU B 1119 22.76 20.98 1.73
C LEU B 1119 24.20 20.50 1.93
N HIS B 1120 24.78 19.82 0.94
CA HIS B 1120 26.12 19.28 1.11
C HIS B 1120 27.11 20.36 1.55
N LEU B 1121 26.99 21.56 0.99
CA LEU B 1121 27.88 22.65 1.36
C LEU B 1121 27.62 23.13 2.78
N GLU B 1122 26.36 23.06 3.22
CA GLU B 1122 25.99 23.52 4.58
C GLU B 1122 26.71 22.65 5.61
N ARG B 1123 27.00 21.39 5.25
CA ARG B 1123 27.67 20.45 6.20
C ARG B 1123 29.07 20.99 6.52
N GLY B 1124 29.75 21.58 5.53
CA GLY B 1124 31.12 22.07 5.74
C GLY B 1124 31.19 23.25 6.69
N TYR B 1125 32.37 23.53 7.23
CA TYR B 1125 32.54 24.65 8.20
C TYR B 1125 33.76 25.50 7.83
N LEU B 1126 33.88 26.70 8.40
CA LEU B 1126 35.01 27.56 8.12
C LEU B 1126 36.09 27.30 9.16
N VAL B 1127 37.23 26.79 8.72
CA VAL B 1127 38.31 26.44 9.63
C VAL B 1127 39.05 27.70 10.04
N ASP B 1128 39.66 27.66 11.23
CA ASP B 1128 40.41 28.81 11.72
C ASP B 1128 41.86 28.70 11.32
N LEU B 1129 42.36 29.69 10.59
CA LEU B 1129 43.76 29.72 10.17
C LEU B 1129 44.62 30.29 11.30
N ALA B 1130 44.74 29.48 12.36
CA ALA B 1130 45.51 29.91 13.52
C ALA B 1130 46.97 30.11 13.19
N GLU B 1131 47.55 29.24 12.38
CA GLU B 1131 48.95 29.31 12.01
C GLU B 1131 49.08 29.29 10.49
N SER B 1132 50.10 30.01 10.00
CA SER B 1132 50.36 30.11 8.57
C SER B 1132 51.55 29.30 8.11
N HIS B 1133 52.52 29.02 9.00
CA HIS B 1133 53.68 28.25 8.62
C HIS B 1133 53.34 26.79 8.33
N PHE B 1134 52.19 26.32 8.79
CA PHE B 1134 51.77 24.95 8.51
C PHE B 1134 51.38 24.80 7.04
N GLN B 1135 51.14 23.55 6.64
CA GLN B 1135 50.69 23.22 5.30
C GLN B 1135 49.43 22.37 5.41
N PHE B 1136 48.35 22.84 4.80
CA PHE B 1136 47.08 22.12 4.85
C PHE B 1136 47.15 20.90 3.95
N ASN B 1137 46.85 19.73 4.50
CA ASN B 1137 46.81 18.50 3.71
C ASN B 1137 45.39 18.21 3.27
N ILE B 1138 45.27 17.38 2.23
CA ILE B 1138 43.97 16.94 1.71
C ILE B 1138 43.90 15.42 1.83
N ASP B 1139 42.69 14.92 2.03
CA ASP B 1139 42.45 13.48 2.15
C ASP B 1139 40.99 13.20 1.82
N ALA B 1140 40.60 11.94 2.00
CA ALA B 1140 39.25 11.52 1.63
C ALA B 1140 38.18 12.14 2.51
N THR B 1141 38.50 12.43 3.79
CA THR B 1141 37.48 12.95 4.70
C THR B 1141 37.01 14.34 4.29
N LEU B 1142 37.93 15.20 3.86
CA LEU B 1142 37.60 16.59 3.55
C LEU B 1142 37.17 16.81 2.11
N GLU B 1143 37.24 15.78 1.26
CA GLU B 1143 36.75 15.85 -0.11
C GLU B 1143 37.28 17.08 -0.86
N ASP B 1144 36.47 18.12 -0.95
CA ASP B 1144 36.79 19.34 -1.68
C ASP B 1144 36.81 20.53 -0.74
N VAL B 1145 37.69 21.49 -1.03
CA VAL B 1145 37.84 22.70 -0.24
C VAL B 1145 37.82 23.90 -1.18
N ILE B 1146 37.38 25.04 -0.66
CA ILE B 1146 37.29 26.27 -1.43
C ILE B 1146 37.89 27.40 -0.61
N LEU B 1147 38.61 28.29 -1.29
CA LEU B 1147 39.21 29.48 -0.68
C LEU B 1147 38.39 30.70 -1.09
N ILE B 1148 38.13 31.60 -0.14
CA ILE B 1148 37.27 32.74 -0.35
C ILE B 1148 38.02 34.07 -0.20
N ASN B 1149 38.91 34.17 0.79
CA ASN B 1149 39.61 35.40 1.09
C ASN B 1149 41.11 35.14 1.20
N GLY B 1150 41.90 36.08 0.67
CA GLY B 1150 43.33 36.00 0.73
C GLY B 1150 43.98 35.58 -0.57
N THR B 1151 45.04 34.78 -0.49
CA THR B 1151 45.69 34.23 -1.67
C THR B 1151 46.40 32.95 -1.26
N ALA B 1152 46.72 32.12 -2.25
CA ALA B 1152 47.31 30.82 -1.98
C ALA B 1152 48.39 30.51 -3.01
N TYR B 1153 49.24 29.55 -2.66
CA TYR B 1153 50.29 29.07 -3.55
C TYR B 1153 50.31 27.55 -3.55
N ASN B 1154 50.50 26.97 -4.73
CA ASN B 1154 50.57 25.53 -4.85
C ASN B 1154 51.82 24.98 -4.19
N ALA B 1155 51.72 23.77 -3.65
CA ALA B 1155 52.84 23.10 -3.03
C ALA B 1155 53.64 22.25 -4.02
N HIS B 1156 53.29 22.30 -5.30
CA HIS B 1156 53.96 21.51 -6.34
C HIS B 1156 54.78 22.37 -7.30
N THR B 1157 54.17 23.40 -7.90
CA THR B 1157 54.84 24.21 -8.91
C THR B 1157 54.79 25.69 -8.58
N ARG B 1158 54.54 26.06 -7.32
CA ARG B 1158 54.50 27.46 -6.89
C ARG B 1158 53.51 28.27 -7.72
N GLU B 1159 52.33 27.72 -7.95
CA GLU B 1159 51.29 28.40 -8.71
C GLU B 1159 50.50 29.32 -7.78
N GLU B 1160 50.59 30.63 -8.00
CA GLU B 1160 49.86 31.58 -7.20
C GLU B 1160 48.41 31.67 -7.67
N ILE B 1161 47.49 31.73 -6.72
CA ILE B 1161 46.06 31.78 -7.00
C ILE B 1161 45.41 32.81 -6.09
N ARG B 1162 44.48 33.58 -6.66
CA ARG B 1162 43.78 34.62 -5.93
C ARG B 1162 42.67 33.98 -5.08
N SER B 1163 41.89 34.82 -4.40
CA SER B 1163 40.88 34.34 -3.47
C SER B 1163 39.62 33.82 -4.15
N PRO B 1164 38.97 34.58 -5.07
CA PRO B 1164 37.65 34.14 -5.53
C PRO B 1164 37.71 33.19 -6.72
N CYS B 1165 38.23 31.99 -6.51
CA CYS B 1165 38.31 31.01 -7.58
C CYS B 1165 38.42 29.62 -7.00
N LEU B 1166 38.07 28.63 -7.81
CA LEU B 1166 38.20 27.23 -7.43
C LEU B 1166 39.64 26.78 -7.64
N ILE B 1167 40.04 25.67 -7.02
CA ILE B 1167 41.41 25.19 -7.10
C ILE B 1167 41.47 23.83 -7.78
N SER B 1168 40.31 23.34 -8.23
CA SER B 1168 40.20 22.01 -8.85
C SER B 1168 40.72 20.99 -7.84
N ARG B 1169 41.37 19.92 -8.31
CA ARG B 1169 41.94 18.92 -7.43
C ARG B 1169 43.44 18.73 -7.63
N THR B 1170 44.01 19.28 -8.71
CA THR B 1170 45.40 19.02 -9.05
C THR B 1170 46.37 19.44 -7.95
N VAL B 1171 45.88 20.10 -6.90
CA VAL B 1171 46.73 20.43 -5.76
C VAL B 1171 46.55 19.38 -4.67
N HIS B 1172 47.63 19.13 -3.93
CA HIS B 1172 47.61 18.19 -2.81
C HIS B 1172 47.85 18.85 -1.46
N LYS B 1173 48.68 19.89 -1.41
CA LYS B 1173 48.93 20.60 -0.17
C LYS B 1173 48.78 22.09 -0.41
N LEU B 1174 48.29 22.79 0.61
CA LEU B 1174 48.05 24.23 0.53
C LEU B 1174 49.03 24.93 1.47
N THR B 1175 49.78 25.88 0.91
CA THR B 1175 50.79 26.62 1.65
C THR B 1175 50.26 28.01 1.97
N PHE B 1176 50.06 28.30 3.25
CA PHE B 1176 49.64 29.62 3.68
C PHE B 1176 50.84 30.58 3.66
N GLN B 1177 50.56 31.85 3.94
CA GLN B 1177 51.60 32.87 3.94
C GLN B 1177 51.12 34.04 4.78
N TYR B 1178 52.09 34.84 5.24
CA TYR B 1178 51.78 36.05 5.99
C TYR B 1178 51.47 37.19 5.03
N THR B 1179 50.24 37.69 5.07
CA THR B 1179 49.81 38.78 4.21
C THR B 1179 48.89 39.69 5.02
N ALA B 1180 49.36 40.90 5.32
CA ALA B 1180 48.56 41.86 6.07
C ALA B 1180 47.53 42.57 5.21
N THR B 1181 47.64 42.48 3.89
CA THR B 1181 46.67 43.16 3.02
C THR B 1181 45.29 42.55 3.17
N GLU B 1182 45.19 41.23 3.23
CA GLU B 1182 43.91 40.55 3.37
C GLU B 1182 44.07 39.36 4.30
N GLU B 1183 43.00 39.06 5.04
CA GLU B 1183 42.98 37.90 5.92
C GLU B 1183 42.59 36.65 5.14
N PRO B 1184 43.39 35.58 5.19
CA PRO B 1184 43.05 34.38 4.43
C PRO B 1184 41.99 33.54 5.16
N ARG B 1185 40.94 33.18 4.44
CA ARG B 1185 39.83 32.44 5.01
C ARG B 1185 39.66 31.12 4.27
N LEU B 1186 39.50 30.03 5.03
CA LEU B 1186 39.38 28.69 4.47
C LEU B 1186 38.10 28.05 4.97
N PHE B 1187 37.31 27.49 4.06
CA PHE B 1187 36.05 26.82 4.39
C PHE B 1187 36.10 25.43 3.79
N VAL B 1188 35.93 24.41 4.62
CA VAL B 1188 36.04 23.02 4.20
C VAL B 1188 34.69 22.33 4.41
N VAL B 1189 34.57 21.14 3.83
CA VAL B 1189 33.41 20.28 4.02
C VAL B 1189 33.91 18.86 4.29
N ARG B 1190 33.37 18.22 5.31
CA ARG B 1190 33.80 16.88 5.66
C ARG B 1190 32.60 15.93 5.80
C1 CPL C . -26.85 -37.83 21.86
C2 CPL C . -25.74 -38.81 21.43
C3 CPL C . -25.50 -38.67 19.93
C4 CPL C . -30.09 -38.40 24.69
C5 CPL C . -31.46 -38.97 25.13
C6 CPL C . -32.59 -40.67 26.42
C7 CPL C . -30.53 -39.71 27.24
C8 CPL C . -30.50 -41.20 25.33
C11 CPL C . -27.21 -39.34 18.40
C12 CPL C . -26.92 -38.78 16.99
C13 CPL C . -28.18 -38.05 16.47
C14 CPL C . -27.83 -36.57 16.12
C15 CPL C . -27.35 -36.49 14.65
C16 CPL C . -28.56 -36.15 13.74
C17 CPL C . -28.65 -37.20 12.60
C31 CPL C . -24.46 -39.14 23.40
C32 CPL C . -23.20 -38.88 24.28
C33 CPL C . -22.72 -37.42 24.07
C34 CPL C . -21.29 -37.25 24.66
C35 CPL C . -20.33 -36.77 23.52
C36 CPL C . -20.38 -37.78 22.34
C37 CPL C . -20.72 -37.03 21.02
C38 CPL C . -19.80 -35.78 20.88
C39 CPL C . -18.42 -36.24 20.37
C40 CPL C . -17.40 -35.59 20.96
C41 CPL C . -16.82 -34.56 21.96
C42 CPL C . -16.93 -33.15 21.33
C43 CPL C . -15.91 -32.64 20.65
C44 CPL C . -14.60 -33.45 20.48
C45 CPL C . -13.43 -32.69 21.14
C46 CPL C . -13.30 -31.28 20.50
C47 CPL C . -12.95 -31.43 19.00
C48 CPL C . -11.55 -32.07 18.86
N CPL C . -31.27 -40.14 26.02
O2 CPL C . -24.56 -38.52 22.13
O3 CPL C . -26.14 -39.74 19.24
O11 CPL C . -28.33 -39.42 18.79
O31 CPL C . -25.31 -39.86 23.80
O1P CPL C . -28.11 -39.97 23.39
O2P CPL C . -29.80 -40.23 21.61
O3P CPL C . -28.11 -38.29 21.41
O4P CPL C . -30.07 -38.27 23.28
P CPL C . -29.02 -39.24 22.43
C1 PLM D . -33.76 -10.47 9.52
O1 PLM D . -34.94 -10.29 9.10
O2 PLM D . -33.21 -9.99 10.56
C2 PLM D . -32.89 -11.43 8.65
C3 PLM D . -31.41 -11.48 8.98
C4 PLM D . -30.52 -10.56 8.11
C5 PLM D . -30.71 -9.06 8.41
C6 PLM D . -30.33 -8.66 9.84
C7 PLM D . -28.92 -8.06 9.99
C8 PLM D . -27.80 -9.11 10.08
C9 PLM D . -27.10 -9.39 8.74
CA PLM D . -26.94 -8.15 7.85
CB PLM D . -25.50 -7.62 7.80
CC PLM D . -24.98 -7.06 9.12
CD PLM D . -23.90 -7.93 9.78
CE PLM D . -22.69 -8.18 8.87
CF PLM D . -21.71 -9.25 9.43
CG PLM D . -21.25 -8.94 10.86
C1 CPL E . -47.45 14.24 -13.14
C2 CPL E . -47.04 15.71 -12.90
C3 CPL E . -46.45 15.84 -11.49
C4 CPL E . -50.95 12.67 -15.17
C5 CPL E . -52.46 12.33 -15.28
C6 CPL E . -54.60 13.00 -16.20
C7 CPL E . -52.58 13.32 -17.49
C8 CPL E . -52.99 14.68 -15.54
C11 CPL E . -47.87 15.51 -9.60
C12 CPL E . -47.02 15.31 -8.32
C13 CPL E . -47.50 14.03 -7.59
C14 CPL E . -46.31 13.05 -7.43
C15 CPL E . -45.57 13.35 -6.10
C16 CPL E . -46.15 12.45 -4.97
C17 CPL E . -46.58 13.34 -3.77
C31 CPL E . -46.61 16.58 -15.07
C32 CPL E . -45.66 17.01 -16.21
C33 CPL E . -44.40 16.10 -16.20
C34 CPL E . -43.28 16.74 -17.08
C35 CPL E . -42.02 16.97 -16.21
C36 CPL E . -42.38 17.85 -14.99
C37 CPL E . -41.95 17.13 -13.67
C38 CPL E . -40.48 16.64 -13.82
C39 CPL E . -39.53 17.84 -13.58
C40 CPL E . -38.48 17.85 -14.41
C41 CPL E . -37.64 17.26 -15.57
C42 CPL E . -36.79 16.09 -15.02
C43 CPL E . -35.55 16.31 -14.62
C44 CPL E . -34.94 17.73 -14.68
C45 CPL E . -33.70 17.71 -15.61
C46 CPL E . -32.67 16.69 -15.10
C47 CPL E . -32.16 17.12 -13.71
C48 CPL E . -31.38 18.43 -13.83
N CPL E . -53.15 13.34 -16.13
O2 CPL E . -46.08 16.09 -13.84
O3 CPL E . -47.42 16.39 -10.62
O11 CPL E . -48.89 14.92 -9.73
O31 CPL E . -47.79 16.65 -15.22
O1P CPL E . -49.99 15.17 -14.22
O2P CPL E . -51.11 14.55 -12.12
O3P CPL E . -48.62 13.94 -12.40
O4P CPL E . -50.56 12.67 -13.82
P CPL E . -50.09 14.12 -13.14
C1 PLM F . -34.77 -11.26 -1.44
O1 PLM F . -35.51 -12.05 -0.79
O2 PLM F . -34.27 -11.42 -2.60
C2 PLM F . -34.43 -9.92 -0.70
C3 PLM F . -33.35 -9.05 -1.34
C4 PLM F . -31.95 -9.25 -0.75
C5 PLM F . -31.31 -10.60 -1.09
C6 PLM F . -31.08 -10.82 -2.59
C7 PLM F . -29.65 -10.51 -3.07
C8 PLM F . -29.37 -9.02 -3.33
C9 PLM F . -28.70 -8.30 -2.15
CA PLM F . -27.67 -9.16 -1.40
CB PLM F . -26.20 -8.77 -1.68
CC PLM F . -25.76 -9.03 -3.13
CD PLM F . -25.54 -7.74 -3.93
CE PLM F . -24.53 -6.79 -3.30
CF PLM F . -24.48 -5.41 -3.96
CG PLM F . -24.23 -5.49 -5.48
#